data_3RCL
# 
_entry.id   3RCL 
# 
_audit_conform.dict_name       mmcif_pdbx.dic 
_audit_conform.dict_version    5.379 
_audit_conform.dict_location   http://mmcif.pdb.org/dictionaries/ascii/mmcif_pdbx.dic 
# 
loop_
_database_2.database_id 
_database_2.database_code 
_database_2.pdbx_database_accession 
_database_2.pdbx_DOI 
PDB   3RCL         pdb_00003rcl 10.2210/pdb3rcl/pdb 
RCSB  RCSB064765   ?            ?                   
WWPDB D_1000064765 ?            ?                   
# 
loop_
_pdbx_database_related.db_name 
_pdbx_database_related.db_id 
_pdbx_database_related.details 
_pdbx_database_related.content_type 
PDB 3R49 . unspecified 
PDB 3R4G . unspecified 
PDB 3R54 . unspecified 
PDB 3R56 . unspecified 
PDB 3R57 . unspecified 
PDB 3R59 . unspecified 
PDB 3RCF . unspecified 
PDB 3RCG . unspecified 
PDB 3RCI . unspecified 
PDB 3RCK . unspecified 
PDB 3RD9 . unspecified 
PDB 3RDA . unspecified 
PDB 3RDB . unspecified 
PDB 3RDC . unspecified 
PDB 3RDD . unspecified 
# 
_pdbx_database_status.status_code                     REL 
_pdbx_database_status.entry_id                        3RCL 
_pdbx_database_status.recvd_initial_deposition_date   2011-03-31 
_pdbx_database_status.deposit_site                    RCSB 
_pdbx_database_status.process_site                    RCSB 
_pdbx_database_status.status_code_sf                  REL 
_pdbx_database_status.status_code_mr                  ? 
_pdbx_database_status.SG_entry                        ? 
_pdbx_database_status.status_code_cs                  ? 
_pdbx_database_status.pdb_format_compatible           Y 
_pdbx_database_status.status_code_nmr_data            ? 
_pdbx_database_status.methods_development_category    ? 
# 
loop_
_audit_author.name 
_audit_author.pdbx_ordinal 
'Colliandre, L.'     1 
'Ahmed-Belkacem, H.' 2 
'Bessin, Y.'         3 
'Pawlotsky, J.M.'    4 
'Guichou, J.F.'      5 
# 
_citation.id                        primary 
_citation.title                     
'Fragment-based discovery of a new family of non-peptidic small-molecule cyclophilin inhibitors with potent antiviral activities.' 
_citation.journal_abbrev            'Nat Commun' 
_citation.journal_volume            7 
_citation.page_first                12777 
_citation.page_last                 12777 
_citation.year                      2016 
_citation.journal_id_ASTM           ? 
_citation.country                   UK 
_citation.journal_id_ISSN           2041-1723 
_citation.journal_id_CSD            ? 
_citation.book_publisher            ? 
_citation.pdbx_database_id_PubMed   27652979 
_citation.pdbx_database_id_DOI      10.1038/ncomms12777 
# 
loop_
_citation_author.citation_id 
_citation_author.name 
_citation_author.ordinal 
_citation_author.identifier_ORCID 
primary 'Ahmed-Belkacem, A.' 1  ? 
primary 'Colliandre, L.'     2  ? 
primary 'Ahnou, N.'          3  ? 
primary 'Nevers, Q.'         4  ? 
primary 'Gelin, M.'          5  ? 
primary 'Bessin, Y.'         6  ? 
primary 'Brillet, R.'        7  ? 
primary 'Cala, O.'           8  ? 
primary 'Douguet, D.'        9  ? 
primary 'Bourguet, W.'       10 ? 
primary 'Krimm, I.'          11 ? 
primary 'Pawlotsky, J.M.'    12 ? 
primary 'Guichou, J.F.'      13 ? 
# 
_cell.entry_id           3RCL 
_cell.length_a           57.055 
_cell.length_b           57.055 
_cell.length_c           87.459 
_cell.angle_alpha        90.00 
_cell.angle_beta         90.00 
_cell.angle_gamma        90.00 
_cell.Z_PDB              8 
_cell.pdbx_unique_axis   ? 
_cell.length_a_esd       ? 
_cell.length_b_esd       ? 
_cell.length_c_esd       ? 
_cell.angle_alpha_esd    ? 
_cell.angle_beta_esd     ? 
_cell.angle_gamma_esd    ? 
# 
_symmetry.entry_id                         3RCL 
_symmetry.space_group_name_H-M             'P 41 21 2' 
_symmetry.pdbx_full_space_group_name_H-M   ? 
_symmetry.cell_setting                     ? 
_symmetry.Int_Tables_number                92 
_symmetry.space_group_name_Hall            ? 
# 
loop_
_entity.id 
_entity.type 
_entity.src_method 
_entity.pdbx_description 
_entity.formula_weight 
_entity.pdbx_number_of_molecules 
_entity.pdbx_ec 
_entity.pdbx_mutation 
_entity.pdbx_fragment 
_entity.details 
1 polymer     man 'Peptidyl-prolyl cis-trans isomerase F, mitochondrial' 17870.400 1   5.2.1.8 K175I 'UNP residues 43-207' ? 
2 non-polymer syn '3-(1,3-oxazol-5-yl)aniline'                           160.173   1   ?       ?     ?                     ? 
3 non-polymer syn 'O-ACETALDEHYDYL-HEXAETHYLENE GLYCOL'                  324.367   1   ?       ?     ?                     ? 
4 water       nat water                                                  18.015    356 ?       ?     ?                     ? 
# 
_entity_name_com.entity_id   1 
_entity_name_com.name        'PPIase F, Cyclophilin F, Rotamase F' 
# 
_entity_poly.entity_id                      1 
_entity_poly.type                           'polypeptide(L)' 
_entity_poly.nstd_linkage                   no 
_entity_poly.nstd_monomer                   no 
_entity_poly.pdbx_seq_one_letter_code       
;MSGNPLVYLDVDANGKPLGRVVLELKADVVPKTAENFRALCTGEKGFGYKGSTFHRVIPSFMCQAGDFTNHNGTGGKSIY
GSRFPDENFTLKHVGPGVLSMANAGPNTNGSQFFICTIKTDWLDGKHVVFGHVIEGMDVVKKIESFGSKSGRTSKKIVIT
DCGQLS
;
_entity_poly.pdbx_seq_one_letter_code_can   
;MSGNPLVYLDVDANGKPLGRVVLELKADVVPKTAENFRALCTGEKGFGYKGSTFHRVIPSFMCQAGDFTNHNGTGGKSIY
GSRFPDENFTLKHVGPGVLSMANAGPNTNGSQFFICTIKTDWLDGKHVVFGHVIEGMDVVKKIESFGSKSGRTSKKIVIT
DCGQLS
;
_entity_poly.pdbx_strand_id                 A 
_entity_poly.pdbx_target_identifier         ? 
# 
loop_
_entity_poly_seq.entity_id 
_entity_poly_seq.num 
_entity_poly_seq.mon_id 
_entity_poly_seq.hetero 
1 1   MET n 
1 2   SER n 
1 3   GLY n 
1 4   ASN n 
1 5   PRO n 
1 6   LEU n 
1 7   VAL n 
1 8   TYR n 
1 9   LEU n 
1 10  ASP n 
1 11  VAL n 
1 12  ASP n 
1 13  ALA n 
1 14  ASN n 
1 15  GLY n 
1 16  LYS n 
1 17  PRO n 
1 18  LEU n 
1 19  GLY n 
1 20  ARG n 
1 21  VAL n 
1 22  VAL n 
1 23  LEU n 
1 24  GLU n 
1 25  LEU n 
1 26  LYS n 
1 27  ALA n 
1 28  ASP n 
1 29  VAL n 
1 30  VAL n 
1 31  PRO n 
1 32  LYS n 
1 33  THR n 
1 34  ALA n 
1 35  GLU n 
1 36  ASN n 
1 37  PHE n 
1 38  ARG n 
1 39  ALA n 
1 40  LEU n 
1 41  CYS n 
1 42  THR n 
1 43  GLY n 
1 44  GLU n 
1 45  LYS n 
1 46  GLY n 
1 47  PHE n 
1 48  GLY n 
1 49  TYR n 
1 50  LYS n 
1 51  GLY n 
1 52  SER n 
1 53  THR n 
1 54  PHE n 
1 55  HIS n 
1 56  ARG n 
1 57  VAL n 
1 58  ILE n 
1 59  PRO n 
1 60  SER n 
1 61  PHE n 
1 62  MET n 
1 63  CYS n 
1 64  GLN n 
1 65  ALA n 
1 66  GLY n 
1 67  ASP n 
1 68  PHE n 
1 69  THR n 
1 70  ASN n 
1 71  HIS n 
1 72  ASN n 
1 73  GLY n 
1 74  THR n 
1 75  GLY n 
1 76  GLY n 
1 77  LYS n 
1 78  SER n 
1 79  ILE n 
1 80  TYR n 
1 81  GLY n 
1 82  SER n 
1 83  ARG n 
1 84  PHE n 
1 85  PRO n 
1 86  ASP n 
1 87  GLU n 
1 88  ASN n 
1 89  PHE n 
1 90  THR n 
1 91  LEU n 
1 92  LYS n 
1 93  HIS n 
1 94  VAL n 
1 95  GLY n 
1 96  PRO n 
1 97  GLY n 
1 98  VAL n 
1 99  LEU n 
1 100 SER n 
1 101 MET n 
1 102 ALA n 
1 103 ASN n 
1 104 ALA n 
1 105 GLY n 
1 106 PRO n 
1 107 ASN n 
1 108 THR n 
1 109 ASN n 
1 110 GLY n 
1 111 SER n 
1 112 GLN n 
1 113 PHE n 
1 114 PHE n 
1 115 ILE n 
1 116 CYS n 
1 117 THR n 
1 118 ILE n 
1 119 LYS n 
1 120 THR n 
1 121 ASP n 
1 122 TRP n 
1 123 LEU n 
1 124 ASP n 
1 125 GLY n 
1 126 LYS n 
1 127 HIS n 
1 128 VAL n 
1 129 VAL n 
1 130 PHE n 
1 131 GLY n 
1 132 HIS n 
1 133 VAL n 
1 134 ILE n 
1 135 GLU n 
1 136 GLY n 
1 137 MET n 
1 138 ASP n 
1 139 VAL n 
1 140 VAL n 
1 141 LYS n 
1 142 LYS n 
1 143 ILE n 
1 144 GLU n 
1 145 SER n 
1 146 PHE n 
1 147 GLY n 
1 148 SER n 
1 149 LYS n 
1 150 SER n 
1 151 GLY n 
1 152 ARG n 
1 153 THR n 
1 154 SER n 
1 155 LYS n 
1 156 LYS n 
1 157 ILE n 
1 158 VAL n 
1 159 ILE n 
1 160 THR n 
1 161 ASP n 
1 162 CYS n 
1 163 GLY n 
1 164 GLN n 
1 165 LEU n 
1 166 SER n 
# 
_entity_src_gen.entity_id                          1 
_entity_src_gen.pdbx_src_id                        1 
_entity_src_gen.pdbx_alt_source_flag               sample 
_entity_src_gen.pdbx_seq_type                      ? 
_entity_src_gen.pdbx_beg_seq_num                   ? 
_entity_src_gen.pdbx_end_seq_num                   ? 
_entity_src_gen.gene_src_common_name               human 
_entity_src_gen.gene_src_genus                     ? 
_entity_src_gen.pdbx_gene_src_gene                 'PPIF, CYP3' 
_entity_src_gen.gene_src_species                   ? 
_entity_src_gen.gene_src_strain                    ? 
_entity_src_gen.gene_src_tissue                    ? 
_entity_src_gen.gene_src_tissue_fraction           ? 
_entity_src_gen.gene_src_details                   ? 
_entity_src_gen.pdbx_gene_src_fragment             ? 
_entity_src_gen.pdbx_gene_src_scientific_name      'Homo sapiens' 
_entity_src_gen.pdbx_gene_src_ncbi_taxonomy_id     9606 
_entity_src_gen.pdbx_gene_src_variant              ? 
_entity_src_gen.pdbx_gene_src_cell_line            ? 
_entity_src_gen.pdbx_gene_src_atcc                 ? 
_entity_src_gen.pdbx_gene_src_organ                ? 
_entity_src_gen.pdbx_gene_src_organelle            ? 
_entity_src_gen.pdbx_gene_src_cell                 ? 
_entity_src_gen.pdbx_gene_src_cellular_location    ? 
_entity_src_gen.host_org_common_name               ? 
_entity_src_gen.pdbx_host_org_scientific_name      'Escherichia coli' 
_entity_src_gen.pdbx_host_org_ncbi_taxonomy_id     562 
_entity_src_gen.host_org_genus                     ? 
_entity_src_gen.pdbx_host_org_gene                 ? 
_entity_src_gen.pdbx_host_org_organ                ? 
_entity_src_gen.host_org_species                   ? 
_entity_src_gen.pdbx_host_org_tissue               ? 
_entity_src_gen.pdbx_host_org_tissue_fraction      ? 
_entity_src_gen.pdbx_host_org_strain               ? 
_entity_src_gen.pdbx_host_org_variant              ? 
_entity_src_gen.pdbx_host_org_cell_line            ? 
_entity_src_gen.pdbx_host_org_atcc                 ? 
_entity_src_gen.pdbx_host_org_culture_collection   ? 
_entity_src_gen.pdbx_host_org_cell                 ? 
_entity_src_gen.pdbx_host_org_organelle            ? 
_entity_src_gen.pdbx_host_org_cellular_location    ? 
_entity_src_gen.pdbx_host_org_vector_type          ? 
_entity_src_gen.pdbx_host_org_vector               ? 
_entity_src_gen.host_org_details                   ? 
_entity_src_gen.expression_system_id               ? 
_entity_src_gen.plasmid_name                       ? 
_entity_src_gen.plasmid_details                    ? 
_entity_src_gen.pdbx_description                   ? 
# 
_struct_ref.id                         1 
_struct_ref.db_name                    UNP 
_struct_ref.db_code                    PPIF_HUMAN 
_struct_ref.pdbx_db_accession          P30405 
_struct_ref.entity_id                  1 
_struct_ref.pdbx_seq_one_letter_code   
;SGNPLVYLDVDANGKPLGRVVLELKADVVPKTAENFRALCTGEKGFGYKGSTFHRVIPSFMCQAGDFTNHNGTGGKSIYG
SRFPDENFTLKHVGPGVLSMANAGPNTNGSQFFICTIKTDWLDGKHVVFGHVKEGMDVVKKIESFGSKSGRTSKKIVITD
CGQLS
;
_struct_ref.pdbx_align_begin           43 
_struct_ref.pdbx_db_isoform            ? 
# 
_struct_ref_seq.align_id                      1 
_struct_ref_seq.ref_id                        1 
_struct_ref_seq.pdbx_PDB_id_code              3RCL 
_struct_ref_seq.pdbx_strand_id                A 
_struct_ref_seq.seq_align_beg                 2 
_struct_ref_seq.pdbx_seq_align_beg_ins_code   ? 
_struct_ref_seq.seq_align_end                 166 
_struct_ref_seq.pdbx_seq_align_end_ins_code   ? 
_struct_ref_seq.pdbx_db_accession             P30405 
_struct_ref_seq.db_align_beg                  43 
_struct_ref_seq.pdbx_db_align_beg_ins_code    ? 
_struct_ref_seq.db_align_end                  207 
_struct_ref_seq.pdbx_db_align_end_ins_code    ? 
_struct_ref_seq.pdbx_auth_seq_align_beg       43 
_struct_ref_seq.pdbx_auth_seq_align_end       207 
# 
loop_
_struct_ref_seq_dif.align_id 
_struct_ref_seq_dif.pdbx_pdb_id_code 
_struct_ref_seq_dif.mon_id 
_struct_ref_seq_dif.pdbx_pdb_strand_id 
_struct_ref_seq_dif.seq_num 
_struct_ref_seq_dif.pdbx_pdb_ins_code 
_struct_ref_seq_dif.pdbx_seq_db_name 
_struct_ref_seq_dif.pdbx_seq_db_accession_code 
_struct_ref_seq_dif.db_mon_id 
_struct_ref_seq_dif.pdbx_seq_db_seq_num 
_struct_ref_seq_dif.details 
_struct_ref_seq_dif.pdbx_auth_seq_num 
_struct_ref_seq_dif.pdbx_ordinal 
1 3RCL MET A 1   ? UNP P30405 ?   ?   'initiating methionine' 42  1 
1 3RCL ILE A 134 ? UNP P30405 LYS 175 'engineered mutation'   175 2 
# 
loop_
_chem_comp.id 
_chem_comp.type 
_chem_comp.mon_nstd_flag 
_chem_comp.name 
_chem_comp.pdbx_synonyms 
_chem_comp.formula 
_chem_comp.formula_weight 
5AO non-polymer         . '3-(1,3-oxazol-5-yl)aniline'          ?                  'C9 H8 N2 O'     160.173 
ALA 'L-peptide linking' y ALANINE                               ?                  'C3 H7 N O2'     89.093  
ARG 'L-peptide linking' y ARGININE                              ?                  'C6 H15 N4 O2 1' 175.209 
ASN 'L-peptide linking' y ASPARAGINE                            ?                  'C4 H8 N2 O3'    132.118 
ASP 'L-peptide linking' y 'ASPARTIC ACID'                       ?                  'C4 H7 N O4'     133.103 
CYS 'L-peptide linking' y CYSTEINE                              ?                  'C3 H7 N O2 S'   121.158 
GLN 'L-peptide linking' y GLUTAMINE                             ?                  'C5 H10 N2 O3'   146.144 
GLU 'L-peptide linking' y 'GLUTAMIC ACID'                       ?                  'C5 H9 N O4'     147.129 
GLY 'peptide linking'   y GLYCINE                               ?                  'C2 H5 N O2'     75.067  
HIS 'L-peptide linking' y HISTIDINE                             ?                  'C6 H10 N3 O2 1' 156.162 
HOH non-polymer         . WATER                                 ?                  'H2 O'           18.015  
ILE 'L-peptide linking' y ISOLEUCINE                            ?                  'C6 H13 N O2'    131.173 
LEU 'L-peptide linking' y LEUCINE                               ?                  'C6 H13 N O2'    131.173 
LYS 'L-peptide linking' y LYSINE                                ?                  'C6 H15 N2 O2 1' 147.195 
MET 'L-peptide linking' y METHIONINE                            ?                  'C5 H11 N O2 S'  149.211 
P4C non-polymer         . 'O-ACETALDEHYDYL-HEXAETHYLENE GLYCOL' 'POLYETHYLENE 400' 'C14 H28 O8'     324.367 
PHE 'L-peptide linking' y PHENYLALANINE                         ?                  'C9 H11 N O2'    165.189 
PRO 'L-peptide linking' y PROLINE                               ?                  'C5 H9 N O2'     115.130 
SER 'L-peptide linking' y SERINE                                ?                  'C3 H7 N O3'     105.093 
THR 'L-peptide linking' y THREONINE                             ?                  'C4 H9 N O3'     119.119 
TRP 'L-peptide linking' y TRYPTOPHAN                            ?                  'C11 H12 N2 O2'  204.225 
TYR 'L-peptide linking' y TYROSINE                              ?                  'C9 H11 N O3'    181.189 
VAL 'L-peptide linking' y VALINE                                ?                  'C5 H11 N O2'    117.146 
# 
_exptl.entry_id          3RCL 
_exptl.method            'X-RAY DIFFRACTION' 
_exptl.crystals_number   1 
# 
_exptl_crystal.id                    1 
_exptl_crystal.density_meas          ? 
_exptl_crystal.density_Matthews      1.99 
_exptl_crystal.density_percent_sol   38.24 
_exptl_crystal.description           ? 
_exptl_crystal.F_000                 ? 
_exptl_crystal.preparation           ? 
# 
_exptl_crystal_grow.crystal_id      1 
_exptl_crystal_grow.method          'VAPOR DIFFUSION, HANGING DROP' 
_exptl_crystal_grow.temp            291 
_exptl_crystal_grow.temp_details    ? 
_exptl_crystal_grow.pH              7.3 
_exptl_crystal_grow.pdbx_details    '30% PEG4000, pH 7.3, VAPOR DIFFUSION, HANGING DROP, temperature 291K' 
_exptl_crystal_grow.pdbx_pH_range   ? 
# 
_diffrn.id                     1 
_diffrn.ambient_temp           100 
_diffrn.ambient_temp_details   ? 
_diffrn.crystal_id             1 
# 
_diffrn_detector.diffrn_id              1 
_diffrn_detector.detector               'AREA DETECTOR' 
_diffrn_detector.type                   MARRESEARCH 
_diffrn_detector.pdbx_collection_date   2008-02-23 
_diffrn_detector.details                ? 
# 
_diffrn_radiation.diffrn_id                        1 
_diffrn_radiation.wavelength_id                    1 
_diffrn_radiation.pdbx_monochromatic_or_laue_m_l   M 
_diffrn_radiation.monochromator                    'yale mirror' 
_diffrn_radiation.pdbx_diffrn_protocol             'SINGLE WAVELENGTH' 
_diffrn_radiation.pdbx_scattering_type             x-ray 
# 
_diffrn_radiation_wavelength.id           1 
_diffrn_radiation_wavelength.wavelength   1.5418 
_diffrn_radiation_wavelength.wt           1.0 
# 
_diffrn_source.diffrn_id                   1 
_diffrn_source.source                      'ROTATING ANODE' 
_diffrn_source.type                        'RIGAKU RU300' 
_diffrn_source.pdbx_synchrotron_site       ? 
_diffrn_source.pdbx_synchrotron_beamline   ? 
_diffrn_source.pdbx_wavelength             1.5418 
_diffrn_source.pdbx_wavelength_list        ? 
# 
_reflns.entry_id                     3RCL 
_reflns.observed_criterion_sigma_I   5.9 
_reflns.observed_criterion_sigma_F   ? 
_reflns.d_resolution_low             22.0 
_reflns.d_resolution_high            1.70 
_reflns.number_obs                   15333 
_reflns.number_all                   15630 
_reflns.percent_possible_obs         98.1 
_reflns.pdbx_Rmerge_I_obs            ? 
_reflns.pdbx_Rsym_value              0.02 
_reflns.pdbx_netI_over_sigmaI        ? 
_reflns.B_iso_Wilson_estimate        ? 
_reflns.pdbx_redundancy              5.9 
_reflns.R_free_details               ? 
_reflns.limit_h_max                  ? 
_reflns.limit_h_min                  ? 
_reflns.limit_k_max                  ? 
_reflns.limit_k_min                  ? 
_reflns.limit_l_max                  ? 
_reflns.limit_l_min                  ? 
_reflns.observed_criterion_F_max     ? 
_reflns.observed_criterion_F_min     ? 
_reflns.pdbx_chi_squared             ? 
_reflns.pdbx_scaling_rejects         ? 
_reflns.pdbx_ordinal                 1 
_reflns.pdbx_diffrn_id               1 
# 
_reflns_shell.d_res_high             1.70 
_reflns_shell.d_res_low              1.749 
_reflns_shell.percent_possible_all   87.4 
_reflns_shell.Rmerge_I_obs           ? 
_reflns_shell.pdbx_Rsym_value        0.037 
_reflns_shell.meanI_over_sigI_obs    3.7 
_reflns_shell.pdbx_redundancy        3.7 
_reflns_shell.percent_possible_obs   ? 
_reflns_shell.number_unique_all      ? 
_reflns_shell.number_measured_all    ? 
_reflns_shell.number_measured_obs    ? 
_reflns_shell.number_unique_obs      ? 
_reflns_shell.pdbx_chi_squared       ? 
_reflns_shell.pdbx_ordinal           1 
_reflns_shell.pdbx_diffrn_id         1 
# 
_refine.entry_id                                 3RCL 
_refine.ls_number_reflns_obs                     15333 
_refine.ls_number_reflns_all                     15630 
_refine.pdbx_ls_sigma_I                          ? 
_refine.pdbx_ls_sigma_F                          ? 
_refine.pdbx_data_cutoff_high_absF               ? 
_refine.pdbx_data_cutoff_low_absF                ? 
_refine.pdbx_data_cutoff_high_rms_absF           ? 
_refine.ls_d_res_low                             21.86 
_refine.ls_d_res_high                            1.70 
_refine.ls_percent_reflns_obs                    98.49 
_refine.ls_R_factor_obs                          0.13363 
_refine.ls_R_factor_all                          ? 
_refine.ls_R_factor_R_work                       0.13181 
_refine.ls_R_factor_R_free                       0.16936 
_refine.ls_R_factor_R_free_error                 ? 
_refine.ls_R_factor_R_free_error_details         ? 
_refine.ls_percent_reflns_R_free                 5.0 
_refine.ls_number_reflns_R_free                  799 
_refine.ls_number_parameters                     ? 
_refine.ls_number_restraints                     ? 
_refine.occupancy_min                            ? 
_refine.occupancy_max                            ? 
_refine.correlation_coeff_Fo_to_Fc               0.967 
_refine.correlation_coeff_Fo_to_Fc_free          0.951 
_refine.B_iso_mean                               5.838 
_refine.aniso_B[1][1]                            0.06 
_refine.aniso_B[2][2]                            0.06 
_refine.aniso_B[3][3]                            -0.12 
_refine.aniso_B[1][2]                            0.00 
_refine.aniso_B[1][3]                            0.00 
_refine.aniso_B[2][3]                            0.00 
_refine.solvent_model_details                    MASK 
_refine.solvent_model_param_ksol                 ? 
_refine.solvent_model_param_bsol                 ? 
_refine.pdbx_solvent_vdw_probe_radii             1.40 
_refine.pdbx_solvent_ion_probe_radii             0.80 
_refine.pdbx_solvent_shrinkage_radii             0.80 
_refine.pdbx_ls_cross_valid_method               THROUGHOUT 
_refine.details                                  'HYDROGENS HAVE BEEN ADDED IN THE RIDING POSITIONS' 
_refine.pdbx_starting_model                      'PDB ENTRY 2BIT' 
_refine.pdbx_method_to_determine_struct          'MOLECULAR REPLACEMENT' 
_refine.pdbx_isotropic_thermal_model             ? 
_refine.pdbx_stereochemistry_target_values       'MAXIMUM LIKELIHOOD' 
_refine.pdbx_stereochem_target_val_spec_case     ? 
_refine.pdbx_R_Free_selection_details            RANDOM 
_refine.pdbx_overall_ESU_R_Free                  0.097 
_refine.overall_SU_ML                            0.054 
_refine.overall_SU_B                             1.579 
_refine.overall_SU_R_Cruickshank_DPI             ? 
_refine.ls_redundancy_reflns_obs                 ? 
_refine.B_iso_min                                ? 
_refine.B_iso_max                                ? 
_refine.overall_SU_R_free                        ? 
_refine.ls_wR_factor_R_free                      ? 
_refine.ls_wR_factor_R_work                      ? 
_refine.overall_FOM_free_R_set                   ? 
_refine.overall_FOM_work_R_set                   ? 
_refine.pdbx_overall_phase_error                 ? 
_refine.pdbx_refine_id                           'X-RAY DIFFRACTION' 
_refine.pdbx_overall_ESU_R                       0.101 
_refine.pdbx_diffrn_id                           1 
_refine.pdbx_TLS_residual_ADP_flag               ? 
_refine.pdbx_overall_SU_R_free_Cruickshank_DPI   ? 
_refine.pdbx_overall_SU_R_Blow_DPI               ? 
_refine.pdbx_overall_SU_R_free_Blow_DPI          ? 
# 
_refine_hist.pdbx_refine_id                   'X-RAY DIFFRACTION' 
_refine_hist.cycle_id                         LAST 
_refine_hist.pdbx_number_atoms_protein        1240 
_refine_hist.pdbx_number_atoms_nucleic_acid   0 
_refine_hist.pdbx_number_atoms_ligand         34 
_refine_hist.number_atoms_solvent             356 
_refine_hist.number_atoms_total               1630 
_refine_hist.d_res_high                       1.70 
_refine_hist.d_res_low                        21.86 
# 
loop_
_refine_ls_restr.type 
_refine_ls_restr.dev_ideal 
_refine_ls_restr.dev_ideal_target 
_refine_ls_restr.weight 
_refine_ls_restr.number 
_refine_ls_restr.pdbx_restraint_function 
_refine_ls_restr.pdbx_refine_id 
r_bond_refined_d       0.006  0.022  ? 1333 ? 'X-RAY DIFFRACTION' 
r_bond_other_d         0.001  0.020  ? 942  ? 'X-RAY DIFFRACTION' 
r_angle_refined_deg    1.043  1.974  ? 1789 ? 'X-RAY DIFFRACTION' 
r_angle_other_deg      0.891  3.002  ? 2294 ? 'X-RAY DIFFRACTION' 
r_dihedral_angle_1_deg 5.925  5.000  ? 167  ? 'X-RAY DIFFRACTION' 
r_dihedral_angle_2_deg 31.977 23.818 ? 55   ? 'X-RAY DIFFRACTION' 
r_dihedral_angle_3_deg 12.272 15.000 ? 228  ? 'X-RAY DIFFRACTION' 
r_dihedral_angle_4_deg 21.177 15.000 ? 7    ? 'X-RAY DIFFRACTION' 
r_chiral_restr         0.065  0.200  ? 191  ? 'X-RAY DIFFRACTION' 
r_gen_planes_refined   0.003  0.021  ? 1470 ? 'X-RAY DIFFRACTION' 
r_gen_planes_other     0.001  0.020  ? 270  ? 'X-RAY DIFFRACTION' 
r_mcbond_it            0.264  1.500  ? 813  ? 'X-RAY DIFFRACTION' 
r_mcbond_other         0.056  1.500  ? 344  ? 'X-RAY DIFFRACTION' 
r_mcangle_it           0.477  2.000  ? 1313 ? 'X-RAY DIFFRACTION' 
r_scbond_it            0.760  3.000  ? 520  ? 'X-RAY DIFFRACTION' 
r_scangle_it           1.275  4.500  ? 474  ? 'X-RAY DIFFRACTION' 
# 
_refine_ls_shell.pdbx_total_number_of_bins_used   20 
_refine_ls_shell.d_res_high                       1.705 
_refine_ls_shell.d_res_low                        1.749 
_refine_ls_shell.number_reflns_R_work             894 
_refine_ls_shell.R_factor_R_work                  0.185 
_refine_ls_shell.percent_reflns_obs               79.83 
_refine_ls_shell.R_factor_R_free                  0.240 
_refine_ls_shell.R_factor_R_free_error            ? 
_refine_ls_shell.percent_reflns_R_free            ? 
_refine_ls_shell.number_reflns_R_free             48 
_refine_ls_shell.number_reflns_all                ? 
_refine_ls_shell.R_factor_all                     ? 
_refine_ls_shell.number_reflns_obs                ? 
_refine_ls_shell.redundancy_reflns_obs            ? 
_refine_ls_shell.pdbx_refine_id                   'X-RAY DIFFRACTION' 
# 
_struct.entry_id                  3RCL 
_struct.title                     'Human Cyclophilin D Complexed with a Fragment' 
_struct.pdbx_model_details        ? 
_struct.pdbx_CASP_flag            ? 
_struct.pdbx_model_type_details   ? 
# 
_struct_keywords.entry_id        3RCL 
_struct_keywords.pdbx_keywords   'ISOMERASE/ISOMERASE INHIBITOR' 
_struct_keywords.text            
'beta barrel, prolyl cis/trans isomerase, mitochondria, inhibitor, ISOMERASE-ISOMERASE INHIBITOR complex' 
# 
loop_
_struct_asym.id 
_struct_asym.pdbx_blank_PDB_chainid_flag 
_struct_asym.pdbx_modified 
_struct_asym.entity_id 
_struct_asym.details 
A N N 1 ? 
B N N 2 ? 
C N N 3 ? 
D N N 4 ? 
# 
_struct_biol.id        1 
_struct_biol.details   ? 
# 
loop_
_struct_conf.conf_type_id 
_struct_conf.id 
_struct_conf.pdbx_PDB_helix_id 
_struct_conf.beg_label_comp_id 
_struct_conf.beg_label_asym_id 
_struct_conf.beg_label_seq_id 
_struct_conf.pdbx_beg_PDB_ins_code 
_struct_conf.end_label_comp_id 
_struct_conf.end_label_asym_id 
_struct_conf.end_label_seq_id 
_struct_conf.pdbx_end_PDB_ins_code 
_struct_conf.beg_auth_comp_id 
_struct_conf.beg_auth_asym_id 
_struct_conf.beg_auth_seq_id 
_struct_conf.end_auth_comp_id 
_struct_conf.end_auth_asym_id 
_struct_conf.end_auth_seq_id 
_struct_conf.pdbx_PDB_helix_class 
_struct_conf.details 
_struct_conf.pdbx_PDB_helix_length 
HELX_P HELX_P1 1 VAL A 30  ? GLY A 43  ? VAL A 71  GLY A 84  1 ? 14 
HELX_P HELX_P2 2 THR A 120 ? ASP A 124 ? THR A 161 ASP A 165 5 ? 5  
HELX_P HELX_P3 3 GLY A 136 ? PHE A 146 ? GLY A 177 PHE A 187 1 ? 11 
# 
_struct_conf_type.id          HELX_P 
_struct_conf_type.criteria    ? 
_struct_conf_type.reference   ? 
# 
_struct_sheet.id               A 
_struct_sheet.type             ? 
_struct_sheet.number_strands   8 
_struct_sheet.details          ? 
# 
loop_
_struct_sheet_order.sheet_id 
_struct_sheet_order.range_id_1 
_struct_sheet_order.range_id_2 
_struct_sheet_order.offset 
_struct_sheet_order.sense 
A 1 2 ? anti-parallel 
A 2 3 ? anti-parallel 
A 3 4 ? anti-parallel 
A 4 5 ? anti-parallel 
A 5 6 ? anti-parallel 
A 6 7 ? anti-parallel 
A 7 8 ? anti-parallel 
# 
loop_
_struct_sheet_range.sheet_id 
_struct_sheet_range.id 
_struct_sheet_range.beg_label_comp_id 
_struct_sheet_range.beg_label_asym_id 
_struct_sheet_range.beg_label_seq_id 
_struct_sheet_range.pdbx_beg_PDB_ins_code 
_struct_sheet_range.end_label_comp_id 
_struct_sheet_range.end_label_asym_id 
_struct_sheet_range.end_label_seq_id 
_struct_sheet_range.pdbx_end_PDB_ins_code 
_struct_sheet_range.beg_auth_comp_id 
_struct_sheet_range.beg_auth_asym_id 
_struct_sheet_range.beg_auth_seq_id 
_struct_sheet_range.end_auth_comp_id 
_struct_sheet_range.end_auth_asym_id 
_struct_sheet_range.end_auth_seq_id 
A 1 PHE A 54  ? ILE A 58  ? PHE A 95  ILE A 99  
A 2 MET A 62  ? ALA A 65  ? MET A 103 ALA A 106 
A 3 PHE A 113 ? CYS A 116 ? PHE A 154 CYS A 157 
A 4 VAL A 98  ? MET A 101 ? VAL A 139 MET A 142 
A 5 VAL A 129 ? GLU A 135 ? VAL A 170 GLU A 176 
A 6 LYS A 16  ? LEU A 25  ? LYS A 57  LEU A 66  
A 7 LEU A 6   ? ALA A 13  ? LEU A 47  ALA A 54  
A 8 ILE A 157 ? GLN A 164 ? ILE A 198 GLN A 205 
# 
loop_
_pdbx_struct_sheet_hbond.sheet_id 
_pdbx_struct_sheet_hbond.range_id_1 
_pdbx_struct_sheet_hbond.range_id_2 
_pdbx_struct_sheet_hbond.range_1_label_atom_id 
_pdbx_struct_sheet_hbond.range_1_label_comp_id 
_pdbx_struct_sheet_hbond.range_1_label_asym_id 
_pdbx_struct_sheet_hbond.range_1_label_seq_id 
_pdbx_struct_sheet_hbond.range_1_PDB_ins_code 
_pdbx_struct_sheet_hbond.range_1_auth_atom_id 
_pdbx_struct_sheet_hbond.range_1_auth_comp_id 
_pdbx_struct_sheet_hbond.range_1_auth_asym_id 
_pdbx_struct_sheet_hbond.range_1_auth_seq_id 
_pdbx_struct_sheet_hbond.range_2_label_atom_id 
_pdbx_struct_sheet_hbond.range_2_label_comp_id 
_pdbx_struct_sheet_hbond.range_2_label_asym_id 
_pdbx_struct_sheet_hbond.range_2_label_seq_id 
_pdbx_struct_sheet_hbond.range_2_PDB_ins_code 
_pdbx_struct_sheet_hbond.range_2_auth_atom_id 
_pdbx_struct_sheet_hbond.range_2_auth_comp_id 
_pdbx_struct_sheet_hbond.range_2_auth_asym_id 
_pdbx_struct_sheet_hbond.range_2_auth_seq_id 
A 1 2 N ARG A 56  ? N ARG A 97  O GLN A 64  ? O GLN A 105 
A 2 3 N ALA A 65  ? N ALA A 106 O PHE A 113 ? O PHE A 154 
A 3 4 O CYS A 116 ? O CYS A 157 N VAL A 98  ? N VAL A 139 
A 4 5 N LEU A 99  ? N LEU A 140 O GLY A 131 ? O GLY A 172 
A 5 6 O ILE A 134 ? O ILE A 175 N VAL A 22  ? N VAL A 63  
A 6 7 O LEU A 18  ? O LEU A 59  N VAL A 11  ? N VAL A 52  
A 7 8 N ASP A 10  ? N ASP A 51  O ASP A 161 ? O ASP A 202 
# 
loop_
_struct_site.id 
_struct_site.pdbx_evidence_code 
_struct_site.pdbx_auth_asym_id 
_struct_site.pdbx_auth_comp_id 
_struct_site.pdbx_auth_seq_id 
_struct_site.pdbx_auth_ins_code 
_struct_site.pdbx_num_residues 
_struct_site.details 
AC1 Software A 5AO 1   ? 12 'BINDING SITE FOR RESIDUE 5AO A 1'   
AC2 Software A P4C 208 ? 10 'BINDING SITE FOR RESIDUE P4C A 208' 
# 
loop_
_struct_site_gen.id 
_struct_site_gen.site_id 
_struct_site_gen.pdbx_num_res 
_struct_site_gen.label_comp_id 
_struct_site_gen.label_asym_id 
_struct_site_gen.label_seq_id 
_struct_site_gen.pdbx_auth_ins_code 
_struct_site_gen.auth_comp_id 
_struct_site_gen.auth_asym_id 
_struct_site_gen.auth_seq_id 
_struct_site_gen.label_atom_id 
_struct_site_gen.label_alt_id 
_struct_site_gen.symmetry 
_struct_site_gen.details 
1  AC1 12 ASP A 28  ? ASP A 69  . ? 4_454 ? 
2  AC1 12 VAL A 29  ? VAL A 70  . ? 4_454 ? 
3  AC1 12 GLY A 73  ? GLY A 114 . ? 1_555 ? 
4  AC1 12 THR A 74  ? THR A 115 . ? 1_555 ? 
5  AC1 12 ARG A 83  ? ARG A 124 . ? 1_555 ? 
6  AC1 12 ASN A 103 ? ASN A 144 . ? 1_555 ? 
7  AC1 12 THR A 108 ? THR A 149 . ? 1_555 ? 
8  AC1 12 GLY A 110 ? GLY A 151 . ? 1_555 ? 
9  AC1 12 GLN A 112 ? GLN A 153 . ? 1_555 ? 
10 AC1 12 HOH D .   ? HOH A 247 . ? 1_555 ? 
11 AC1 12 HOH D .   ? HOH A 522 . ? 1_555 ? 
12 AC1 12 HOH D .   ? HOH A 523 . ? 1_555 ? 
13 AC2 10 ILE A 79  ? ILE A 120 . ? 6_555 ? 
14 AC2 10 VAL A 94  ? VAL A 135 . ? 1_555 ? 
15 AC2 10 GLY A 95  ? GLY A 136 . ? 1_555 ? 
16 AC2 10 PRO A 96  ? PRO A 137 . ? 1_555 ? 
17 AC2 10 HIS A 132 ? HIS A 173 . ? 1_555 ? 
18 AC2 10 HOH D .   ? HOH A 400 . ? 1_555 ? 
19 AC2 10 HOH D .   ? HOH A 450 . ? 1_555 ? 
20 AC2 10 HOH D .   ? HOH A 481 . ? 6_555 ? 
21 AC2 10 HOH D .   ? HOH A 515 . ? 1_555 ? 
22 AC2 10 HOH D .   ? HOH A 528 . ? 1_555 ? 
# 
_atom_sites.entry_id                    3RCL 
_atom_sites.fract_transf_matrix[1][1]   0.00284410 
_atom_sites.fract_transf_matrix[1][2]   0.01412606 
_atom_sites.fract_transf_matrix[1][3]   0.00997804 
_atom_sites.fract_transf_matrix[2][1]   -0.01282667 
_atom_sites.fract_transf_matrix[2][2]   0.00850588 
_atom_sites.fract_transf_matrix[2][3]   -0.00838583 
_atom_sites.fract_transf_matrix[3][1]   -0.00756809 
_atom_sites.fract_transf_matrix[3][2]   -0.00387596 
_atom_sites.fract_transf_matrix[3][3]   0.00764443 
_atom_sites.fract_transf_vector[1]      0.215050 
_atom_sites.fract_transf_vector[2]      0.240999 
_atom_sites.fract_transf_vector[3]      0.268202 
# 
loop_
_atom_type.symbol 
C 
N 
O 
S 
# 
loop_
_atom_site.group_PDB 
_atom_site.id 
_atom_site.type_symbol 
_atom_site.label_atom_id 
_atom_site.label_alt_id 
_atom_site.label_comp_id 
_atom_site.label_asym_id 
_atom_site.label_entity_id 
_atom_site.label_seq_id 
_atom_site.pdbx_PDB_ins_code 
_atom_site.Cartn_x 
_atom_site.Cartn_y 
_atom_site.Cartn_z 
_atom_site.occupancy 
_atom_site.B_iso_or_equiv 
_atom_site.pdbx_formal_charge 
_atom_site.auth_seq_id 
_atom_site.auth_comp_id 
_atom_site.auth_asym_id 
_atom_site.auth_atom_id 
_atom_site.pdbx_PDB_model_num 
ATOM   1    N N   . GLY A 1 3   ? -10.878 -0.482  18.370  1.00 9.41  ? 44  GLY A N   1 
ATOM   2    C CA  . GLY A 1 3   ? -11.015 0.414   17.188  1.00 8.73  ? 44  GLY A CA  1 
ATOM   3    C C   . GLY A 1 3   ? -10.318 -0.140  15.959  1.00 8.44  ? 44  GLY A C   1 
ATOM   4    O O   . GLY A 1 3   ? -9.810  -1.265  15.972  1.00 8.59  ? 44  GLY A O   1 
ATOM   5    N N   . ASN A 1 4   ? -10.294 0.656   14.892  1.00 7.61  ? 45  ASN A N   1 
ATOM   6    C CA  . ASN A 1 4   ? -9.614  0.264   13.660  1.00 7.10  ? 45  ASN A CA  1 
ATOM   7    C C   . ASN A 1 4   ? -8.118  0.092   13.886  1.00 6.75  ? 45  ASN A C   1 
ATOM   8    O O   . ASN A 1 4   ? -7.523  0.852   14.654  1.00 7.00  ? 45  ASN A O   1 
ATOM   9    C CB  . ASN A 1 4   ? -9.824  1.314   12.571  1.00 6.88  ? 45  ASN A CB  1 
ATOM   10   C CG  . ASN A 1 4   ? -11.192 1.231   11.925  1.00 6.77  ? 45  ASN A CG  1 
ATOM   11   O OD1 . ASN A 1 4   ? -11.829 0.172   11.903  1.00 6.55  ? 45  ASN A OD1 1 
ATOM   12   N ND2 . ASN A 1 4   ? -11.651 2.353   11.383  1.00 6.03  ? 45  ASN A ND2 1 
ATOM   13   N N   . PRO A 1 5   ? -7.499  -0.891  13.206  1.00 6.29  ? 46  PRO A N   1 
ATOM   14   C CA  . PRO A 1 5   ? -6.052  -1.034  13.335  1.00 6.10  ? 46  PRO A CA  1 
ATOM   15   C C   . PRO A 1 5   ? -5.269  0.185   12.850  1.00 5.72  ? 46  PRO A C   1 
ATOM   16   O O   . PRO A 1 5   ? -5.651  0.825   11.861  1.00 5.57  ? 46  PRO A O   1 
ATOM   17   C CB  . PRO A 1 5   ? -5.731  -2.248  12.447  1.00 6.20  ? 46  PRO A CB  1 
ATOM   18   C CG  . PRO A 1 5   ? -6.998  -2.972  12.303  1.00 6.25  ? 46  PRO A CG  1 
ATOM   19   C CD  . PRO A 1 5   ? -8.075  -1.940  12.347  1.00 6.17  ? 46  PRO A CD  1 
ATOM   20   N N   . LEU A 1 6   ? -4.207  0.509   13.582  1.00 5.30  ? 47  LEU A N   1 
ATOM   21   C CA  . LEU A 1 6   ? -3.155  1.396   13.112  1.00 5.20  ? 47  LEU A CA  1 
ATOM   22   C C   . LEU A 1 6   ? -1.946  0.524   12.813  1.00 4.90  ? 47  LEU A C   1 
ATOM   23   O O   . LEU A 1 6   ? -1.547  -0.293  13.644  1.00 4.96  ? 47  LEU A O   1 
ATOM   24   C CB  . LEU A 1 6   ? -2.759  2.422   14.177  1.00 5.58  ? 47  LEU A CB  1 
ATOM   25   C CG  . LEU A 1 6   ? -3.677  3.596   14.508  1.00 6.78  ? 47  LEU A CG  1 
ATOM   26   C CD1 . LEU A 1 6   ? -2.910  4.594   15.377  1.00 6.88  ? 47  LEU A CD1 1 
ATOM   27   C CD2 . LEU A 1 6   ? -4.222  4.285   13.263  1.00 7.69  ? 47  LEU A CD2 1 
ATOM   28   N N   . VAL A 1 7   ? -1.379  0.692   11.624  1.00 4.23  ? 48  VAL A N   1 
ATOM   29   C CA  . VAL A 1 7   ? -0.175  -0.033  11.222  1.00 4.14  ? 48  VAL A CA  1 
ATOM   30   C C   . VAL A 1 7   ? 0.869   0.952   10.706  1.00 4.27  ? 48  VAL A C   1 
ATOM   31   O O   . VAL A 1 7   ? 0.551   2.116   10.446  1.00 4.28  ? 48  VAL A O   1 
ATOM   32   C CB  . VAL A 1 7   ? -0.498  -1.099  10.155  1.00 3.91  ? 48  VAL A CB  1 
ATOM   33   C CG1 . VAL A 1 7   ? -1.438  -2.164  10.739  1.00 3.80  ? 48  VAL A CG1 1 
ATOM   34   C CG2 . VAL A 1 7   ? -1.113  -0.459  8.906   1.00 3.90  ? 48  VAL A CG2 1 
ATOM   35   N N   . TYR A 1 8   ? 2.110   0.488   10.568  1.00 4.56  ? 49  TYR A N   1 
ATOM   36   C CA  . TYR A 1 8   ? 3.203   1.341   10.099  1.00 4.76  ? 49  TYR A CA  1 
ATOM   37   C C   . TYR A 1 8   ? 4.085   0.674   9.056   1.00 4.66  ? 49  TYR A C   1 
ATOM   38   O O   . TYR A 1 8   ? 4.230   -0.553  9.035   1.00 4.28  ? 49  TYR A O   1 
ATOM   39   C CB  . TYR A 1 8   ? 4.074   1.817   11.266  1.00 4.93  ? 49  TYR A CB  1 
ATOM   40   C CG  . TYR A 1 8   ? 4.909   0.736   11.914  1.00 5.71  ? 49  TYR A CG  1 
ATOM   41   C CD1 . TYR A 1 8   ? 6.223   0.496   11.511  1.00 7.10  ? 49  TYR A CD1 1 
ATOM   42   C CD2 . TYR A 1 8   ? 4.388   -0.041  12.945  1.00 6.84  ? 49  TYR A CD2 1 
ATOM   43   C CE1 . TYR A 1 8   ? 6.987   -0.504  12.113  1.00 7.89  ? 49  TYR A CE1 1 
ATOM   44   C CE2 . TYR A 1 8   ? 5.144   -1.035  13.553  1.00 7.12  ? 49  TYR A CE2 1 
ATOM   45   C CZ  . TYR A 1 8   ? 6.439   -1.262  13.135  1.00 8.11  ? 49  TYR A CZ  1 
ATOM   46   O OH  . TYR A 1 8   ? 7.179   -2.254  13.746  1.00 10.77 ? 49  TYR A OH  1 
ATOM   47   N N   . LEU A 1 9   ? 4.666   1.519   8.208   1.00 4.68  ? 50  LEU A N   1 
ATOM   48   C CA  . LEU A 1 9   ? 5.712   1.153   7.269   1.00 4.88  ? 50  LEU A CA  1 
ATOM   49   C C   . LEU A 1 9   ? 6.881   2.097   7.502   1.00 5.05  ? 50  LEU A C   1 
ATOM   50   O O   . LEU A 1 9   ? 6.720   3.312   7.399   1.00 5.02  ? 50  LEU A O   1 
ATOM   51   C CB  . LEU A 1 9   ? 5.225   1.336   5.829   1.00 4.75  ? 50  LEU A CB  1 
ATOM   52   C CG  . LEU A 1 9   ? 3.872   0.738   5.439   1.00 4.94  ? 50  LEU A CG  1 
ATOM   53   C CD1 . LEU A 1 9   ? 3.510   1.166   4.019   1.00 5.56  ? 50  LEU A CD1 1 
ATOM   54   C CD2 . LEU A 1 9   ? 3.892   -0.779  5.561   1.00 4.22  ? 50  LEU A CD2 1 
ATOM   55   N N   . ASP A 1 10  ? 8.047   1.544   7.827   1.00 5.26  ? 51  ASP A N   1 
ATOM   56   C CA  . ASP A 1 10  ? 9.289   2.313   7.844   1.00 5.90  ? 51  ASP A CA  1 
ATOM   57   C C   . ASP A 1 10  ? 9.970   2.135   6.504   1.00 6.11  ? 51  ASP A C   1 
ATOM   58   O O   . ASP A 1 10  ? 10.191  1.003   6.071   1.00 5.99  ? 51  ASP A O   1 
ATOM   59   C CB  . ASP A 1 10  ? 10.217  1.829   8.957   1.00 5.96  ? 51  ASP A CB  1 
ATOM   60   C CG  . ASP A 1 10  ? 9.698   2.164   10.334  1.00 7.08  ? 51  ASP A CG  1 
ATOM   61   O OD1 . ASP A 1 10  ? 9.011   3.198   10.467  1.00 8.80  ? 51  ASP A OD1 1 
ATOM   62   O OD2 . ASP A 1 10  ? 9.978   1.400   11.283  1.00 8.47  ? 51  ASP A OD2 1 
ATOM   63   N N   . VAL A 1 11  ? 10.305  3.249   5.855   1.00 6.49  ? 52  VAL A N   1 
ATOM   64   C CA  . VAL A 1 11  ? 10.778  3.221   4.471   1.00 6.72  ? 52  VAL A CA  1 
ATOM   65   C C   . VAL A 1 11  ? 12.183  3.815   4.305   1.00 6.81  ? 52  VAL A C   1 
ATOM   66   O O   . VAL A 1 11  ? 12.466  4.912   4.794   1.00 6.77  ? 52  VAL A O   1 
ATOM   67   C CB  . VAL A 1 11  ? 9.791   3.947   3.531   1.00 6.61  ? 52  VAL A CB  1 
ATOM   68   C CG1 . VAL A 1 11  ? 10.204  3.770   2.071   1.00 7.16  ? 52  VAL A CG1 1 
ATOM   69   C CG2 . VAL A 1 11  ? 8.369   3.421   3.747   1.00 7.16  ? 52  VAL A CG2 1 
ATOM   70   N N   . ASP A 1 12  ? 13.046  3.061   3.621   1.00 7.13  ? 53  ASP A N   1 
ATOM   71   C CA  . ASP A 1 12  ? 14.378  3.506   3.201   1.00 7.43  ? 53  ASP A CA  1 
ATOM   72   C C   . ASP A 1 12  ? 14.331  3.941   1.741   1.00 7.50  ? 53  ASP A C   1 
ATOM   73   O O   . ASP A 1 12  ? 13.507  3.451   0.974   1.00 7.31  ? 53  ASP A O   1 
ATOM   74   C CB  . ASP A 1 12  ? 15.397  2.353   3.270   1.00 7.48  ? 53  ASP A CB  1 
ATOM   75   C CG  . ASP A 1 12  ? 16.131  2.251   4.603   0.80 7.96  ? 53  ASP A CG  1 
ATOM   76   O OD1 . ASP A 1 12  ? 17.118  1.480   4.654   0.80 9.41  ? 53  ASP A OD1 1 
ATOM   77   O OD2 . ASP A 1 12  ? 15.745  2.904   5.587   0.80 7.89  ? 53  ASP A OD2 1 
ATOM   78   N N   . ALA A 1 13  ? 15.234  4.841   1.357   1.00 7.66  ? 54  ALA A N   1 
ATOM   79   C CA  . ALA A 1 13  ? 15.522  5.099   -0.054  1.00 7.79  ? 54  ALA A CA  1 
ATOM   80   C C   . ALA A 1 13  ? 17.038  5.046   -0.218  1.00 8.16  ? 54  ALA A C   1 
ATOM   81   O O   . ALA A 1 13  ? 17.757  5.820   0.418   1.00 8.04  ? 54  ALA A O   1 
ATOM   82   C CB  . ALA A 1 13  ? 14.976  6.449   -0.495  1.00 7.85  ? 54  ALA A CB  1 
ATOM   83   N N   . ASN A 1 14  ? 17.513  4.120   -1.052  1.00 8.51  ? 55  ASN A N   1 
ATOM   84   C CA  . ASN A 1 14  ? 18.949  3.835   -1.183  1.00 8.94  ? 55  ASN A CA  1 
ATOM   85   C C   . ASN A 1 14  ? 19.632  3.629   0.175   1.00 9.33  ? 55  ASN A C   1 
ATOM   86   O O   . ASN A 1 14  ? 20.699  4.192   0.444   1.00 9.72  ? 55  ASN A O   1 
ATOM   87   C CB  . ASN A 1 14  ? 19.648  4.938   -1.982  1.00 9.02  ? 55  ASN A CB  1 
ATOM   88   C CG  . ASN A 1 14  ? 19.252  4.945   -3.447  1.00 8.78  ? 55  ASN A CG  1 
ATOM   89   O OD1 . ASN A 1 14  ? 18.795  3.937   -3.989  1.00 9.45  ? 55  ASN A OD1 1 
ATOM   90   N ND2 . ASN A 1 14  ? 19.449  6.084   -4.102  1.00 8.56  ? 55  ASN A ND2 1 
ATOM   91   N N   . GLY A 1 15  ? 18.994  2.836   1.032   1.00 9.69  ? 56  GLY A N   1 
ATOM   92   C CA  . GLY A 1 15  ? 19.576  2.435   2.313   1.00 10.01 ? 56  GLY A CA  1 
ATOM   93   C C   . GLY A 1 15  ? 19.560  3.476   3.420   1.00 10.14 ? 56  GLY A C   1 
ATOM   94   O O   . GLY A 1 15  ? 20.124  3.244   4.494   1.00 10.96 ? 56  GLY A O   1 
ATOM   95   N N   . LYS A 1 16  ? 18.919  4.617   3.178   1.00 9.94  ? 57  LYS A N   1 
ATOM   96   C CA  . LYS A 1 16  ? 18.804  5.661   4.192   1.00 9.94  ? 57  LYS A CA  1 
ATOM   97   C C   . LYS A 1 16  ? 17.338  5.862   4.572   1.00 9.40  ? 57  LYS A C   1 
ATOM   98   O O   . LYS A 1 16  ? 16.477  5.942   3.693   1.00 9.18  ? 57  LYS A O   1 
ATOM   99   C CB  . LYS A 1 16  ? 19.417  6.962   3.688   0.90 10.18 ? 57  LYS A CB  1 
ATOM   100  C CG  . LYS A 1 16  ? 20.943  7.002   3.780   0.70 10.94 ? 57  LYS A CG  1 
ATOM   101  C CD  . LYS A 1 16  ? 21.549  7.831   2.655   0.50 11.39 ? 57  LYS A CD  1 
ATOM   102  C CE  . LYS A 1 16  ? 21.787  6.987   1.408   0.50 11.71 ? 57  LYS A CE  1 
ATOM   103  N NZ  . LYS A 1 16  ? 21.452  7.711   0.156   0.50 12.23 ? 57  LYS A NZ  1 
ATOM   104  N N   . PRO A 1 17  ? 17.049  5.942   5.883   1.00 9.09  ? 58  PRO A N   1 
ATOM   105  C CA  . PRO A 1 17  ? 15.657  6.015   6.327   1.00 8.68  ? 58  PRO A CA  1 
ATOM   106  C C   . PRO A 1 17  ? 14.979  7.333   5.973   1.00 8.39  ? 58  PRO A C   1 
ATOM   107  O O   . PRO A 1 17  ? 15.548  8.410   6.179   1.00 8.33  ? 58  PRO A O   1 
ATOM   108  C CB  . PRO A 1 17  ? 15.763  5.854   7.849   1.00 8.80  ? 58  PRO A CB  1 
ATOM   109  C CG  . PRO A 1 17  ? 17.131  6.323   8.183   1.00 9.18  ? 58  PRO A CG  1 
ATOM   110  C CD  . PRO A 1 17  ? 17.991  5.960   7.018   1.00 9.26  ? 58  PRO A CD  1 
ATOM   111  N N   . LEU A 1 18  ? 13.772  7.226   5.429   1.00 7.68  ? 59  LEU A N   1 
ATOM   112  C CA  . LEU A 1 18  ? 12.928  8.378   5.146   1.00 7.62  ? 59  LEU A CA  1 
ATOM   113  C C   . LEU A 1 18  ? 12.021  8.702   6.324   1.00 7.24  ? 59  LEU A C   1 
ATOM   114  O O   . LEU A 1 18  ? 11.560  9.833   6.457   1.00 7.55  ? 59  LEU A O   1 
ATOM   115  C CB  . LEU A 1 18  ? 12.054  8.108   3.922   1.00 7.63  ? 59  LEU A CB  1 
ATOM   116  C CG  . LEU A 1 18  ? 12.786  7.896   2.601   1.00 8.33  ? 59  LEU A CG  1 
ATOM   117  C CD1 . LEU A 1 18  ? 11.784  7.530   1.519   1.00 8.41  ? 59  LEU A CD1 1 
ATOM   118  C CD2 . LEU A 1 18  ? 13.575  9.143   2.213   1.00 8.95  ? 59  LEU A CD2 1 
ATOM   119  N N   . GLY A 1 19  ? 11.752  7.699   7.157   1.00 6.84  ? 60  GLY A N   1 
ATOM   120  C CA  . GLY A 1 19  ? 10.819  7.835   8.260   1.00 6.49  ? 60  GLY A CA  1 
ATOM   121  C C   . GLY A 1 19  ? 9.699   6.815   8.188   1.00 6.21  ? 60  GLY A C   1 
ATOM   122  O O   . GLY A 1 19  ? 9.822   5.782   7.520   1.00 5.86  ? 60  GLY A O   1 
ATOM   123  N N   . ARG A 1 20  ? 8.606   7.124   8.881   1.00 5.74  ? 61  ARG A N   1 
ATOM   124  C CA  . ARG A 1 20  ? 7.506   6.188   9.087   1.00 5.46  ? 61  ARG A CA  1 
ATOM   125  C C   . ARG A 1 20  ? 6.203   6.701   8.477   1.00 5.02  ? 61  ARG A C   1 
ATOM   126  O O   . ARG A 1 20  ? 5.851   7.872   8.636   1.00 4.91  ? 61  ARG A O   1 
ATOM   127  C CB  . ARG A 1 20  ? 7.303   5.954   10.586  1.00 5.65  ? 61  ARG A CB  1 
ATOM   128  C CG  . ARG A 1 20  ? 6.143   5.030   10.930  1.00 5.83  ? 61  ARG A CG  1 
ATOM   129  C CD  . ARG A 1 20  ? 6.182   4.598   12.389  1.00 6.45  ? 61  ARG A CD  1 
ATOM   130  N NE  . ARG A 1 20  ? 7.239   3.619   12.626  1.00 6.86  ? 61  ARG A NE  1 
ATOM   131  C CZ  . ARG A 1 20  ? 7.441   2.965   13.768  1.00 7.75  ? 61  ARG A CZ  1 
ATOM   132  N NH1 . ARG A 1 20  ? 6.657   3.166   14.819  1.00 8.36  ? 61  ARG A NH1 1 
ATOM   133  N NH2 . ARG A 1 20  ? 8.436   2.096   13.856  1.00 8.61  ? 61  ARG A NH2 1 
ATOM   134  N N   . VAL A 1 21  ? 5.499   5.810   7.784   1.00 4.40  ? 62  VAL A N   1 
ATOM   135  C CA  . VAL A 1 21  ? 4.129   6.061   7.347   1.00 4.38  ? 62  VAL A CA  1 
ATOM   136  C C   . VAL A 1 21  ? 3.209   5.260   8.261   1.00 4.36  ? 62  VAL A C   1 
ATOM   137  O O   . VAL A 1 21  ? 3.344   4.036   8.373   1.00 4.23  ? 62  VAL A O   1 
ATOM   138  C CB  . VAL A 1 21  ? 3.901   5.621   5.881   1.00 4.20  ? 62  VAL A CB  1 
ATOM   139  C CG1 . VAL A 1 21  ? 2.466   5.916   5.444   1.00 5.23  ? 62  VAL A CG1 1 
ATOM   140  C CG2 . VAL A 1 21  ? 4.902   6.313   4.955   1.00 4.28  ? 62  VAL A CG2 1 
ATOM   141  N N   . VAL A 1 22  ? 2.296   5.956   8.933   1.00 4.24  ? 63  VAL A N   1 
ATOM   142  C CA  . VAL A 1 22  ? 1.289   5.310   9.764   1.00 4.13  ? 63  VAL A CA  1 
ATOM   143  C C   . VAL A 1 22  ? -0.048  5.335   9.031   1.00 4.05  ? 63  VAL A C   1 
ATOM   144  O O   . VAL A 1 22  ? -0.471  6.377   8.521   1.00 3.85  ? 63  VAL A O   1 
ATOM   145  C CB  . VAL A 1 22  ? 1.146   5.996   11.138  1.00 4.11  ? 63  VAL A CB  1 
ATOM   146  C CG1 . VAL A 1 22  ? 0.061   5.319   11.960  1.00 3.93  ? 63  VAL A CG1 1 
ATOM   147  C CG2 . VAL A 1 22  ? 2.472   5.960   11.888  1.00 4.29  ? 63  VAL A CG2 1 
ATOM   148  N N   . LEU A 1 23  ? -0.703  4.177   8.993   1.00 3.90  ? 64  LEU A N   1 
ATOM   149  C CA  . LEU A 1 23  ? -1.938  3.991   8.250   1.00 3.94  ? 64  LEU A CA  1 
ATOM   150  C C   . LEU A 1 23  ? -3.064  3.518   9.173   1.00 3.92  ? 64  LEU A C   1 
ATOM   151  O O   . LEU A 1 23  ? -2.863  2.614   9.989   1.00 3.95  ? 64  LEU A O   1 
ATOM   152  C CB  . LEU A 1 23  ? -1.715  2.952   7.143   1.00 4.02  ? 64  LEU A CB  1 
ATOM   153  C CG  . LEU A 1 23  ? -0.634  3.278   6.110   1.00 3.49  ? 64  LEU A CG  1 
ATOM   154  C CD1 . LEU A 1 23  ? -0.223  2.013   5.349   1.00 4.48  ? 64  LEU A CD1 1 
ATOM   155  C CD2 . LEU A 1 23  ? -1.106  4.362   5.151   1.00 4.19  ? 64  LEU A CD2 1 
ATOM   156  N N   . GLU A 1 24  ? -4.236  4.142   9.056   1.00 3.95  ? 65  GLU A N   1 
ATOM   157  C CA  . GLU A 1 24  ? -5.450  3.614   9.673   1.00 4.06  ? 65  GLU A CA  1 
ATOM   158  C C   . GLU A 1 24  ? -6.114  2.690   8.667   1.00 3.91  ? 65  GLU A C   1 
ATOM   159  O O   . GLU A 1 24  ? -6.350  3.089   7.527   1.00 3.80  ? 65  GLU A O   1 
ATOM   160  C CB  . GLU A 1 24  ? -6.439  4.725   10.065  1.00 4.36  ? 65  GLU A CB  1 
ATOM   161  C CG  . GLU A 1 24  ? -7.773  4.162   10.592  1.00 4.58  ? 65  GLU A CG  1 
ATOM   162  C CD  . GLU A 1 24  ? -8.754  5.209   11.099  1.00 6.09  ? 65  GLU A CD  1 
ATOM   163  O OE1 . GLU A 1 24  ? -8.400  6.401   11.183  1.00 5.61  ? 65  GLU A OE1 1 
ATOM   164  O OE2 . GLU A 1 24  ? -9.902  4.819   11.427  1.00 6.77  ? 65  GLU A OE2 1 
ATOM   165  N N   . LEU A 1 25  ? -6.417  1.467   9.097   1.00 3.89  ? 66  LEU A N   1 
ATOM   166  C CA  . LEU A 1 25  ? -7.123  0.500   8.258   1.00 3.88  ? 66  LEU A CA  1 
ATOM   167  C C   . LEU A 1 25  ? -8.598  0.503   8.643   1.00 4.05  ? 66  LEU A C   1 
ATOM   168  O O   . LEU A 1 25  ? -8.947  0.291   9.807   1.00 4.26  ? 66  LEU A O   1 
ATOM   169  C CB  . LEU A 1 25  ? -6.522  -0.896  8.427   1.00 3.85  ? 66  LEU A CB  1 
ATOM   170  C CG  . LEU A 1 25  ? -4.996  -0.952  8.322   1.00 3.48  ? 66  LEU A CG  1 
ATOM   171  C CD1 . LEU A 1 25  ? -4.510  -2.387  8.466   1.00 4.00  ? 66  LEU A CD1 1 
ATOM   172  C CD2 . LEU A 1 25  ? -4.506  -0.334  7.009   1.00 3.10  ? 66  LEU A CD2 1 
ATOM   173  N N   . LYS A 1 26  ? -9.458  0.754   7.662   1.00 4.19  ? 67  LYS A N   1 
ATOM   174  C CA  . LYS A 1 26  ? -10.883 0.933   7.916   1.00 4.43  ? 67  LYS A CA  1 
ATOM   175  C C   . LYS A 1 26  ? -11.601 -0.423  7.985   1.00 4.59  ? 67  LYS A C   1 
ATOM   176  O O   . LYS A 1 26  ? -12.408 -0.778  7.125   1.00 4.42  ? 67  LYS A O   1 
ATOM   177  C CB  A LYS A 1 26  ? -11.509 1.869   6.873   0.60 4.51  ? 67  LYS A CB  1 
ATOM   178  C CB  B LYS A 1 26  ? -11.509 1.829   6.840   0.40 4.48  ? 67  LYS A CB  1 
ATOM   179  C CG  A LYS A 1 26  ? -11.108 3.342   7.039   0.60 5.07  ? 67  LYS A CG  1 
ATOM   180  C CG  B LYS A 1 26  ? -10.868 3.211   6.717   0.40 4.89  ? 67  LYS A CG  1 
ATOM   181  C CD  A LYS A 1 26  ? -11.681 3.950   8.321   0.60 5.85  ? 67  LYS A CD  1 
ATOM   182  C CD  B LYS A 1 26  ? -11.284 4.138   7.846   0.40 5.33  ? 67  LYS A CD  1 
ATOM   183  C CE  A LYS A 1 26  ? -11.350 5.427   8.455   0.60 6.34  ? 67  LYS A CE  1 
ATOM   184  C CE  B LYS A 1 26  ? -12.734 4.568   7.704   0.40 5.60  ? 67  LYS A CE  1 
ATOM   185  N NZ  A LYS A 1 26  ? -11.803 5.991   9.764   0.60 6.40  ? 67  LYS A NZ  1 
ATOM   186  N NZ  B LYS A 1 26  ? -13.190 5.370   8.875   0.40 6.74  ? 67  LYS A NZ  1 
ATOM   187  N N   . ALA A 1 27  ? -11.287 -1.163  9.047   1.00 4.72  ? 68  ALA A N   1 
ATOM   188  C CA  . ALA A 1 27  ? -11.882 -2.471  9.323   1.00 5.07  ? 68  ALA A CA  1 
ATOM   189  C C   . ALA A 1 27  ? -13.388 -2.379  9.563   1.00 5.51  ? 68  ALA A C   1 
ATOM   190  O O   . ALA A 1 27  ? -14.105 -3.361  9.389   1.00 5.68  ? 68  ALA A O   1 
ATOM   191  C CB  . ALA A 1 27  ? -11.194 -3.120  10.525  1.00 5.05  ? 68  ALA A CB  1 
ATOM   192  N N   . ASP A 1 28  ? -13.859 -1.202  9.974   1.00 5.90  ? 69  ASP A N   1 
ATOM   193  C CA  . ASP A 1 28  ? -15.292 -0.953  10.138  1.00 6.56  ? 69  ASP A CA  1 
ATOM   194  C C   . ASP A 1 28  ? -16.063 -0.975  8.815   1.00 6.39  ? 69  ASP A C   1 
ATOM   195  O O   . ASP A 1 28  ? -17.265 -1.270  8.801   1.00 7.49  ? 69  ASP A O   1 
ATOM   196  C CB  . ASP A 1 28  ? -15.542 0.367   10.888  1.00 6.90  ? 69  ASP A CB  1 
ATOM   197  C CG  . ASP A 1 28  ? -14.888 1.575   10.229  1.00 8.37  ? 69  ASP A CG  1 
ATOM   198  O OD1 . ASP A 1 28  ? -13.857 1.436   9.539   1.00 8.62  ? 69  ASP A OD1 1 
ATOM   199  O OD2 . ASP A 1 28  ? -15.417 2.692   10.424  1.00 13.95 ? 69  ASP A OD2 1 
ATOM   200  N N   . VAL A 1 29  ? -15.373 -0.674  7.717   1.00 5.73  ? 70  VAL A N   1 
ATOM   201  C CA  . VAL A 1 29  ? -15.972 -0.627  6.378   1.00 5.22  ? 70  VAL A CA  1 
ATOM   202  C C   . VAL A 1 29  ? -15.596 -1.851  5.535   1.00 4.73  ? 70  VAL A C   1 
ATOM   203  O O   . VAL A 1 29  ? -16.447 -2.433  4.852   1.00 4.26  ? 70  VAL A O   1 
ATOM   204  C CB  . VAL A 1 29  ? -15.521 0.646   5.627   1.00 5.37  ? 70  VAL A CB  1 
ATOM   205  C CG1 . VAL A 1 29  ? -16.143 0.706   4.234   1.00 5.40  ? 70  VAL A CG1 1 
ATOM   206  C CG2 . VAL A 1 29  ? -15.870 1.901   6.431   1.00 5.86  ? 70  VAL A CG2 1 
ATOM   207  N N   . VAL A 1 30  ? -14.320 -2.223  5.592   1.00 4.19  ? 71  VAL A N   1 
ATOM   208  C CA  . VAL A 1 30  ? -13.773 -3.327  4.800   1.00 3.88  ? 71  VAL A CA  1 
ATOM   209  C C   . VAL A 1 30  ? -12.928 -4.243  5.705   1.00 3.71  ? 71  VAL A C   1 
ATOM   210  O O   . VAL A 1 30  ? -11.702 -4.251  5.628   1.00 3.35  ? 71  VAL A O   1 
ATOM   211  C CB  . VAL A 1 30  ? -12.955 -2.802  3.582   1.00 3.69  ? 71  VAL A CB  1 
ATOM   212  C CG1 . VAL A 1 30  ? -13.892 -2.412  2.447   1.00 3.76  ? 71  VAL A CG1 1 
ATOM   213  C CG2 . VAL A 1 30  ? -12.074 -1.621  3.976   1.00 3.84  ? 71  VAL A CG2 1 
ATOM   214  N N   . PRO A 1 31  ? -13.595 -5.016  6.580   1.00 3.67  ? 72  PRO A N   1 
ATOM   215  C CA  . PRO A 1 31  ? -12.869 -5.841  7.552   1.00 3.65  ? 72  PRO A CA  1 
ATOM   216  C C   . PRO A 1 31  ? -11.930 -6.875  6.925   1.00 3.53  ? 72  PRO A C   1 
ATOM   217  O O   . PRO A 1 31  ? -10.841 -7.102  7.450   1.00 3.39  ? 72  PRO A O   1 
ATOM   218  C CB  . PRO A 1 31  ? -13.990 -6.527  8.350   1.00 3.68  ? 72  PRO A CB  1 
ATOM   219  C CG  . PRO A 1 31  ? -15.204 -6.411  7.499   1.00 3.86  ? 72  PRO A CG  1 
ATOM   220  C CD  . PRO A 1 31  ? -15.056 -5.129  6.752   1.00 4.00  ? 72  PRO A CD  1 
ATOM   221  N N   . LYS A 1 32  ? -12.340 -7.494  5.821   1.00 3.46  ? 73  LYS A N   1 
ATOM   222  C CA  . LYS A 1 32  ? -11.527 -8.540  5.201   1.00 3.74  ? 73  LYS A CA  1 
ATOM   223  C C   . LYS A 1 32  ? -10.275 -7.959  4.549   1.00 3.65  ? 73  LYS A C   1 
ATOM   224  O O   . LYS A 1 32  ? -9.184  -8.534  4.631   1.00 3.84  ? 73  LYS A O   1 
ATOM   225  C CB  . LYS A 1 32  ? -12.351 -9.330  4.182   1.00 3.77  ? 73  LYS A CB  1 
ATOM   226  C CG  . LYS A 1 32  ? -13.540 -10.054 4.800   1.00 4.42  ? 73  LYS A CG  1 
ATOM   227  C CD  . LYS A 1 32  ? -14.451 -10.663 3.748   1.00 5.98  ? 73  LYS A CD  1 
ATOM   228  C CE  . LYS A 1 32  ? -15.570 -11.487 4.379   1.00 6.32  ? 73  LYS A CE  1 
ATOM   229  N NZ  . LYS A 1 32  ? -16.437 -10.693 5.310   1.00 7.71  ? 73  LYS A NZ  1 
ATOM   230  N N   . THR A 1 33  ? -10.443 -6.803  3.919   1.00 3.30  ? 74  THR A N   1 
ATOM   231  C CA  . THR A 1 33  ? -9.344  -6.114  3.261   1.00 3.28  ? 74  THR A CA  1 
ATOM   232  C C   . THR A 1 33  ? -8.386  -5.538  4.307   1.00 3.05  ? 74  THR A C   1 
ATOM   233  O O   . THR A 1 33  ? -7.168  -5.672  4.178   1.00 2.94  ? 74  THR A O   1 
ATOM   234  C CB  . THR A 1 33  ? -9.876  -5.020  2.325   1.00 3.26  ? 74  THR A CB  1 
ATOM   235  O OG1 . THR A 1 33  ? -10.845 -5.593  1.432   1.00 3.36  ? 74  THR A OG1 1 
ATOM   236  C CG2 . THR A 1 33  ? -8.746  -4.396  1.512   1.00 3.18  ? 74  THR A CG2 1 
ATOM   237  N N   . ALA A 1 34  ? -8.943  -4.924  5.351   1.00 3.18  ? 75  ALA A N   1 
ATOM   238  C CA  . ALA A 1 34  ? -8.141  -4.405  6.460   1.00 3.05  ? 75  ALA A CA  1 
ATOM   239  C C   . ALA A 1 34  ? -7.319  -5.507  7.127   1.00 3.05  ? 75  ALA A C   1 
ATOM   240  O O   . ALA A 1 34  ? -6.124  -5.332  7.391   1.00 3.06  ? 75  ALA A O   1 
ATOM   241  C CB  . ALA A 1 34  ? -9.034  -3.723  7.492   1.00 3.36  ? 75  ALA A CB  1 
ATOM   242  N N   . GLU A 1 35  ? -7.966  -6.636  7.403   1.00 3.18  ? 76  GLU A N   1 
ATOM   243  C CA  . GLU A 1 35  ? -7.313  -7.753  8.093   1.00 3.32  ? 76  GLU A CA  1 
ATOM   244  C C   . GLU A 1 35  ? -6.132  -8.304  7.299   1.00 3.23  ? 76  GLU A C   1 
ATOM   245  O O   . GLU A 1 35  ? -5.089  -8.614  7.867   1.00 3.15  ? 76  GLU A O   1 
ATOM   246  C CB  . GLU A 1 35  ? -8.323  -8.867  8.390   1.00 3.67  ? 76  GLU A CB  1 
ATOM   247  C CG  . GLU A 1 35  ? -7.730  -10.163 8.960   1.00 4.20  ? 76  GLU A CG  1 
ATOM   248  C CD  . GLU A 1 35  ? -6.929  -9.975  10.235  1.00 5.77  ? 76  GLU A CD  1 
ATOM   249  O OE1 . GLU A 1 35  ? -7.064  -8.925  10.907  1.00 5.17  ? 76  GLU A OE1 1 
ATOM   250  O OE2 . GLU A 1 35  ? -6.153  -10.893 10.573  1.00 6.44  ? 76  GLU A OE2 1 
ATOM   251  N N   . ASN A 1 36  ? -6.313  -8.441  5.990   1.00 3.26  ? 77  ASN A N   1 
ATOM   252  C CA  . ASN A 1 36  ? -5.237  -8.866  5.103   1.00 3.15  ? 77  ASN A CA  1 
ATOM   253  C C   . ASN A 1 36  ? -4.015  -7.956  5.236   1.00 2.88  ? 77  ASN A C   1 
ATOM   254  O O   . ASN A 1 36  ? -2.897  -8.423  5.457   1.00 2.76  ? 77  ASN A O   1 
ATOM   255  C CB  . ASN A 1 36  ? -5.730  -8.866  3.653   1.00 3.30  ? 77  ASN A CB  1 
ATOM   256  C CG  . ASN A 1 36  ? -4.661  -9.312  2.668   1.00 3.75  ? 77  ASN A CG  1 
ATOM   257  O OD1 . ASN A 1 36  ? -4.129  -10.417 2.772   1.00 5.19  ? 77  ASN A OD1 1 
ATOM   258  N ND2 . ASN A 1 36  ? -4.345  -8.452  1.700   1.00 4.24  ? 77  ASN A ND2 1 
ATOM   259  N N   . PHE A 1 37  ? -4.234  -6.652  5.113   1.00 2.92  ? 78  PHE A N   1 
ATOM   260  C CA  . PHE A 1 37  ? -3.134  -5.693  5.186   1.00 2.96  ? 78  PHE A CA  1 
ATOM   261  C C   . PHE A 1 37  ? -2.468  -5.714  6.561   1.00 3.11  ? 78  PHE A C   1 
ATOM   262  O O   . PHE A 1 37  ? -1.244  -5.670  6.657   1.00 3.25  ? 78  PHE A O   1 
ATOM   263  C CB  . PHE A 1 37  ? -3.624  -4.285  4.863   1.00 2.94  ? 78  PHE A CB  1 
ATOM   264  C CG  . PHE A 1 37  ? -2.520  -3.311  4.593   1.00 3.10  ? 78  PHE A CG  1 
ATOM   265  C CD1 . PHE A 1 37  ? -2.004  -3.168  3.311   1.00 3.51  ? 78  PHE A CD1 1 
ATOM   266  C CD2 . PHE A 1 37  ? -2.003  -2.523  5.613   1.00 4.21  ? 78  PHE A CD2 1 
ATOM   267  C CE1 . PHE A 1 37  ? -0.998  -2.268  3.057   1.00 4.24  ? 78  PHE A CE1 1 
ATOM   268  C CE2 . PHE A 1 37  ? -0.992  -1.614  5.358   1.00 4.34  ? 78  PHE A CE2 1 
ATOM   269  C CZ  . PHE A 1 37  ? -0.488  -1.488  4.084   1.00 4.22  ? 78  PHE A CZ  1 
ATOM   270  N N   . ARG A 1 38  ? -3.281  -5.783  7.616   1.00 3.17  ? 79  ARG A N   1 
ATOM   271  C CA  . ARG A 1 38  ? -2.774  -5.804  8.983   1.00 3.36  ? 79  ARG A CA  1 
ATOM   272  C C   . ARG A 1 38  ? -1.825  -6.985  9.173   1.00 3.25  ? 79  ARG A C   1 
ATOM   273  O O   . ARG A 1 38  ? -0.694  -6.815  9.627   1.00 3.30  ? 79  ARG A O   1 
ATOM   274  C CB  . ARG A 1 38  ? -3.934  -5.888  9.980   1.00 3.42  ? 79  ARG A CB  1 
ATOM   275  C CG  . ARG A 1 38  ? -3.521  -5.810  11.452  1.00 4.13  ? 79  ARG A CG  1 
ATOM   276  C CD  . ARG A 1 38  ? -4.577  -6.430  12.358  1.00 4.39  ? 79  ARG A CD  1 
ATOM   277  N NE  . ARG A 1 38  ? -4.682  -7.866  12.114  1.00 4.93  ? 79  ARG A NE  1 
ATOM   278  C CZ  . ARG A 1 38  ? -3.816  -8.775  12.552  1.00 5.44  ? 79  ARG A CZ  1 
ATOM   279  N NH1 . ARG A 1 38  ? -2.762  -8.428  13.284  1.00 5.06  ? 79  ARG A NH1 1 
ATOM   280  N NH2 . ARG A 1 38  ? -4.000  -10.050 12.244  1.00 5.90  ? 79  ARG A NH2 1 
ATOM   281  N N   . ALA A 1 39  ? -2.286  -8.174  8.793   1.00 3.45  ? 80  ALA A N   1 
ATOM   282  C CA  . ALA A 1 39  ? -1.504  -9.402  8.968   1.00 3.45  ? 80  ALA A CA  1 
ATOM   283  C C   . ALA A 1 39  ? -0.227  -9.400  8.121   1.00 3.65  ? 80  ALA A C   1 
ATOM   284  O O   . ALA A 1 39  ? 0.808   -9.924  8.547   1.00 3.46  ? 80  ALA A O   1 
ATOM   285  C CB  . ALA A 1 39  ? -2.355  -10.617 8.651   1.00 3.59  ? 80  ALA A CB  1 
ATOM   286  N N   . LEU A 1 40  ? -0.295  -8.803  6.935   1.00 3.90  ? 81  LEU A N   1 
ATOM   287  C CA  . LEU A 1 40  ? 0.883   -8.687  6.073   1.00 4.00  ? 81  LEU A CA  1 
ATOM   288  C C   . LEU A 1 40  ? 1.909   -7.714  6.662   1.00 4.22  ? 81  LEU A C   1 
ATOM   289  O O   . LEU A 1 40  ? 3.108   -7.874  6.442   1.00 4.37  ? 81  LEU A O   1 
ATOM   290  C CB  . LEU A 1 40  ? 0.487   -8.284  4.648   1.00 4.18  ? 81  LEU A CB  1 
ATOM   291  C CG  . LEU A 1 40  ? -0.282  -9.348  3.859   1.00 3.97  ? 81  LEU A CG  1 
ATOM   292  C CD1 . LEU A 1 40  ? -0.820  -8.759  2.551   1.00 4.75  ? 81  LEU A CD1 1 
ATOM   293  C CD2 . LEU A 1 40  ? 0.584   -10.577 3.592   1.00 4.42  ? 81  LEU A CD2 1 
ATOM   294  N N   . CYS A 1 41  ? 1.437   -6.718  7.418   1.00 4.28  ? 82  CYS A N   1 
ATOM   295  C CA  . CYS A 1 41  ? 2.333   -5.804  8.139   1.00 4.34  ? 82  CYS A CA  1 
ATOM   296  C C   . CYS A 1 41  ? 3.046   -6.487  9.307   1.00 4.52  ? 82  CYS A C   1 
ATOM   297  O O   . CYS A 1 41  ? 4.241   -6.290  9.494   1.00 4.49  ? 82  CYS A O   1 
ATOM   298  C CB  . CYS A 1 41  ? 1.583   -4.566  8.643   1.00 4.45  ? 82  CYS A CB  1 
ATOM   299  S SG  . CYS A 1 41  ? 1.164   -3.395  7.340   1.00 4.33  ? 82  CYS A SG  1 
ATOM   300  N N   . THR A 1 42  ? 2.320   -7.276  10.092  1.00 4.84  ? 83  THR A N   1 
ATOM   301  C CA  . THR A 1 42  ? 2.918   -7.969  11.238  1.00 5.30  ? 83  THR A CA  1 
ATOM   302  C C   . THR A 1 42  ? 3.785   -9.148  10.797  1.00 5.81  ? 83  THR A C   1 
ATOM   303  O O   . THR A 1 42  ? 4.708   -9.546  11.508  1.00 6.22  ? 83  THR A O   1 
ATOM   304  C CB  . THR A 1 42  ? 1.862   -8.509  12.218  1.00 5.17  ? 83  THR A CB  1 
ATOM   305  O OG1 . THR A 1 42  ? 1.125   -9.564  11.595  1.00 4.93  ? 83  THR A OG1 1 
ATOM   306  C CG2 . THR A 1 42  ? 0.917   -7.403  12.676  1.00 5.29  ? 83  THR A CG2 1 
ATOM   307  N N   . GLY A 1 43  ? 3.462   -9.720  9.639   1.00 6.23  ? 84  GLY A N   1 
ATOM   308  C CA  . GLY A 1 43  ? 4.145   -10.910 9.127   1.00 6.72  ? 84  GLY A CA  1 
ATOM   309  C C   . GLY A 1 43  ? 3.755   -12.194 9.838   1.00 7.15  ? 84  GLY A C   1 
ATOM   310  O O   . GLY A 1 43  ? 4.426   -13.214 9.689   1.00 7.42  ? 84  GLY A O   1 
ATOM   311  N N   . GLU A 1 44  ? 2.656   -12.154 10.590  1.00 7.56  ? 85  GLU A N   1 
ATOM   312  C CA  . GLU A 1 44  ? 2.275   -13.253 11.486  1.00 7.98  ? 85  GLU A CA  1 
ATOM   313  C C   . GLU A 1 44  ? 1.883   -14.558 10.784  1.00 8.42  ? 85  GLU A C   1 
ATOM   314  O O   . GLU A 1 44  ? 1.870   -15.609 11.425  1.00 8.74  ? 85  GLU A O   1 
ATOM   315  C CB  . GLU A 1 44  ? 1.152   -12.805 12.429  1.00 7.98  ? 85  GLU A CB  1 
ATOM   316  C CG  . GLU A 1 44  ? -0.169  -12.509 11.751  1.00 8.30  ? 85  GLU A CG  1 
ATOM   317  C CD  . GLU A 1 44  ? -1.130  -11.772 12.654  1.00 7.97  ? 85  GLU A CD  1 
ATOM   318  O OE1 . GLU A 1 44  ? -0.791  -10.656 13.109  1.00 8.50  ? 85  GLU A OE1 1 
ATOM   319  O OE2 . GLU A 1 44  ? -2.224  -12.310 12.908  1.00 8.82  ? 85  GLU A OE2 1 
ATOM   320  N N   . LYS A 1 45  ? 1.559   -14.493 9.490   1.00 8.80  ? 86  LYS A N   1 
ATOM   321  C CA  . LYS A 1 45  ? 1.254   -15.693 8.696   1.00 9.29  ? 86  LYS A CA  1 
ATOM   322  C C   . LYS A 1 45  ? 2.501   -16.361 8.102   1.00 9.17  ? 86  LYS A C   1 
ATOM   323  O O   . LYS A 1 45  ? 2.390   -17.392 7.435   1.00 9.80  ? 86  LYS A O   1 
ATOM   324  C CB  . LYS A 1 45  ? 0.281   -15.375 7.551   1.00 9.30  ? 86  LYS A CB  1 
ATOM   325  C CG  . LYS A 1 45  ? -0.991  -14.632 7.948   1.00 10.30 ? 86  LYS A CG  1 
ATOM   326  C CD  . LYS A 1 45  ? -1.828  -15.394 8.949   1.00 11.04 ? 86  LYS A CD  1 
ATOM   327  C CE  . LYS A 1 45  ? -3.109  -14.633 9.267   0.70 11.12 ? 86  LYS A CE  1 
ATOM   328  N NZ  . LYS A 1 45  ? -3.910  -15.284 10.339  0.70 11.20 ? 86  LYS A NZ  1 
ATOM   329  N N   . GLY A 1 46  ? 3.677   -15.781 8.329   1.00 9.04  ? 87  GLY A N   1 
ATOM   330  C CA  . GLY A 1 46  ? 4.927   -16.324 7.793   1.00 9.01  ? 87  GLY A CA  1 
ATOM   331  C C   . GLY A 1 46  ? 5.424   -15.609 6.549   1.00 8.74  ? 87  GLY A C   1 
ATOM   332  O O   . GLY A 1 46  ? 6.443   -15.992 5.970   1.00 9.27  ? 87  GLY A O   1 
ATOM   333  N N   . PHE A 1 47  ? 4.700   -14.572 6.134   1.00 8.23  ? 88  PHE A N   1 
ATOM   334  C CA  . PHE A 1 47  ? 5.072   -13.756 4.983   1.00 7.76  ? 88  PHE A CA  1 
ATOM   335  C C   . PHE A 1 47  ? 4.430   -12.382 5.115   1.00 7.22  ? 88  PHE A C   1 
ATOM   336  O O   . PHE A 1 47  ? 3.524   -12.188 5.925   1.00 6.88  ? 88  PHE A O   1 
ATOM   337  C CB  . PHE A 1 47  ? 4.643   -14.415 3.666   1.00 7.95  ? 88  PHE A CB  1 
ATOM   338  C CG  . PHE A 1 47  ? 3.186   -14.800 3.613   1.00 8.25  ? 88  PHE A CG  1 
ATOM   339  C CD1 . PHE A 1 47  ? 2.227   -13.906 3.142   1.00 8.58  ? 88  PHE A CD1 1 
ATOM   340  C CD2 . PHE A 1 47  ? 2.776   -16.062 4.018   1.00 9.56  ? 88  PHE A CD2 1 
ATOM   341  C CE1 . PHE A 1 47  ? 0.883   -14.264 3.084   1.00 9.19  ? 88  PHE A CE1 1 
ATOM   342  C CE2 . PHE A 1 47  ? 1.435   -16.429 3.965   1.00 9.83  ? 88  PHE A CE2 1 
ATOM   343  C CZ  . PHE A 1 47  ? 0.485   -15.524 3.497   1.00 9.52  ? 88  PHE A CZ  1 
ATOM   344  N N   . GLY A 1 48  ? 4.907   -11.432 4.320   1.00 6.57  ? 89  GLY A N   1 
ATOM   345  C CA  . GLY A 1 48  ? 4.357   -10.086 4.347   1.00 6.19  ? 89  GLY A CA  1 
ATOM   346  C C   . GLY A 1 48  ? 5.280   -9.040  3.763   1.00 5.89  ? 89  GLY A C   1 
ATOM   347  O O   . GLY A 1 48  ? 6.208   -9.361  3.017   1.00 5.68  ? 89  GLY A O   1 
ATOM   348  N N   . TYR A 1 49  ? 5.029   -7.783  4.128   1.00 5.70  ? 90  TYR A N   1 
ATOM   349  C CA  . TYR A 1 49  ? 5.651   -6.642  3.462   1.00 5.67  ? 90  TYR A CA  1 
ATOM   350  C C   . TYR A 1 49  ? 7.098   -6.359  3.853   1.00 5.83  ? 90  TYR A C   1 
ATOM   351  O O   . TYR A 1 49  ? 7.799   -5.681  3.110   1.00 5.72  ? 90  TYR A O   1 
ATOM   352  C CB  . TYR A 1 49  ? 4.829   -5.372  3.707   1.00 5.59  ? 90  TYR A CB  1 
ATOM   353  C CG  . TYR A 1 49  ? 3.419   -5.414  3.147   1.00 5.21  ? 90  TYR A CG  1 
ATOM   354  C CD1 . TYR A 1 49  ? 3.179   -5.797  1.827   1.00 4.65  ? 90  TYR A CD1 1 
ATOM   355  C CD2 . TYR A 1 49  ? 2.326   -5.053  3.929   1.00 4.71  ? 90  TYR A CD2 1 
ATOM   356  C CE1 . TYR A 1 49  ? 1.886   -5.822  1.306   1.00 4.63  ? 90  TYR A CE1 1 
ATOM   357  C CE2 . TYR A 1 49  ? 1.032   -5.077  3.420   1.00 4.30  ? 90  TYR A CE2 1 
ATOM   358  C CZ  . TYR A 1 49  ? 0.815   -5.461  2.107   1.00 4.02  ? 90  TYR A CZ  1 
ATOM   359  O OH  . TYR A 1 49  ? -0.468  -5.482  1.595   1.00 3.65  ? 90  TYR A OH  1 
ATOM   360  N N   . LYS A 1 50  ? 7.541   -6.844  5.013   1.00 6.11  ? 91  LYS A N   1 
ATOM   361  C CA  . LYS A 1 50  ? 8.879   -6.521  5.494   1.00 6.48  ? 91  LYS A CA  1 
ATOM   362  C C   . LYS A 1 50  ? 9.919   -6.919  4.455   1.00 6.59  ? 91  LYS A C   1 
ATOM   363  O O   . LYS A 1 50  ? 9.946   -8.068  4.002   1.00 6.48  ? 91  LYS A O   1 
ATOM   364  C CB  . LYS A 1 50  ? 9.175   -7.209  6.829   1.00 6.60  ? 91  LYS A CB  1 
ATOM   365  C CG  . LYS A 1 50  ? 10.494  -6.773  7.450   0.90 7.78  ? 91  LYS A CG  1 
ATOM   366  C CD  . LYS A 1 50  ? 10.825  -7.582  8.690   0.80 9.22  ? 91  LYS A CD  1 
ATOM   367  C CE  . LYS A 1 50  ? 12.172  -7.174  9.272   0.70 10.32 ? 91  LYS A CE  1 
ATOM   368  N NZ  . LYS A 1 50  ? 12.161  -5.783  9.781   0.70 11.93 ? 91  LYS A NZ  1 
ATOM   369  N N   . GLY A 1 51  ? 10.748  -5.956  4.059   1.00 6.88  ? 92  GLY A N   1 
ATOM   370  C CA  . GLY A 1 51  ? 11.829  -6.198  3.108   1.00 7.30  ? 92  GLY A CA  1 
ATOM   371  C C   . GLY A 1 51  ? 11.474  -5.962  1.651   1.00 7.59  ? 92  GLY A C   1 
ATOM   372  O O   . GLY A 1 51  ? 12.362  -5.968  0.794   1.00 8.48  ? 92  GLY A O   1 
ATOM   373  N N   . SER A 1 52  ? 10.189  -5.751  1.360   1.00 7.68  ? 93  SER A N   1 
ATOM   374  C CA  . SER A 1 52  ? 9.728   -5.526  -0.013  1.00 7.55  ? 93  SER A CA  1 
ATOM   375  C C   . SER A 1 52  ? 9.800   -4.032  -0.367  1.00 7.45  ? 93  SER A C   1 
ATOM   376  O O   . SER A 1 52  ? 10.223  -3.212  0.455   1.00 7.63  ? 93  SER A O   1 
ATOM   377  C CB  . SER A 1 52  ? 8.318   -6.102  -0.212  1.00 7.49  ? 93  SER A CB  1 
ATOM   378  O OG  . SER A 1 52  ? 7.360   -5.449  0.600   1.00 8.04  ? 93  SER A OG  1 
ATOM   379  N N   . THR A 1 53  ? 9.406   -3.686  -1.591  1.00 6.91  ? 94  THR A N   1 
ATOM   380  C CA  . THR A 1 53  ? 9.701   -2.368  -2.153  1.00 6.86  ? 94  THR A CA  1 
ATOM   381  C C   . THR A 1 53  ? 8.473   -1.623  -2.663  1.00 6.70  ? 94  THR A C   1 
ATOM   382  O O   . THR A 1 53  ? 7.426   -2.229  -2.912  1.00 6.72  ? 94  THR A O   1 
ATOM   383  C CB  . THR A 1 53  ? 10.670  -2.493  -3.353  1.00 6.82  ? 94  THR A CB  1 
ATOM   384  O OG1 . THR A 1 53  ? 9.986   -3.074  -4.478  1.00 6.83  ? 94  THR A OG1 1 
ATOM   385  C CG2 . THR A 1 53  ? 11.879  -3.342  -2.985  1.00 6.76  ? 94  THR A CG2 1 
ATOM   386  N N   . PHE A 1 54  ? 8.621   -0.307  -2.817  1.00 6.28  ? 95  PHE A N   1 
ATOM   387  C CA  . PHE A 1 54  ? 7.739   0.476   -3.687  1.00 6.16  ? 95  PHE A CA  1 
ATOM   388  C C   . PHE A 1 54  ? 8.326   0.381   -5.097  1.00 6.13  ? 95  PHE A C   1 
ATOM   389  O O   . PHE A 1 54  ? 9.364   0.982   -5.381  1.00 6.09  ? 95  PHE A O   1 
ATOM   390  C CB  . PHE A 1 54  ? 7.653   1.935   -3.238  1.00 6.22  ? 95  PHE A CB  1 
ATOM   391  C CG  . PHE A 1 54  ? 6.759   2.156   -2.053  1.00 5.83  ? 95  PHE A CG  1 
ATOM   392  C CD1 . PHE A 1 54  ? 7.198   1.857   -0.772  1.00 6.34  ? 95  PHE A CD1 1 
ATOM   393  C CD2 . PHE A 1 54  ? 5.478   2.667   -2.221  1.00 5.87  ? 95  PHE A CD2 1 
ATOM   394  C CE1 . PHE A 1 54  ? 6.376   2.060   0.328   1.00 6.42  ? 95  PHE A CE1 1 
ATOM   395  C CE2 . PHE A 1 54  ? 4.648   2.875   -1.127  1.00 6.00  ? 95  PHE A CE2 1 
ATOM   396  C CZ  . PHE A 1 54  ? 5.095   2.572   0.147   1.00 6.49  ? 95  PHE A CZ  1 
ATOM   397  N N   . HIS A 1 55  ? 7.677   -0.397  -5.964  1.00 6.02  ? 96  HIS A N   1 
ATOM   398  C CA  . HIS A 1 55  ? 8.240   -0.735  -7.279  1.00 5.92  ? 96  HIS A CA  1 
ATOM   399  C C   . HIS A 1 55  ? 7.696   0.132   -8.413  1.00 6.02  ? 96  HIS A C   1 
ATOM   400  O O   . HIS A 1 55  ? 8.276   0.162   -9.501  1.00 5.85  ? 96  HIS A O   1 
ATOM   401  C CB  . HIS A 1 55  ? 7.964   -2.206  -7.611  1.00 6.06  ? 96  HIS A CB  1 
ATOM   402  C CG  . HIS A 1 55  ? 6.523   -2.492  -7.881  1.00 5.86  ? 96  HIS A CG  1 
ATOM   403  N ND1 . HIS A 1 55  ? 5.626   -2.795  -6.880  1.00 5.88  ? 96  HIS A ND1 1 
ATOM   404  C CD2 . HIS A 1 55  ? 5.814   -2.491  -9.035  1.00 6.30  ? 96  HIS A CD2 1 
ATOM   405  C CE1 . HIS A 1 55  ? 4.429   -2.976  -7.408  1.00 6.00  ? 96  HIS A CE1 1 
ATOM   406  N NE2 . HIS A 1 55  ? 4.516   -2.793  -8.713  1.00 5.69  ? 96  HIS A NE2 1 
ATOM   407  N N   . ARG A 1 56  ? 6.569   0.794   -8.169  1.00 5.74  ? 97  ARG A N   1 
ATOM   408  C CA  . ARG A 1 56  ? 5.921   1.636   -9.166  1.00 6.24  ? 97  ARG A CA  1 
ATOM   409  C C   . ARG A 1 56  ? 5.464   2.919   -8.489  1.00 5.99  ? 97  ARG A C   1 
ATOM   410  O O   . ARG A 1 56  ? 4.574   2.894   -7.637  1.00 5.94  ? 97  ARG A O   1 
ATOM   411  C CB  . ARG A 1 56  ? 4.731   0.900   -9.788  1.00 6.44  ? 97  ARG A CB  1 
ATOM   412  C CG  . ARG A 1 56  ? 3.926   1.713   -10.795 1.00 7.94  ? 97  ARG A CG  1 
ATOM   413  C CD  . ARG A 1 56  ? 2.727   0.930   -11.322 0.90 9.59  ? 97  ARG A CD  1 
ATOM   414  N NE  . ARG A 1 56  ? 1.934   1.744   -12.249 0.90 10.40 ? 97  ARG A NE  1 
ATOM   415  C CZ  . ARG A 1 56  ? 0.605   1.846   -12.258 0.70 11.75 ? 97  ARG A CZ  1 
ATOM   416  N NH1 . ARG A 1 56  ? -0.153  1.181   -11.394 0.70 12.14 ? 97  ARG A NH1 1 
ATOM   417  N NH2 . ARG A 1 56  ? 0.021   2.626   -13.161 0.70 12.14 ? 97  ARG A NH2 1 
ATOM   418  N N   . VAL A 1 57  ? 6.099   4.029   -8.851  1.00 5.72  ? 98  VAL A N   1 
ATOM   419  C CA  . VAL A 1 57  ? 5.793   5.329   -8.260  1.00 5.88  ? 98  VAL A CA  1 
ATOM   420  C C   . VAL A 1 57  ? 5.657   6.354   -9.371  1.00 5.97  ? 98  VAL A C   1 
ATOM   421  O O   . VAL A 1 57  ? 6.572   6.528   -10.178 1.00 5.54  ? 98  VAL A O   1 
ATOM   422  C CB  . VAL A 1 57  ? 6.883   5.767   -7.264  1.00 5.83  ? 98  VAL A CB  1 
ATOM   423  C CG1 . VAL A 1 57  ? 6.540   7.116   -6.648  1.00 6.17  ? 98  VAL A CG1 1 
ATOM   424  C CG2 . VAL A 1 57  ? 7.061   4.714   -6.176  1.00 6.28  ? 98  VAL A CG2 1 
ATOM   425  N N   . ILE A 1 58  ? 4.500   7.012   -9.418  1.00 6.30  ? 99  ILE A N   1 
ATOM   426  C CA  . ILE A 1 58  ? 4.195   7.983   -10.459 1.00 6.66  ? 99  ILE A CA  1 
ATOM   427  C C   . ILE A 1 58  ? 3.843   9.328   -9.819  1.00 6.92  ? 99  ILE A C   1 
ATOM   428  O O   . ILE A 1 58  ? 2.804   9.447   -9.160  1.00 6.52  ? 99  ILE A O   1 
ATOM   429  C CB  . ILE A 1 58  ? 3.025   7.512   -11.342 1.00 6.58  ? 99  ILE A CB  1 
ATOM   430  C CG1 . ILE A 1 58  ? 3.377   6.189   -12.026 1.00 7.31  ? 99  ILE A CG1 1 
ATOM   431  C CG2 . ILE A 1 58  ? 2.683   8.577   -12.376 1.00 6.93  ? 99  ILE A CG2 1 
ATOM   432  C CD1 . ILE A 1 58  ? 2.258   5.629   -12.869 1.00 7.16  ? 99  ILE A CD1 1 
ATOM   433  N N   . PRO A 1 59  ? 4.712   10.342  -10.000 1.00 7.49  ? 100 PRO A N   1 
ATOM   434  C CA  . PRO A 1 59  ? 4.437   11.664  -9.423  1.00 7.81  ? 100 PRO A CA  1 
ATOM   435  C C   . PRO A 1 59  ? 3.087   12.238  -9.848  1.00 7.78  ? 100 PRO A C   1 
ATOM   436  O O   . PRO A 1 59  ? 2.667   12.058  -10.999 1.00 8.21  ? 100 PRO A O   1 
ATOM   437  C CB  . PRO A 1 59  ? 5.588   12.527  -9.950  1.00 7.73  ? 100 PRO A CB  1 
ATOM   438  C CG  . PRO A 1 59  ? 6.685   11.573  -10.202 1.00 8.12  ? 100 PRO A CG  1 
ATOM   439  C CD  . PRO A 1 59  ? 6.031   10.300  -10.659 1.00 7.78  ? 100 PRO A CD  1 
ATOM   440  N N   . SER A 1 60  ? 2.422   12.907  -8.907  1.00 7.82  ? 101 SER A N   1 
ATOM   441  C CA  . SER A 1 60  ? 1.065   13.444  -9.079  1.00 8.02  ? 101 SER A CA  1 
ATOM   442  C C   . SER A 1 60  ? 0.016   12.356  -9.351  1.00 7.69  ? 101 SER A C   1 
ATOM   443  O O   . SER A 1 60  ? -1.015  12.615  -9.976  1.00 8.05  ? 101 SER A O   1 
ATOM   444  C CB  . SER A 1 60  ? 1.036   14.526  -10.174 1.00 8.15  ? 101 SER A CB  1 
ATOM   445  O OG  . SER A 1 60  ? 1.916   15.589  -9.842  0.80 9.30  ? 101 SER A OG  1 
ATOM   446  N N   . PHE A 1 61  ? 0.279   11.142  -8.872  1.00 7.34  ? 102 PHE A N   1 
ATOM   447  C CA  . PHE A 1 61  ? -0.680  10.051  -8.974  1.00 6.84  ? 102 PHE A CA  1 
ATOM   448  C C   . PHE A 1 61  ? -0.647  9.195   -7.701  1.00 6.38  ? 102 PHE A C   1 
ATOM   449  O O   . PHE A 1 61  ? -1.508  9.347   -6.835  1.00 5.52  ? 102 PHE A O   1 
ATOM   450  C CB  . PHE A 1 61  ? -0.424  9.233   -10.249 1.00 7.01  ? 102 PHE A CB  1 
ATOM   451  C CG  . PHE A 1 61  ? -1.346  8.044   -10.436 1.00 7.62  ? 102 PHE A CG  1 
ATOM   452  C CD1 . PHE A 1 61  ? -2.599  7.972   -9.814  1.00 7.83  ? 102 PHE A CD1 1 
ATOM   453  C CD2 . PHE A 1 61  ? -0.966  7.003   -11.274 1.00 8.41  ? 102 PHE A CD2 1 
ATOM   454  C CE1 . PHE A 1 61  ? -3.425  6.876   -10.004 1.00 8.49  ? 102 PHE A CE1 1 
ATOM   455  C CE2 . PHE A 1 61  ? -1.800  5.905   -11.477 1.00 8.87  ? 102 PHE A CE2 1 
ATOM   456  C CZ  . PHE A 1 61  ? -3.029  5.843   -10.840 1.00 8.51  ? 102 PHE A CZ  1 
ATOM   457  N N   . MET A 1 62  ? 0.351   8.324   -7.571  1.00 6.07  ? 103 MET A N   1 
ATOM   458  C CA  . MET A 1 62  ? 0.378   7.382   -6.450  1.00 5.90  ? 103 MET A CA  1 
ATOM   459  C C   . MET A 1 62  ? 1.715   6.662   -6.296  1.00 5.41  ? 103 MET A C   1 
ATOM   460  O O   . MET A 1 62  ? 2.554   6.676   -7.200  1.00 5.35  ? 103 MET A O   1 
ATOM   461  C CB  . MET A 1 62  ? -0.763  6.359   -6.583  1.00 6.31  ? 103 MET A CB  1 
ATOM   462  C CG  . MET A 1 62  ? -0.726  5.508   -7.850  1.00 7.40  ? 103 MET A CG  1 
ATOM   463  S SD  . MET A 1 62  ? 0.322   4.054   -7.681  1.00 10.08 ? 103 MET A SD  1 
ATOM   464  C CE  . MET A 1 62  ? 1.026   3.932   -9.325  1.00 10.74 ? 103 MET A CE  1 
ATOM   465  N N   . CYS A 1 63  ? 1.895   6.052   -5.128  1.00 4.61  ? 104 CYS A N   1 
ATOM   466  C CA  . CYS A 1 63  ? 3.053   5.208   -4.830  1.00 4.61  ? 104 CYS A CA  1 
ATOM   467  C C   . CYS A 1 63  ? 2.552   3.794   -4.576  1.00 4.43  ? 104 CYS A C   1 
ATOM   468  O O   . CYS A 1 63  ? 1.735   3.589   -3.671  1.00 4.06  ? 104 CYS A O   1 
ATOM   469  C CB  . CYS A 1 63  ? 3.777   5.716   -3.581  1.00 4.66  ? 104 CYS A CB  1 
ATOM   470  S SG  . CYS A 1 63  ? 4.160   7.476   -3.612  1.00 5.12  ? 104 CYS A SG  1 
ATOM   471  N N   . GLN A 1 64  ? 3.047   2.832   -5.355  1.00 4.46  ? 105 GLN A N   1 
ATOM   472  C CA  . GLN A 1 64  ? 2.578   1.446   -5.291  1.00 4.34  ? 105 GLN A CA  1 
ATOM   473  C C   . GLN A 1 64  ? 3.644   0.500   -4.743  1.00 4.36  ? 105 GLN A C   1 
ATOM   474  O O   . GLN A 1 64  ? 4.819   0.600   -5.084  1.00 4.27  ? 105 GLN A O   1 
ATOM   475  C CB  . GLN A 1 64  ? 2.119   0.969   -6.669  1.00 4.61  ? 105 GLN A CB  1 
ATOM   476  C CG  . GLN A 1 64  ? 1.497   -0.420  -6.691  1.00 4.39  ? 105 GLN A CG  1 
ATOM   477  C CD  . GLN A 1 64  ? 0.851   -0.748  -8.023  1.00 5.17  ? 105 GLN A CD  1 
ATOM   478  O OE1 . GLN A 1 64  ? 0.371   0.138   -8.725  1.00 6.52  ? 105 GLN A OE1 1 
ATOM   479  N NE2 . GLN A 1 64  ? 0.822   -2.029  -8.371  1.00 5.80  ? 105 GLN A NE2 1 
ATOM   480  N N   . ALA A 1 65  ? 3.205   -0.425  -3.897  1.00 4.46  ? 106 ALA A N   1 
ATOM   481  C CA  . ALA A 1 65  ? 4.085   -1.380  -3.236  1.00 4.41  ? 106 ALA A CA  1 
ATOM   482  C C   . ALA A 1 65  ? 3.331   -2.690  -3.012  1.00 4.71  ? 106 ALA A C   1 
ATOM   483  O O   . ALA A 1 65  ? 2.212   -2.865  -3.505  1.00 4.82  ? 106 ALA A O   1 
ATOM   484  C CB  . ALA A 1 65  ? 4.563   -0.804  -1.905  1.00 4.51  ? 106 ALA A CB  1 
ATOM   485  N N   . GLY A 1 66  ? 3.958   -3.613  -2.289  1.00 5.01  ? 107 GLY A N   1 
ATOM   486  C CA  . GLY A 1 66  ? 3.277   -4.807  -1.797  1.00 5.31  ? 107 GLY A CA  1 
ATOM   487  C C   . GLY A 1 66  ? 3.502   -6.075  -2.594  1.00 5.56  ? 107 GLY A C   1 
ATOM   488  O O   . GLY A 1 66  ? 2.955   -7.122  -2.242  1.00 5.34  ? 107 GLY A O   1 
ATOM   489  N N   . ASP A 1 67  ? 4.289   -5.999  -3.668  1.00 5.82  ? 108 ASP A N   1 
ATOM   490  C CA  . ASP A 1 67  ? 4.657   -7.206  -4.406  1.00 6.30  ? 108 ASP A CA  1 
ATOM   491  C C   . ASP A 1 67  ? 5.873   -7.845  -3.737  1.00 6.73  ? 108 ASP A C   1 
ATOM   492  O O   . ASP A 1 67  ? 7.013   -7.652  -4.168  1.00 6.95  ? 108 ASP A O   1 
ATOM   493  C CB  . ASP A 1 67  ? 4.928   -6.916  -5.887  1.00 6.39  ? 108 ASP A CB  1 
ATOM   494  C CG  . ASP A 1 67  ? 5.213   -8.182  -6.685  1.00 6.59  ? 108 ASP A CG  1 
ATOM   495  O OD1 . ASP A 1 67  ? 5.296   -9.266  -6.071  1.00 6.49  ? 108 ASP A OD1 1 
ATOM   496  O OD2 . ASP A 1 67  ? 5.361   -8.100  -7.926  1.00 7.16  ? 108 ASP A OD2 1 
ATOM   497  N N   . PHE A 1 68  ? 5.616   -8.611  -2.681  1.00 7.44  ? 109 PHE A N   1 
ATOM   498  C CA  . PHE A 1 68  ? 6.695   -9.214  -1.897  1.00 7.90  ? 109 PHE A CA  1 
ATOM   499  C C   . PHE A 1 68  ? 7.161   -10.568 -2.439  1.00 8.38  ? 109 PHE A C   1 
ATOM   500  O O   . PHE A 1 68  ? 8.059   -11.174 -1.859  1.00 8.86  ? 109 PHE A O   1 
ATOM   501  C CB  . PHE A 1 68  ? 6.330   -9.305  -0.404  1.00 8.03  ? 109 PHE A CB  1 
ATOM   502  C CG  . PHE A 1 68  ? 5.088   -10.106 -0.112  1.00 8.12  ? 109 PHE A CG  1 
ATOM   503  C CD1 . PHE A 1 68  ? 5.120   -11.497 -0.109  1.00 8.89  ? 109 PHE A CD1 1 
ATOM   504  C CD2 . PHE A 1 68  ? 3.891   -9.469  0.190   1.00 8.43  ? 109 PHE A CD2 1 
ATOM   505  C CE1 . PHE A 1 68  ? 3.975   -12.234 0.169   1.00 9.30  ? 109 PHE A CE1 1 
ATOM   506  C CE2 . PHE A 1 68  ? 2.749   -10.201 0.467   1.00 8.69  ? 109 PHE A CE2 1 
ATOM   507  C CZ  . PHE A 1 68  ? 2.790   -11.583 0.454   1.00 8.71  ? 109 PHE A CZ  1 
ATOM   508  N N   . THR A 1 69  ? 6.574   -11.032 -3.544  1.00 8.53  ? 110 THR A N   1 
ATOM   509  C CA  . THR A 1 69  ? 7.006   -12.287 -4.177  1.00 8.90  ? 110 THR A CA  1 
ATOM   510  C C   . THR A 1 69  ? 7.862   -12.048 -5.426  0.80 9.01  ? 110 THR A C   1 
ATOM   511  O O   . THR A 1 69  ? 8.881   -12.713 -5.610  0.80 9.18  ? 110 THR A O   1 
ATOM   512  C CB  . THR A 1 69  ? 5.813   -13.216 -4.524  1.00 8.75  ? 110 THR A CB  1 
ATOM   513  O OG1 . THR A 1 69  ? 4.976   -12.607 -5.514  1.00 9.09  ? 110 THR A OG1 1 
ATOM   514  C CG2 . THR A 1 69  ? 4.988   -13.534 -3.280  1.00 9.30  ? 110 THR A CG2 1 
ATOM   515  N N   . ASN A 1 70  ? 7.455   -11.100 -6.271  1.00 9.40  ? 111 ASN A N   1 
ATOM   516  C CA  . ASN A 1 70  ? 8.160   -10.811 -7.533  1.00 9.84  ? 111 ASN A CA  1 
ATOM   517  C C   . ASN A 1 70  ? 8.811   -9.429  -7.622  0.90 9.75  ? 111 ASN A C   1 
ATOM   518  O O   . ASN A 1 70  ? 9.616   -9.181  -8.526  0.80 9.51  ? 111 ASN A O   1 
ATOM   519  C CB  . ASN A 1 70  ? 7.198   -10.986 -8.713  1.00 10.12 ? 111 ASN A CB  1 
ATOM   520  C CG  . ASN A 1 70  ? 6.717   -12.419 -8.871  1.00 11.00 ? 111 ASN A CG  1 
ATOM   521  O OD1 . ASN A 1 70  ? 7.267   -13.345 -8.272  1.00 13.84 ? 111 ASN A OD1 1 
ATOM   522  N ND2 . ASN A 1 70  ? 5.685   -12.607 -9.685  1.00 10.62 ? 111 ASN A ND2 1 
ATOM   523  N N   . HIS A 1 71  ? 8.436   -8.528  -6.714  0.90 9.61  ? 112 HIS A N   1 
ATOM   524  C CA  . HIS A 1 71  ? 9.034   -7.191  -6.607  0.90 9.63  ? 112 HIS A CA  1 
ATOM   525  C C   . HIS A 1 71  ? 8.963   -6.358  -7.896  0.90 9.43  ? 112 HIS A C   1 
ATOM   526  O O   . HIS A 1 71  ? 9.818   -5.501  -8.136  0.90 9.56  ? 112 HIS A O   1 
ATOM   527  C CB  . HIS A 1 71  ? 10.486  -7.314  -6.114  0.90 9.82  ? 112 HIS A CB  1 
ATOM   528  C CG  . HIS A 1 71  ? 10.632  -8.182  -4.902  0.90 10.37 ? 112 HIS A CG  1 
ATOM   529  N ND1 . HIS A 1 71  ? 10.281  -7.760  -3.638  0.90 10.99 ? 112 HIS A ND1 1 
ATOM   530  C CD2 . HIS A 1 71  ? 11.070  -9.457  -4.766  0.90 11.18 ? 112 HIS A CD2 1 
ATOM   531  C CE1 . HIS A 1 71  ? 10.503  -8.734  -2.773  0.90 11.13 ? 112 HIS A CE1 1 
ATOM   532  N NE2 . HIS A 1 71  ? 10.983  -9.774  -3.431  0.90 12.18 ? 112 HIS A NE2 1 
ATOM   533  N N   . ASN A 1 72  ? 7.939   -6.595  -8.715  0.90 8.99  ? 113 ASN A N   1 
ATOM   534  C CA  . ASN A 1 72  ? 7.815   -5.896  -10.000 1.00 8.88  ? 113 ASN A CA  1 
ATOM   535  C C   . ASN A 1 72  ? 6.392   -5.574  -10.467 0.95 8.56  ? 113 ASN A C   1 
ATOM   536  O O   . ASN A 1 72  ? 6.208   -5.014  -11.551 0.95 8.39  ? 113 ASN A O   1 
ATOM   537  C CB  . ASN A 1 72  ? 8.572   -6.671  -11.091 1.00 9.07  ? 113 ASN A CB  1 
ATOM   538  C CG  . ASN A 1 72  ? 7.978   -8.040  -11.378 1.00 9.43  ? 113 ASN A CG  1 
ATOM   539  O OD1 . ASN A 1 72  ? 6.837   -8.345  -11.011 1.00 8.78  ? 113 ASN A OD1 1 
ATOM   540  N ND2 . ASN A 1 72  ? 8.757   -8.877  -12.054 1.00 10.38 ? 113 ASN A ND2 1 
ATOM   541  N N   . GLY A 1 73  ? 5.393   -5.908  -9.655  1.00 8.05  ? 114 GLY A N   1 
ATOM   542  C CA  . GLY A 1 73  ? 4.000   -5.629  -9.988  1.00 7.78  ? 114 GLY A CA  1 
ATOM   543  C C   . GLY A 1 73  ? 3.199   -6.820  -10.487 1.00 7.56  ? 114 GLY A C   1 
ATOM   544  O O   . GLY A 1 73  ? 2.000   -6.697  -10.718 0.95 7.63  ? 114 GLY A O   1 
ATOM   545  N N   . THR A 1 74  ? 3.847   -7.972  -10.646 1.00 7.46  ? 115 THR A N   1 
ATOM   546  C CA  . THR A 1 74  ? 3.162   -9.172  -11.139 1.00 7.45  ? 115 THR A CA  1 
ATOM   547  C C   . THR A 1 74  ? 2.772   -10.151 -10.032 1.00 7.46  ? 115 THR A C   1 
ATOM   548  O O   . THR A 1 74  ? 2.039   -11.105 -10.287 1.00 7.97  ? 115 THR A O   1 
ATOM   549  C CB  . THR A 1 74  ? 4.027   -9.942  -12.156 1.00 7.27  ? 115 THR A CB  1 
ATOM   550  O OG1 . THR A 1 74  ? 5.237   -10.385 -11.527 1.00 8.19  ? 115 THR A OG1 1 
ATOM   551  C CG2 . THR A 1 74  ? 4.349   -9.067  -13.377 1.00 6.89  ? 115 THR A CG2 1 
ATOM   552  N N   . GLY A 1 75  ? 3.252   -9.922  -8.814  1.00 7.48  ? 116 GLY A N   1 
ATOM   553  C CA  . GLY A 1 75  ? 3.116   -10.904 -7.746  1.00 7.38  ? 116 GLY A CA  1 
ATOM   554  C C   . GLY A 1 75  ? 2.369   -10.438 -6.515  1.00 7.47  ? 116 GLY A C   1 
ATOM   555  O O   . GLY A 1 75  ? 1.491   -9.578  -6.584  1.00 7.55  ? 116 GLY A O   1 
ATOM   556  N N   . GLY A 1 76  ? 2.744   -11.017 -5.380  1.00 7.59  ? 117 GLY A N   1 
ATOM   557  C CA  . GLY A 1 76  ? 2.046   -10.805 -4.128  1.00 7.47  ? 117 GLY A CA  1 
ATOM   558  C C   . GLY A 1 76  ? 0.994   -11.872 -3.907  1.00 7.31  ? 117 GLY A C   1 
ATOM   559  O O   . GLY A 1 76  ? 0.580   -12.569 -4.841  1.00 7.49  ? 117 GLY A O   1 
ATOM   560  N N   . LYS A 1 77  ? 0.570   -12.008 -2.658  1.00 7.10  ? 118 LYS A N   1 
ATOM   561  C CA  . LYS A 1 77  ? -0.498  -12.929 -2.291  1.00 7.00  ? 118 LYS A CA  1 
ATOM   562  C C   . LYS A 1 77  ? -1.168  -12.434 -1.017  1.00 6.64  ? 118 LYS A C   1 
ATOM   563  O O   . LYS A 1 77  ? -0.550  -11.721 -0.226  1.00 6.50  ? 118 LYS A O   1 
ATOM   564  C CB  . LYS A 1 77  ? 0.045   -14.349 -2.098  1.00 7.44  ? 118 LYS A CB  1 
ATOM   565  C CG  . LYS A 1 77  ? 1.056   -14.506 -0.979  1.00 8.54  ? 118 LYS A CG  1 
ATOM   566  C CD  . LYS A 1 77  ? 1.605   -15.932 -0.922  1.00 10.57 ? 118 LYS A CD  1 
ATOM   567  C CE  . LYS A 1 77  ? 2.648   -16.072 0.163   1.00 11.82 ? 118 LYS A CE  1 
ATOM   568  N NZ  . LYS A 1 77  ? 3.016   -17.486 0.434   1.00 12.68 ? 118 LYS A NZ  1 
ATOM   569  N N   . SER A 1 78  ? -2.430  -12.805 -0.834  1.00 6.27  ? 119 SER A N   1 
ATOM   570  C CA  . SER A 1 78  ? -3.187  -12.413 0.353   1.00 5.71  ? 119 SER A CA  1 
ATOM   571  C C   . SER A 1 78  ? -3.012  -13.460 1.445   1.00 5.42  ? 119 SER A C   1 
ATOM   572  O O   . SER A 1 78  ? -2.469  -14.546 1.211   1.00 4.97  ? 119 SER A O   1 
ATOM   573  C CB  . SER A 1 78  ? -4.677  -12.239 0.017   1.00 5.75  ? 119 SER A CB  1 
ATOM   574  O OG  . SER A 1 78  ? -5.377  -13.477 0.018   1.00 5.74  ? 119 SER A OG  1 
ATOM   575  N N   . ILE A 1 79  ? -3.504  -13.146 2.635   1.00 4.92  ? 120 ILE A N   1 
ATOM   576  C CA  . ILE A 1 79  ? -3.501  -14.117 3.725   1.00 5.03  ? 120 ILE A CA  1 
ATOM   577  C C   . ILE A 1 79  ? -4.564  -15.209 3.530   1.00 5.10  ? 120 ILE A C   1 
ATOM   578  O O   . ILE A 1 79  ? -4.576  -16.182 4.278   1.00 5.61  ? 120 ILE A O   1 
ATOM   579  C CB  . ILE A 1 79  ? -3.694  -13.446 5.104   1.00 4.83  ? 120 ILE A CB  1 
ATOM   580  C CG1 . ILE A 1 79  ? -5.090  -12.827 5.231   1.00 4.62  ? 120 ILE A CG1 1 
ATOM   581  C CG2 . ILE A 1 79  ? -2.598  -12.391 5.341   1.00 4.76  ? 120 ILE A CG2 1 
ATOM   582  C CD1 . ILE A 1 79  ? -5.407  -12.360 6.626   1.00 4.56  ? 120 ILE A CD1 1 
ATOM   583  N N   . TYR A 1 80  ? -5.440  -15.044 2.536   1.00 5.10  ? 121 TYR A N   1 
ATOM   584  C CA  . TYR A 1 80  ? -6.540  -15.987 2.274   1.00 4.82  ? 121 TYR A CA  1 
ATOM   585  C C   . TYR A 1 80  ? -6.240  -16.986 1.158   1.00 4.94  ? 121 TYR A C   1 
ATOM   586  O O   . TYR A 1 80  ? -6.892  -18.023 1.059   1.00 4.84  ? 121 TYR A O   1 
ATOM   587  C CB  . TYR A 1 80  ? -7.805  -15.223 1.889   1.00 5.00  ? 121 TYR A CB  1 
ATOM   588  C CG  . TYR A 1 80  ? -8.155  -14.106 2.842   1.00 4.47  ? 121 TYR A CG  1 
ATOM   589  C CD1 . TYR A 1 80  ? -8.493  -14.376 4.158   1.00 4.92  ? 121 TYR A CD1 1 
ATOM   590  C CD2 . TYR A 1 80  ? -8.135  -12.780 2.425   1.00 5.21  ? 121 TYR A CD2 1 
ATOM   591  C CE1 . TYR A 1 80  ? -8.803  -13.358 5.043   1.00 4.57  ? 121 TYR A CE1 1 
ATOM   592  C CE2 . TYR A 1 80  ? -8.447  -11.754 3.299   1.00 4.49  ? 121 TYR A CE2 1 
ATOM   593  C CZ  . TYR A 1 80  ? -8.781  -12.048 4.609   1.00 4.69  ? 121 TYR A CZ  1 
ATOM   594  O OH  . TYR A 1 80  ? -9.092  -11.035 5.484   1.00 4.37  ? 121 TYR A OH  1 
ATOM   595  N N   . GLY A 1 81  ? -5.262  -16.655 0.324   1.00 5.10  ? 122 GLY A N   1 
ATOM   596  C CA  . GLY A 1 81  ? -5.006  -17.364 -0.932  1.00 5.11  ? 122 GLY A CA  1 
ATOM   597  C C   . GLY A 1 81  ? -4.354  -16.376 -1.874  1.00 5.46  ? 122 GLY A C   1 
ATOM   598  O O   . GLY A 1 81  ? -3.984  -15.282 -1.455  1.00 5.16  ? 122 GLY A O   1 
ATOM   599  N N   . SER A 1 82  ? -4.207  -16.728 -3.146  1.00 5.65  ? 123 SER A N   1 
ATOM   600  C CA  . SER A 1 82  ? -3.473  -15.846 -4.056  1.00 6.09  ? 123 SER A CA  1 
ATOM   601  C C   . SER A 1 82  ? -4.229  -14.544 -4.294  1.00 5.95  ? 123 SER A C   1 
ATOM   602  O O   . SER A 1 82  ? -3.616  -13.484 -4.345  1.00 6.31  ? 123 SER A O   1 
ATOM   603  C CB  . SER A 1 82  ? -3.135  -16.540 -5.378  1.00 6.35  ? 123 SER A CB  1 
ATOM   604  O OG  . SER A 1 82  ? -4.298  -16.922 -6.073  1.00 7.89  ? 123 SER A OG  1 
ATOM   605  N N   . ARG A 1 83  ? -5.555  -14.628 -4.417  1.00 5.80  ? 124 ARG A N   1 
ATOM   606  C CA  . ARG A 1 83  ? -6.398  -13.458 -4.663  1.00 5.81  ? 124 ARG A CA  1 
ATOM   607  C C   . ARG A 1 83  ? -7.685  -13.529 -3.849  1.00 5.35  ? 124 ARG A C   1 
ATOM   608  O O   . ARG A 1 83  ? -8.129  -14.612 -3.469  1.00 5.04  ? 124 ARG A O   1 
ATOM   609  C CB  A ARG A 1 83  ? -6.764  -13.356 -6.148  0.70 6.05  ? 124 ARG A CB  1 
ATOM   610  C CB  B ARG A 1 83  ? -6.726  -13.356 -6.149  0.30 5.89  ? 124 ARG A CB  1 
ATOM   611  C CG  A ARG A 1 83  ? -5.584  -13.313 -7.110  0.70 7.29  ? 124 ARG A CG  1 
ATOM   612  C CG  B ARG A 1 83  ? -5.512  -13.073 -7.004  0.30 6.48  ? 124 ARG A CG  1 
ATOM   613  C CD  A ARG A 1 83  ? -4.843  -11.992 -7.044  0.70 8.59  ? 124 ARG A CD  1 
ATOM   614  C CD  B ARG A 1 83  ? -5.799  -13.262 -8.463  0.30 7.24  ? 124 ARG A CD  1 
ATOM   615  N NE  A ARG A 1 83  ? -3.691  -11.979 -7.945  0.70 10.43 ? 124 ARG A NE  1 
ATOM   616  N NE  B ARG A 1 83  ? -4.850  -12.503 -9.260  0.30 7.94  ? 124 ARG A NE  1 
ATOM   617  C CZ  A ARG A 1 83  ? -2.417  -12.132 -7.582  0.70 12.08 ? 124 ARG A CZ  1 
ATOM   618  C CZ  B ARG A 1 83  ? -4.929  -12.352 -10.575 0.30 8.26  ? 124 ARG A CZ  1 
ATOM   619  N NH1 A ARG A 1 83  ? -2.072  -12.293 -6.311  0.70 11.48 ? 124 ARG A NH1 1 
ATOM   620  N NH1 B ARG A 1 83  ? -5.910  -12.918 -11.259 0.30 8.25  ? 124 ARG A NH1 1 
ATOM   621  N NH2 A ARG A 1 83  ? -1.468  -12.102 -8.512  0.70 13.21 ? 124 ARG A NH2 1 
ATOM   622  N NH2 B ARG A 1 83  ? -4.020  -11.634 -11.203 0.30 8.62  ? 124 ARG A NH2 1 
ATOM   623  N N   . PHE A 1 84  ? -8.283  -12.371 -3.583  1.00 4.68  ? 125 PHE A N   1 
ATOM   624  C CA  . PHE A 1 84  ? -9.589  -12.339 -2.931  1.00 4.48  ? 125 PHE A CA  1 
ATOM   625  C C   . PHE A 1 84  ? -10.490 -11.252 -3.527  1.00 4.51  ? 125 PHE A C   1 
ATOM   626  O O   . PHE A 1 84  ? -9.999  -10.327 -4.186  1.00 4.60  ? 125 PHE A O   1 
ATOM   627  C CB  . PHE A 1 84  ? -9.453  -12.232 -1.400  1.00 4.46  ? 125 PHE A CB  1 
ATOM   628  C CG  . PHE A 1 84  ? -8.890  -10.922 -0.906  1.00 4.16  ? 125 PHE A CG  1 
ATOM   629  C CD1 . PHE A 1 84  ? -7.527  -10.661 -0.980  1.00 3.86  ? 125 PHE A CD1 1 
ATOM   630  C CD2 . PHE A 1 84  ? -9.720  -9.976  -0.315  1.00 4.41  ? 125 PHE A CD2 1 
ATOM   631  C CE1 . PHE A 1 84  ? -7.002  -9.459  -0.497  1.00 3.57  ? 125 PHE A CE1 1 
ATOM   632  C CE2 . PHE A 1 84  ? -9.202  -8.774  0.168   1.00 4.07  ? 125 PHE A CE2 1 
ATOM   633  C CZ  . PHE A 1 84  ? -7.842  -8.520  0.073   1.00 3.72  ? 125 PHE A CZ  1 
ATOM   634  N N   . PRO A 1 85  ? -11.813 -11.384 -3.338  1.00 4.54  ? 126 PRO A N   1 
ATOM   635  C CA  . PRO A 1 85  ? -12.765 -10.482 -3.996  1.00 4.59  ? 126 PRO A CA  1 
ATOM   636  C C   . PRO A 1 85  ? -12.701 -9.026  -3.554  1.00 4.45  ? 126 PRO A C   1 
ATOM   637  O O   . PRO A 1 85  ? -12.189 -8.715  -2.471  1.00 4.04  ? 126 PRO A O   1 
ATOM   638  C CB  . PRO A 1 85  ? -14.136 -11.056 -3.612  1.00 4.82  ? 126 PRO A CB  1 
ATOM   639  C CG  . PRO A 1 85  ? -13.890 -12.408 -3.115  1.00 4.91  ? 126 PRO A CG  1 
ATOM   640  C CD  . PRO A 1 85  ? -12.500 -12.460 -2.601  1.00 4.77  ? 126 PRO A CD  1 
ATOM   641  N N   . ASP A 1 86  ? -13.226 -8.149  -4.408  1.00 4.41  ? 127 ASP A N   1 
ATOM   642  C CA  . ASP A 1 86  ? -13.474 -6.759  -4.041  1.00 4.40  ? 127 ASP A CA  1 
ATOM   643  C C   . ASP A 1 86  ? -14.558 -6.735  -2.976  1.00 4.51  ? 127 ASP A C   1 
ATOM   644  O O   . ASP A 1 86  ? -15.701 -7.118  -3.232  1.00 4.93  ? 127 ASP A O   1 
ATOM   645  C CB  . ASP A 1 86  ? -13.934 -5.945  -5.252  1.00 4.38  ? 127 ASP A CB  1 
ATOM   646  C CG  . ASP A 1 86  ? -12.889 -5.876  -6.340  1.00 4.48  ? 127 ASP A CG  1 
ATOM   647  O OD1 . ASP A 1 86  ? -11.706 -5.658  -6.009  1.00 3.73  ? 127 ASP A OD1 1 
ATOM   648  O OD2 . ASP A 1 86  ? -13.258 -6.042  -7.526  1.00 3.77  ? 127 ASP A OD2 1 
ATOM   649  N N   . GLU A 1 87  ? -14.192 -6.296  -1.779  1.00 4.45  ? 128 GLU A N   1 
ATOM   650  C CA  . GLU A 1 87  ? -15.089 -6.357  -0.630  1.00 4.38  ? 128 GLU A CA  1 
ATOM   651  C C   . GLU A 1 87  ? -16.261 -5.402  -0.810  1.00 4.38  ? 128 GLU A C   1 
ATOM   652  O O   . GLU A 1 87  ? -17.417 -5.790  -0.676  1.00 4.86  ? 128 GLU A O   1 
ATOM   653  C CB  . GLU A 1 87  ? -14.314 -6.034  0.641   1.00 4.38  ? 128 GLU A CB  1 
ATOM   654  C CG  . GLU A 1 87  ? -15.072 -6.303  1.920   1.00 4.37  ? 128 GLU A CG  1 
ATOM   655  C CD  . GLU A 1 87  ? -14.159 -6.383  3.127   1.00 4.32  ? 128 GLU A CD  1 
ATOM   656  O OE1 . GLU A 1 87  ? -12.978 -5.970  3.028   1.00 4.15  ? 128 GLU A OE1 1 
ATOM   657  O OE2 . GLU A 1 87  ? -14.618 -6.874  4.178   1.00 4.63  ? 128 GLU A OE2 1 
ATOM   658  N N   . ASN A 1 88  ? -15.939 -4.149  -1.103  1.00 4.28  ? 129 ASN A N   1 
ATOM   659  C CA  . ASN A 1 88  ? -16.919 -3.154  -1.523  1.00 4.30  ? 129 ASN A CA  1 
ATOM   660  C C   . ASN A 1 88  ? -16.170 -1.934  -2.048  1.00 4.29  ? 129 ASN A C   1 
ATOM   661  O O   . ASN A 1 88  ? -14.940 -1.867  -1.944  1.00 4.31  ? 129 ASN A O   1 
ATOM   662  C CB  . ASN A 1 88  ? -17.875 -2.772  -0.380  1.00 4.24  ? 129 ASN A CB  1 
ATOM   663  C CG  . ASN A 1 88  ? -17.157 -2.189  0.829   1.00 4.69  ? 129 ASN A CG  1 
ATOM   664  O OD1 . ASN A 1 88  ? -16.516 -1.145  0.739   1.00 4.61  ? 129 ASN A OD1 1 
ATOM   665  N ND2 . ASN A 1 88  ? -17.288 -2.852  1.975   1.00 4.53  ? 129 ASN A ND2 1 
ATOM   666  N N   . PHE A 1 89  ? -16.910 -0.980  -2.602  1.00 4.22  ? 130 PHE A N   1 
ATOM   667  C CA  . PHE A 1 89  ? -16.322 0.256   -3.116  1.00 4.32  ? 130 PHE A CA  1 
ATOM   668  C C   . PHE A 1 89  ? -16.849 1.464   -2.346  1.00 4.54  ? 130 PHE A C   1 
ATOM   669  O O   . PHE A 1 89  ? -16.954 2.571   -2.882  1.00 4.31  ? 130 PHE A O   1 
ATOM   670  C CB  . PHE A 1 89  ? -16.594 0.371   -4.618  1.00 4.44  ? 130 PHE A CB  1 
ATOM   671  C CG  . PHE A 1 89  ? -16.008 -0.767  -5.419  1.00 4.43  ? 130 PHE A CG  1 
ATOM   672  C CD1 . PHE A 1 89  ? -14.631 -0.900  -5.547  1.00 5.43  ? 130 PHE A CD1 1 
ATOM   673  C CD2 . PHE A 1 89  ? -16.827 -1.702  -6.041  1.00 4.99  ? 130 PHE A CD2 1 
ATOM   674  C CE1 . PHE A 1 89  ? -14.078 -1.946  -6.276  1.00 5.01  ? 130 PHE A CE1 1 
ATOM   675  C CE2 . PHE A 1 89  ? -16.275 -2.756  -6.778  1.00 5.10  ? 130 PHE A CE2 1 
ATOM   676  C CZ  . PHE A 1 89  ? -14.898 -2.871  -6.895  1.00 4.98  ? 130 PHE A CZ  1 
ATOM   677  N N   . THR A 1 90  ? -17.152 1.252   -1.068  1.00 4.37  ? 131 THR A N   1 
ATOM   678  C CA  . THR A 1 90  ? -17.845 2.261   -0.273  1.00 4.77  ? 131 THR A CA  1 
ATOM   679  C C   . THR A 1 90  ? -16.977 3.491   -0.022  1.00 4.72  ? 131 THR A C   1 
ATOM   680  O O   . THR A 1 90  ? -17.444 4.617   -0.192  1.00 5.18  ? 131 THR A O   1 
ATOM   681  C CB  . THR A 1 90  ? -18.351 1.672   1.041   1.00 5.06  ? 131 THR A CB  1 
ATOM   682  O OG1 . THR A 1 90  ? -19.253 0.599   0.743   1.00 5.32  ? 131 THR A OG1 1 
ATOM   683  C CG2 . THR A 1 90  ? -19.074 2.736   1.882   1.00 5.58  ? 131 THR A CG2 1 
ATOM   684  N N   . LEU A 1 91  ? -15.720 3.279   0.366   1.00 4.76  ? 132 LEU A N   1 
ATOM   685  C CA  . LEU A 1 91  ? -14.772 4.387   0.526   1.00 4.68  ? 132 LEU A CA  1 
ATOM   686  C C   . LEU A 1 91  ? -14.274 4.845   -0.848  1.00 4.66  ? 132 LEU A C   1 
ATOM   687  O O   . LEU A 1 91  ? -14.040 4.025   -1.736  1.00 4.77  ? 132 LEU A O   1 
ATOM   688  C CB  . LEU A 1 91  ? -13.595 3.980   1.421   1.00 4.60  ? 132 LEU A CB  1 
ATOM   689  C CG  . LEU A 1 91  ? -13.922 3.858   2.918   1.00 4.59  ? 132 LEU A CG  1 
ATOM   690  C CD1 . LEU A 1 91  ? -12.910 2.953   3.631   1.00 5.26  ? 132 LEU A CD1 1 
ATOM   691  C CD2 . LEU A 1 91  ? -13.984 5.228   3.585   1.00 5.36  ? 132 LEU A CD2 1 
ATOM   692  N N   . LYS A 1 92  ? -14.123 6.155   -1.017  1.00 4.60  ? 133 LYS A N   1 
ATOM   693  C CA  . LYS A 1 92  ? -13.743 6.734   -2.306  1.00 4.80  ? 133 LYS A CA  1 
ATOM   694  C C   . LYS A 1 92  ? -12.317 7.287   -2.294  1.00 4.83  ? 133 LYS A C   1 
ATOM   695  O O   . LYS A 1 92  ? -11.736 7.543   -1.239  1.00 4.79  ? 133 LYS A O   1 
ATOM   696  C CB  . LYS A 1 92  ? -14.738 7.830   -2.707  1.00 5.01  ? 133 LYS A CB  1 
ATOM   697  C CG  . LYS A 1 92  ? -16.213 7.392   -2.635  1.00 5.69  ? 133 LYS A CG  1 
ATOM   698  C CD  . LYS A 1 92  ? -16.497 6.146   -3.472  1.00 6.79  ? 133 LYS A CD  1 
ATOM   699  C CE  . LYS A 1 92  ? -17.959 5.725   -3.407  1.00 7.42  ? 133 LYS A CE  1 
ATOM   700  N NZ  . LYS A 1 92  ? -18.226 4.481   -4.191  1.00 8.08  ? 133 LYS A NZ  1 
ATOM   701  N N   . HIS A 1 93  ? -11.758 7.448   -3.490  1.00 4.83  ? 134 HIS A N   1 
ATOM   702  C CA  . HIS A 1 93  ? -10.420 8.011   -3.657  1.00 5.03  ? 134 HIS A CA  1 
ATOM   703  C C   . HIS A 1 93  ? -10.534 9.534   -3.599  1.00 5.30  ? 134 HIS A C   1 
ATOM   704  O O   . HIS A 1 93  ? -10.522 10.214  -4.624  1.00 5.57  ? 134 HIS A O   1 
ATOM   705  C CB  . HIS A 1 93  ? -9.827  7.540   -4.982  1.00 5.01  ? 134 HIS A CB  1 
ATOM   706  C CG  . HIS A 1 93  ? -9.656  6.053   -5.074  1.00 4.90  ? 134 HIS A CG  1 
ATOM   707  N ND1 . HIS A 1 93  ? -10.692 5.205   -5.401  1.00 4.17  ? 134 HIS A ND1 1 
ATOM   708  C CD2 . HIS A 1 93  ? -8.573  5.265   -4.876  1.00 4.41  ? 134 HIS A CD2 1 
ATOM   709  C CE1 . HIS A 1 93  ? -10.252 3.959   -5.409  1.00 4.52  ? 134 HIS A CE1 1 
ATOM   710  N NE2 . HIS A 1 93  ? -8.970  3.967   -5.088  1.00 4.75  ? 134 HIS A NE2 1 
ATOM   711  N N   . VAL A 1 94  ? -10.649 10.056  -2.380  1.00 5.55  ? 135 VAL A N   1 
ATOM   712  C CA  . VAL A 1 94  ? -11.046 11.451  -2.155  1.00 5.95  ? 135 VAL A CA  1 
ATOM   713  C C   . VAL A 1 94  ? -9.901  12.462  -2.230  1.00 6.00  ? 135 VAL A C   1 
ATOM   714  O O   . VAL A 1 94  ? -10.140 13.657  -2.424  1.00 6.43  ? 135 VAL A O   1 
ATOM   715  C CB  . VAL A 1 94  ? -11.763 11.613  -0.789  1.00 5.69  ? 135 VAL A CB  1 
ATOM   716  C CG1 . VAL A 1 94  ? -13.109 10.894  -0.805  1.00 6.60  ? 135 VAL A CG1 1 
ATOM   717  C CG2 . VAL A 1 94  ? -10.883 11.114  0.358   1.00 6.21  ? 135 VAL A CG2 1 
ATOM   718  N N   . GLY A 1 95  ? -8.666  11.997  -2.075  1.00 6.06  ? 136 GLY A N   1 
ATOM   719  C CA  . GLY A 1 95  ? -7.521  12.896  -2.084  1.00 5.98  ? 136 GLY A CA  1 
ATOM   720  C C   . GLY A 1 95  ? -6.207  12.232  -1.728  1.00 5.84  ? 136 GLY A C   1 
ATOM   721  O O   . GLY A 1 95  ? -6.135  11.006  -1.589  1.00 5.65  ? 136 GLY A O   1 
ATOM   722  N N   . PRO A 1 96  ? -5.149  13.044  -1.568  1.00 5.56  ? 137 PRO A N   1 
ATOM   723  C CA  . PRO A 1 96  ? -3.852  12.529  -1.144  1.00 5.44  ? 137 PRO A CA  1 
ATOM   724  C C   . PRO A 1 96  ? -3.957  11.817  0.199   1.00 5.10  ? 137 PRO A C   1 
ATOM   725  O O   . PRO A 1 96  ? -4.638  12.308  1.100   1.00 5.51  ? 137 PRO A O   1 
ATOM   726  C CB  . PRO A 1 96  ? -2.992  13.791  -1.008  1.00 5.45  ? 137 PRO A CB  1 
ATOM   727  C CG  . PRO A 1 96  ? -3.701  14.842  -1.783  1.00 5.79  ? 137 PRO A CG  1 
ATOM   728  C CD  . PRO A 1 96  ? -5.144  14.511  -1.710  1.00 5.45  ? 137 PRO A CD  1 
ATOM   729  N N   . GLY A 1 97  ? -3.300  10.668  0.321   1.00 4.75  ? 138 GLY A N   1 
ATOM   730  C CA  . GLY A 1 97  ? -3.260  9.925   1.575   1.00 4.43  ? 138 GLY A CA  1 
ATOM   731  C C   . GLY A 1 97  ? -4.161  8.708   1.589   1.00 4.19  ? 138 GLY A C   1 
ATOM   732  O O   . GLY A 1 97  ? -4.085  7.894   2.507   1.00 4.06  ? 138 GLY A O   1 
ATOM   733  N N   . VAL A 1 98  ? -5.017  8.580   0.575   1.00 3.68  ? 139 VAL A N   1 
ATOM   734  C CA  . VAL A 1 98  ? -5.879  7.409   0.443   1.00 3.62  ? 139 VAL A CA  1 
ATOM   735  C C   . VAL A 1 98  ? -5.042  6.146   0.202   1.00 3.49  ? 139 VAL A C   1 
ATOM   736  O O   . VAL A 1 98  ? -4.124  6.146   -0.627  1.00 2.90  ? 139 VAL A O   1 
ATOM   737  C CB  . VAL A 1 98  ? -6.908  7.595   -0.697  1.00 3.91  ? 139 VAL A CB  1 
ATOM   738  C CG1 . VAL A 1 98  ? -7.621  6.276   -1.022  1.00 4.27  ? 139 VAL A CG1 1 
ATOM   739  C CG2 . VAL A 1 98  ? -7.916  8.683   -0.324  1.00 4.04  ? 139 VAL A CG2 1 
ATOM   740  N N   . LEU A 1 99  ? -5.365  5.095   0.958   1.00 3.46  ? 140 LEU A N   1 
ATOM   741  C CA  . LEU A 1 99  ? -4.742  3.775   0.846   1.00 3.61  ? 140 LEU A CA  1 
ATOM   742  C C   . LEU A 1 99  ? -5.736  2.839   0.169   1.00 3.61  ? 140 LEU A C   1 
ATOM   743  O O   . LEU A 1 99  ? -6.853  2.662   0.664   1.00 3.50  ? 140 LEU A O   1 
ATOM   744  C CB  . LEU A 1 99  ? -4.403  3.239   2.237   1.00 3.77  ? 140 LEU A CB  1 
ATOM   745  C CG  . LEU A 1 99  ? -3.845  1.822   2.345   1.00 3.92  ? 140 LEU A CG  1 
ATOM   746  C CD1 . LEU A 1 99  ? -2.491  1.736   1.662   1.00 4.55  ? 140 LEU A CD1 1 
ATOM   747  C CD2 . LEU A 1 99  ? -3.750  1.398   3.808   1.00 4.05  ? 140 LEU A CD2 1 
ATOM   748  N N   . SER A 1 100 ? -5.321  2.228   -0.941  1.00 3.52  ? 141 SER A N   1 
ATOM   749  C CA  . SER A 1 100 ? -6.229  1.458   -1.798  1.00 3.56  ? 141 SER A CA  1 
ATOM   750  C C   . SER A 1 100 ? -5.522  0.225   -2.369  1.00 3.49  ? 141 SER A C   1 
ATOM   751  O O   . SER A 1 100 ? -4.295  0.203   -2.475  1.00 3.08  ? 141 SER A O   1 
ATOM   752  C CB  . SER A 1 100 ? -6.758  2.363   -2.918  1.00 3.86  ? 141 SER A CB  1 
ATOM   753  O OG  . SER A 1 100 ? -7.710  1.709   -3.744  1.00 4.10  ? 141 SER A OG  1 
ATOM   754  N N   . MET A 1 101 ? -6.299  -0.805  -2.708  1.00 3.49  ? 142 MET A N   1 
ATOM   755  C CA  . MET A 1 101 ? -5.737  -2.046  -3.240  1.00 3.49  ? 142 MET A CA  1 
ATOM   756  C C   . MET A 1 101 ? -5.465  -1.934  -4.734  1.00 3.63  ? 142 MET A C   1 
ATOM   757  O O   . MET A 1 101 ? -6.332  -1.527  -5.503  1.00 3.64  ? 142 MET A O   1 
ATOM   758  C CB  . MET A 1 101 ? -6.670  -3.238  -2.989  1.00 3.69  ? 142 MET A CB  1 
ATOM   759  C CG  . MET A 1 101 ? -6.794  -3.632  -1.531  1.00 3.94  ? 142 MET A CG  1 
ATOM   760  S SD  . MET A 1 101 ? -5.226  -4.147  -0.798  1.00 4.50  ? 142 MET A SD  1 
ATOM   761  C CE  . MET A 1 101 ? -4.996  -5.770  -1.530  1.00 4.71  ? 142 MET A CE  1 
ATOM   762  N N   . ALA A 1 102 ? -4.246  -2.289  -5.136  1.00 3.74  ? 143 ALA A N   1 
ATOM   763  C CA  . ALA A 1 102 ? -3.934  -2.461  -6.551  1.00 3.91  ? 143 ALA A CA  1 
ATOM   764  C C   . ALA A 1 102 ? -4.610  -3.744  -6.998  1.00 4.04  ? 143 ALA A C   1 
ATOM   765  O O   . ALA A 1 102 ? -4.933  -4.603  -6.173  1.00 4.05  ? 143 ALA A O   1 
ATOM   766  C CB  . ALA A 1 102 ? -2.425  -2.543  -6.768  1.00 3.94  ? 143 ALA A CB  1 
ATOM   767  N N   . ASN A 1 103 ? -4.855  -3.863  -8.296  1.00 4.37  ? 144 ASN A N   1 
ATOM   768  C CA  . ASN A 1 103 ? -5.442  -5.077  -8.837  1.00 4.61  ? 144 ASN A CA  1 
ATOM   769  C C   . ASN A 1 103 ? -5.156  -5.245  -10.325 1.00 5.01  ? 144 ASN A C   1 
ATOM   770  O O   . ASN A 1 103 ? -4.547  -4.371  -10.961 1.00 5.25  ? 144 ASN A O   1 
ATOM   771  C CB  . ASN A 1 103 ? -6.952  -5.148  -8.527  1.00 4.35  ? 144 ASN A CB  1 
ATOM   772  C CG  . ASN A 1 103 ? -7.775  -4.085  -9.252  1.00 4.51  ? 144 ASN A CG  1 
ATOM   773  O OD1 . ASN A 1 103 ? -7.652  -3.892  -10.463 1.00 4.95  ? 144 ASN A OD1 1 
ATOM   774  N ND2 . ASN A 1 103 ? -8.654  -3.420  -8.509  1.00 3.80  ? 144 ASN A ND2 1 
ATOM   775  N N   . ALA A 1 104 ? -5.571  -6.391  -10.853 1.00 5.43  ? 145 ALA A N   1 
ATOM   776  C CA  . ALA A 1 104 ? -5.442  -6.705  -12.273 1.00 5.79  ? 145 ALA A CA  1 
ATOM   777  C C   . ALA A 1 104 ? -6.833  -6.937  -12.864 1.00 6.05  ? 145 ALA A C   1 
ATOM   778  O O   . ALA A 1 104 ? -7.019  -7.791  -13.737 1.00 6.33  ? 145 ALA A O   1 
ATOM   779  C CB  . ALA A 1 104 ? -4.563  -7.931  -12.460 1.00 5.96  ? 145 ALA A CB  1 
ATOM   780  N N   . GLY A 1 105 ? -7.798  -6.148  -12.392 1.00 5.74  ? 146 GLY A N   1 
ATOM   781  C CA  . GLY A 1 105 ? -9.196  -6.275  -12.792 1.00 5.66  ? 146 GLY A CA  1 
ATOM   782  C C   . GLY A 1 105 ? -10.073 -6.658  -11.616 1.00 5.51  ? 146 GLY A C   1 
ATOM   783  O O   . GLY A 1 105 ? -9.582  -6.806  -10.497 1.00 5.05  ? 146 GLY A O   1 
ATOM   784  N N   . PRO A 1 106 ? -11.385 -6.821  -11.855 1.00 5.69  ? 147 PRO A N   1 
ATOM   785  C CA  . PRO A 1 106 ? -12.297 -7.170  -10.768 1.00 5.45  ? 147 PRO A CA  1 
ATOM   786  C C   . PRO A 1 106 ? -11.860 -8.407  -9.979  1.00 5.22  ? 147 PRO A C   1 
ATOM   787  O O   . PRO A 1 106 ? -11.406 -9.397  -10.567 1.00 5.27  ? 147 PRO A O   1 
ATOM   788  C CB  . PRO A 1 106 ? -13.624 -7.416  -11.492 1.00 5.68  ? 147 PRO A CB  1 
ATOM   789  C CG  . PRO A 1 106 ? -13.541 -6.555  -12.696 1.00 5.83  ? 147 PRO A CG  1 
ATOM   790  C CD  . PRO A 1 106 ? -12.105 -6.591  -13.119 1.00 5.98  ? 147 PRO A CD  1 
ATOM   791  N N   . ASN A 1 107 ? -11.966 -8.317  -8.656  1.00 4.81  ? 148 ASN A N   1 
ATOM   792  C CA  . ASN A 1 107 ? -11.732 -9.445  -7.747  1.00 4.56  ? 148 ASN A CA  1 
ATOM   793  C C   . ASN A 1 107 ? -10.356 -10.102 -7.888  1.00 4.40  ? 148 ASN A C   1 
ATOM   794  O O   . ASN A 1 107 ? -10.239 -11.333 -7.926  1.00 4.26  ? 148 ASN A O   1 
ATOM   795  C CB  . ASN A 1 107 ? -12.846 -10.479 -7.925  1.00 4.76  ? 148 ASN A CB  1 
ATOM   796  C CG  . ASN A 1 107 ? -14.219 -9.874  -7.760  1.00 4.76  ? 148 ASN A CG  1 
ATOM   797  O OD1 . ASN A 1 107 ? -14.549 -9.346  -6.699  1.00 4.75  ? 148 ASN A OD1 1 
ATOM   798  N ND2 . ASN A 1 107 ? -15.032 -9.947  -8.813  1.00 5.15  ? 148 ASN A ND2 1 
ATOM   799  N N   . THR A 1 108 ? -9.314  -9.274  -7.949  1.00 4.19  ? 149 THR A N   1 
ATOM   800  C CA  . THR A 1 108 ? -7.938  -9.773  -8.030  1.00 4.21  ? 149 THR A CA  1 
ATOM   801  C C   . THR A 1 108 ? -7.028  -9.102  -7.001  1.00 4.17  ? 149 THR A C   1 
ATOM   802  O O   . THR A 1 108 ? -5.849  -8.857  -7.260  1.00 5.07  ? 149 THR A O   1 
ATOM   803  C CB  . THR A 1 108 ? -7.349  -9.606  -9.449  1.00 4.07  ? 149 THR A CB  1 
ATOM   804  O OG1 . THR A 1 108 ? -7.372  -8.227  -9.834  1.00 4.23  ? 149 THR A OG1 1 
ATOM   805  C CG2 . THR A 1 108 ? -8.146  -10.438 -10.453 1.00 4.33  ? 149 THR A CG2 1 
ATOM   806  N N   . ASN A 1 109 ? -7.584  -8.818  -5.830  1.00 4.09  ? 150 ASN A N   1 
ATOM   807  C CA  . ASN A 1 109 ? -6.802  -8.271  -4.725  1.00 4.14  ? 150 ASN A CA  1 
ATOM   808  C C   . ASN A 1 109 ? -5.855  -9.323  -4.196  1.00 4.13  ? 150 ASN A C   1 
ATOM   809  O O   . ASN A 1 109 ? -6.236  -10.476 -4.053  1.00 4.41  ? 150 ASN A O   1 
ATOM   810  C CB  . ASN A 1 109 ? -7.728  -7.814  -3.610  1.00 4.04  ? 150 ASN A CB  1 
ATOM   811  C CG  . ASN A 1 109 ? -8.714  -6.785  -4.085  1.00 4.17  ? 150 ASN A CG  1 
ATOM   812  O OD1 . ASN A 1 109 ? -8.349  -5.633  -4.328  1.00 5.12  ? 150 ASN A OD1 1 
ATOM   813  N ND2 . ASN A 1 109 ? -9.967  -7.200  -4.262  1.00 3.33  ? 150 ASN A ND2 1 
ATOM   814  N N   . GLY A 1 110 ? -4.617  -8.928  -3.926  1.00 4.26  ? 151 GLY A N   1 
ATOM   815  C CA  . GLY A 1 110 ? -3.623  -9.839  -3.369  1.00 4.13  ? 151 GLY A CA  1 
ATOM   816  C C   . GLY A 1 110 ? -2.970  -9.168  -2.187  1.00 4.31  ? 151 GLY A C   1 
ATOM   817  O O   . GLY A 1 110 ? -3.533  -9.137  -1.096  1.00 4.35  ? 151 GLY A O   1 
ATOM   818  N N   . SER A 1 111 ? -1.780  -8.621  -2.416  1.00 4.13  ? 152 SER A N   1 
ATOM   819  C CA  . SER A 1 111 ? -1.081  -7.822  -1.411  1.00 4.16  ? 152 SER A CA  1 
ATOM   820  C C   . SER A 1 111 ? -0.662  -6.436  -1.910  1.00 3.98  ? 152 SER A C   1 
ATOM   821  O O   . SER A 1 111 ? -0.347  -5.559  -1.102  1.00 3.73  ? 152 SER A O   1 
ATOM   822  C CB  . SER A 1 111 ? 0.147   -8.572  -0.901  1.00 4.11  ? 152 SER A CB  1 
ATOM   823  O OG  . SER A 1 111 ? 0.996   -8.946  -1.967  1.00 4.70  ? 152 SER A OG  1 
ATOM   824  N N   . GLN A 1 112 ? -0.651  -6.223  -3.226  1.00 3.86  ? 153 GLN A N   1 
ATOM   825  C CA  . GLN A 1 112 ? -0.235  -4.935  -3.760  1.00 3.84  ? 153 GLN A CA  1 
ATOM   826  C C   . GLN A 1 112 ? -1.235  -3.846  -3.398  1.00 3.75  ? 153 GLN A C   1 
ATOM   827  O O   . GLN A 1 112 ? -2.461  -4.048  -3.441  1.00 3.83  ? 153 GLN A O   1 
ATOM   828  C CB  . GLN A 1 112 ? -0.023  -4.988  -5.267  1.00 3.76  ? 153 GLN A CB  1 
ATOM   829  C CG  . GLN A 1 112 ? 1.155   -5.843  -5.678  1.00 4.26  ? 153 GLN A CG  1 
ATOM   830  C CD  . GLN A 1 112 ? 1.434   -5.733  -7.151  1.00 4.54  ? 153 GLN A CD  1 
ATOM   831  O OE1 . GLN A 1 112 ? 1.652   -4.641  -7.666  1.00 4.21  ? 153 GLN A OE1 1 
ATOM   832  N NE2 . GLN A 1 112 ? 1.408   -6.863  -7.846  1.00 4.76  ? 153 GLN A NE2 1 
ATOM   833  N N   . PHE A 1 113 ? -0.686  -2.693  -3.036  1.00 3.86  ? 154 PHE A N   1 
ATOM   834  C CA  . PHE A 1 113 ? -1.465  -1.555  -2.582  1.00 3.78  ? 154 PHE A CA  1 
ATOM   835  C C   . PHE A 1 113 ? -0.826  -0.274  -3.085  1.00 3.87  ? 154 PHE A C   1 
ATOM   836  O O   . PHE A 1 113 ? 0.318   -0.274  -3.546  1.00 3.76  ? 154 PHE A O   1 
ATOM   837  C CB  . PHE A 1 113 ? -1.533  -1.535  -1.053  1.00 3.80  ? 154 PHE A CB  1 
ATOM   838  C CG  . PHE A 1 113 ? -0.199  -1.319  -0.381  1.00 3.60  ? 154 PHE A CG  1 
ATOM   839  C CD1 . PHE A 1 113 ? 0.208   -0.041  -0.013  1.00 4.04  ? 154 PHE A CD1 1 
ATOM   840  C CD2 . PHE A 1 113 ? 0.646   -2.391  -0.107  1.00 4.07  ? 154 PHE A CD2 1 
ATOM   841  C CE1 . PHE A 1 113 ? 1.423   0.163   0.610   1.00 4.29  ? 154 PHE A CE1 1 
ATOM   842  C CE2 . PHE A 1 113 ? 1.869   -2.194  0.522   1.00 4.24  ? 154 PHE A CE2 1 
ATOM   843  C CZ  . PHE A 1 113 ? 2.258   -0.912  0.882   1.00 3.99  ? 154 PHE A CZ  1 
ATOM   844  N N   . PHE A 1 114 ? -1.569  0.819   -3.002  1.00 3.74  ? 155 PHE A N   1 
ATOM   845  C CA  . PHE A 1 114 ? -1.015  2.116   -3.343  1.00 4.07  ? 155 PHE A CA  1 
ATOM   846  C C   . PHE A 1 114 ? -1.507  3.195   -2.404  1.00 4.10  ? 155 PHE A C   1 
ATOM   847  O O   . PHE A 1 114 ? -2.583  3.079   -1.811  1.00 4.03  ? 155 PHE A O   1 
ATOM   848  C CB  . PHE A 1 114 ? -1.265  2.488   -4.814  1.00 4.12  ? 155 PHE A CB  1 
ATOM   849  C CG  . PHE A 1 114 ? -2.723  2.577   -5.215  1.00 4.33  ? 155 PHE A CG  1 
ATOM   850  C CD1 . PHE A 1 114 ? -3.434  1.436   -5.566  1.00 5.18  ? 155 PHE A CD1 1 
ATOM   851  C CD2 . PHE A 1 114 ? -3.360  3.812   -5.311  1.00 4.70  ? 155 PHE A CD2 1 
ATOM   852  C CE1 . PHE A 1 114 ? -4.765  1.517   -5.965  1.00 5.67  ? 155 PHE A CE1 1 
ATOM   853  C CE2 . PHE A 1 114 ? -4.686  3.901   -5.715  1.00 5.67  ? 155 PHE A CE2 1 
ATOM   854  C CZ  . PHE A 1 114 ? -5.392  2.751   -6.038  1.00 5.47  ? 155 PHE A CZ  1 
ATOM   855  N N   . ILE A 1 115 ? -0.680  4.223   -2.252  1.00 4.15  ? 156 ILE A N   1 
ATOM   856  C CA  . ILE A 1 115 ? -1.028  5.412   -1.487  1.00 4.23  ? 156 ILE A CA  1 
ATOM   857  C C   . ILE A 1 115 ? -1.119  6.549   -2.489  1.00 4.45  ? 156 ILE A C   1 
ATOM   858  O O   . ILE A 1 115 ? -0.154  6.825   -3.212  1.00 4.29  ? 156 ILE A O   1 
ATOM   859  C CB  . ILE A 1 115 ? 0.025   5.737   -0.408  1.00 4.08  ? 156 ILE A CB  1 
ATOM   860  C CG1 . ILE A 1 115 ? 0.153   4.574   0.582   1.00 4.46  ? 156 ILE A CG1 1 
ATOM   861  C CG2 . ILE A 1 115 ? -0.345  7.023   0.326   1.00 4.46  ? 156 ILE A CG2 1 
ATOM   862  C CD1 . ILE A 1 115 ? 1.307   4.719   1.565   1.00 4.60  ? 156 ILE A CD1 1 
ATOM   863  N N   . CYS A 1 116 ? -2.282  7.186   -2.546  1.00 4.67  ? 157 CYS A N   1 
ATOM   864  C CA  . CYS A 1 116 ? -2.531  8.249   -3.514  1.00 5.12  ? 157 CYS A CA  1 
ATOM   865  C C   . CYS A 1 116 ? -1.832  9.531   -3.089  1.00 5.30  ? 157 CYS A C   1 
ATOM   866  O O   . CYS A 1 116 ? -1.740  9.825   -1.896  1.00 5.61  ? 157 CYS A O   1 
ATOM   867  C CB  . CYS A 1 116 ? -4.029  8.515   -3.639  1.00 5.20  ? 157 CYS A CB  1 
ATOM   868  S SG  . CYS A 1 116 ? -4.981  7.093   -4.196  1.00 5.98  ? 157 CYS A SG  1 
ATOM   869  N N   . THR A 1 117 ? -1.341  10.291  -4.065  1.00 5.56  ? 158 THR A N   1 
ATOM   870  C CA  . THR A 1 117 ? -0.778  11.618  -3.805  1.00 5.95  ? 158 THR A CA  1 
ATOM   871  C C   . THR A 1 117 ? -1.654  12.733  -4.400  1.00 6.31  ? 158 THR A C   1 
ATOM   872  O O   . THR A 1 117 ? -1.302  13.915  -4.348  1.00 6.12  ? 158 THR A O   1 
ATOM   873  C CB  . THR A 1 117 ? 0.652   11.718  -4.348  1.00 5.98  ? 158 THR A CB  1 
ATOM   874  O OG1 . THR A 1 117 ? 0.654   11.431  -5.752  1.00 6.51  ? 158 THR A OG1 1 
ATOM   875  C CG2 . THR A 1 117 ? 1.558   10.728  -3.624  1.00 5.87  ? 158 THR A CG2 1 
ATOM   876  N N   . ILE A 1 118 ? -2.798  12.333  -4.945  1.00 6.58  ? 159 ILE A N   1 
ATOM   877  C CA  . ILE A 1 118 ? -3.808  13.230  -5.485  1.00 6.82  ? 159 ILE A CA  1 
ATOM   878  C C   . ILE A 1 118 ? -5.175  12.557  -5.339  1.00 6.73  ? 159 ILE A C   1 
ATOM   879  O O   . ILE A 1 118 ? -5.250  11.377  -5.009  1.00 6.39  ? 159 ILE A O   1 
ATOM   880  C CB  . ILE A 1 118 ? -3.576  13.516  -6.985  0.90 6.85  ? 159 ILE A CB  1 
ATOM   881  C CG1 . ILE A 1 118 ? -3.675  12.227  -7.806  0.90 7.28  ? 159 ILE A CG1 1 
ATOM   882  C CG2 . ILE A 1 118 ? -2.222  14.170  -7.213  0.90 7.93  ? 159 ILE A CG2 1 
ATOM   883  C CD1 . ILE A 1 118 ? -3.922  12.457  -9.270  0.90 8.83  ? 159 ILE A CD1 1 
ATOM   884  N N   . LYS A 1 119 ? -6.248  13.300  -5.597  1.00 6.62  ? 160 LYS A N   1 
ATOM   885  C CA  . LYS A 1 119 ? -7.576  12.699  -5.732  1.00 6.86  ? 160 LYS A CA  1 
ATOM   886  C C   . LYS A 1 119 ? -7.582  11.851  -7.002  1.00 6.72  ? 160 LYS A C   1 
ATOM   887  O O   . LYS A 1 119 ? -7.335  12.371  -8.091  1.00 6.91  ? 160 LYS A O   1 
ATOM   888  C CB  . LYS A 1 119 ? -8.657  13.784  -5.808  1.00 6.98  ? 160 LYS A CB  1 
ATOM   889  C CG  . LYS A 1 119 ? -10.062 13.250  -6.009  1.00 7.69  ? 160 LYS A CG  1 
ATOM   890  C CD  . LYS A 1 119 ? -11.123 14.333  -5.882  1.00 10.13 ? 160 LYS A CD  1 
ATOM   891  C CE  . LYS A 1 119 ? -11.305 15.113  -7.169  0.60 10.86 ? 160 LYS A CE  1 
ATOM   892  N NZ  . LYS A 1 119 ? -12.513 15.993  -7.113  0.50 11.78 ? 160 LYS A NZ  1 
ATOM   893  N N   . THR A 1 120 ? -7.830  10.547  -6.866  1.00 6.64  ? 161 THR A N   1 
ATOM   894  C CA  . THR A 1 120 ? -7.862  9.647   -8.023  1.00 6.59  ? 161 THR A CA  1 
ATOM   895  C C   . THR A 1 120 ? -9.287  9.122   -8.244  1.00 6.81  ? 161 THR A C   1 
ATOM   896  O O   . THR A 1 120 ? -9.547  7.922   -8.142  1.00 6.35  ? 161 THR A O   1 
ATOM   897  C CB  . THR A 1 120 ? -6.844  8.479   -7.883  1.00 6.60  ? 161 THR A CB  1 
ATOM   898  O OG1 . THR A 1 120 ? -7.193  7.644   -6.773  1.00 5.78  ? 161 THR A OG1 1 
ATOM   899  C CG2 . THR A 1 120 ? -5.421  9.012   -7.686  1.00 6.68  ? 161 THR A CG2 1 
ATOM   900  N N   . ASP A 1 121 ? -10.202 10.033  -8.574  1.00 7.09  ? 162 ASP A N   1 
ATOM   901  C CA  . ASP A 1 121 ? -11.634 9.709   -8.591  1.00 7.59  ? 162 ASP A CA  1 
ATOM   902  C C   . ASP A 1 121 ? -12.035 8.649   -9.625  1.00 7.32  ? 162 ASP A C   1 
ATOM   903  O O   . ASP A 1 121 ? -13.019 7.933   -9.431  1.00 7.67  ? 162 ASP A O   1 
ATOM   904  C CB  . ASP A 1 121 ? -12.506 10.976  -8.718  1.00 8.11  ? 162 ASP A CB  1 
ATOM   905  C CG  . ASP A 1 121 ? -12.370 11.689  -10.063 1.00 9.86  ? 162 ASP A CG  1 
ATOM   906  O OD1 . ASP A 1 121 ? -13.133 12.656  -10.265 1.00 12.78 ? 162 ASP A OD1 1 
ATOM   907  O OD2 . ASP A 1 121 ? -11.523 11.318  -10.905 1.00 12.05 ? 162 ASP A OD2 1 
ATOM   908  N N   . TRP A 1 122 ? -11.252 8.528   -10.694 1.00 7.01  ? 163 TRP A N   1 
ATOM   909  C CA  . TRP A 1 122 ? -11.530 7.565   -11.759 1.00 6.73  ? 163 TRP A CA  1 
ATOM   910  C C   . TRP A 1 122 ? -11.330 6.108   -11.318 1.00 6.37  ? 163 TRP A C   1 
ATOM   911  O O   . TRP A 1 122 ? -11.767 5.181   -12.010 1.00 6.75  ? 163 TRP A O   1 
ATOM   912  C CB  . TRP A 1 122 ? -10.689 7.879   -13.006 1.00 6.77  ? 163 TRP A CB  1 
ATOM   913  C CG  . TRP A 1 122 ? -9.216  7.611   -12.866 1.00 7.40  ? 163 TRP A CG  1 
ATOM   914  C CD1 . TRP A 1 122 ? -8.559  6.467   -13.210 1.00 8.42  ? 163 TRP A CD1 1 
ATOM   915  C CD2 . TRP A 1 122 ? -8.215  8.512   -12.365 1.00 7.84  ? 163 TRP A CD2 1 
ATOM   916  N NE1 . TRP A 1 122 ? -7.218  6.591   -12.941 1.00 7.87  ? 163 TRP A NE1 1 
ATOM   917  C CE2 . TRP A 1 122 ? -6.978  7.835   -12.424 1.00 7.73  ? 163 TRP A CE2 1 
ATOM   918  C CE3 . TRP A 1 122 ? -8.245  9.823   -11.870 1.00 8.77  ? 163 TRP A CE3 1 
ATOM   919  C CZ2 . TRP A 1 122 ? -5.780  8.424   -12.011 1.00 8.36  ? 163 TRP A CZ2 1 
ATOM   920  C CZ3 . TRP A 1 122 ? -7.048  10.408  -11.456 1.00 8.51  ? 163 TRP A CZ3 1 
ATOM   921  C CH2 . TRP A 1 122 ? -5.837  9.705   -11.530 1.00 8.40  ? 163 TRP A CH2 1 
ATOM   922  N N   . LEU A 1 123 ? -10.678 5.913   -10.170 1.00 5.73  ? 164 LEU A N   1 
ATOM   923  C CA  . LEU A 1 123 ? -10.496 4.580   -9.591  1.00 5.44  ? 164 LEU A CA  1 
ATOM   924  C C   . LEU A 1 123 ? -11.660 4.156   -8.686  1.00 5.18  ? 164 LEU A C   1 
ATOM   925  O O   . LEU A 1 123 ? -11.733 2.992   -8.273  1.00 5.28  ? 164 LEU A O   1 
ATOM   926  C CB  . LEU A 1 123 ? -9.173  4.517   -8.823  1.00 5.54  ? 164 LEU A CB  1 
ATOM   927  C CG  . LEU A 1 123 ? -7.936  4.825   -9.671  1.00 4.86  ? 164 LEU A CG  1 
ATOM   928  C CD1 . LEU A 1 123 ? -6.661  4.725   -8.843  1.00 5.43  ? 164 LEU A CD1 1 
ATOM   929  C CD2 . LEU A 1 123 ? -7.864  3.895   -10.876 1.00 5.93  ? 164 LEU A CD2 1 
ATOM   930  N N   . ASP A 1 124 ? -12.579 5.079   -8.394  1.00 4.96  ? 165 ASP A N   1 
ATOM   931  C CA  . ASP A 1 124 ? -13.766 4.743   -7.610  1.00 4.97  ? 165 ASP A CA  1 
ATOM   932  C C   . ASP A 1 124 ? -14.568 3.658   -8.323  1.00 4.93  ? 165 ASP A C   1 
ATOM   933  O O   . ASP A 1 124 ? -14.815 3.748   -9.533  1.00 4.58  ? 165 ASP A O   1 
ATOM   934  C CB  . ASP A 1 124 ? -14.662 5.963   -7.387  1.00 5.09  ? 165 ASP A CB  1 
ATOM   935  C CG  . ASP A 1 124 ? -14.059 6.987   -6.437  1.00 5.29  ? 165 ASP A CG  1 
ATOM   936  O OD1 . ASP A 1 124 ? -13.025 6.706   -5.799  1.00 5.39  ? 165 ASP A OD1 1 
ATOM   937  O OD2 . ASP A 1 124 ? -14.645 8.089   -6.321  1.00 5.71  ? 165 ASP A OD2 1 
ATOM   938  N N   . GLY A 1 125 ? -14.969 2.638   -7.572  1.00 4.70  ? 166 GLY A N   1 
ATOM   939  C CA  . GLY A 1 125 ? -15.709 1.510   -8.132  1.00 4.98  ? 166 GLY A CA  1 
ATOM   940  C C   . GLY A 1 125 ? -14.842 0.473   -8.832  1.00 5.04  ? 166 GLY A C   1 
ATOM   941  O O   . GLY A 1 125 ? -15.359 -0.527  -9.332  1.00 4.87  ? 166 GLY A O   1 
ATOM   942  N N   . LYS A 1 126 ? -13.530 0.708   -8.876  1.00 5.01  ? 167 LYS A N   1 
ATOM   943  C CA  . LYS A 1 126 ? -12.586 -0.211  -9.514  1.00 5.32  ? 167 LYS A CA  1 
ATOM   944  C C   . LYS A 1 126 ? -11.537 -0.742  -8.532  1.00 4.96  ? 167 LYS A C   1 
ATOM   945  O O   . LYS A 1 126 ? -11.125 -1.899  -8.633  1.00 4.95  ? 167 LYS A O   1 
ATOM   946  C CB  . LYS A 1 126 ? -11.905 0.463   -10.710 1.00 5.60  ? 167 LYS A CB  1 
ATOM   947  C CG  . LYS A 1 126 ? -12.833 0.689   -11.901 0.90 7.15  ? 167 LYS A CG  1 
ATOM   948  C CD  . LYS A 1 126 ? -12.048 0.996   -13.166 0.80 8.55  ? 167 LYS A CD  1 
ATOM   949  C CE  . LYS A 1 126 ? -12.958 1.148   -14.373 0.60 9.24  ? 167 LYS A CE  1 
ATOM   950  N NZ  . LYS A 1 126 ? -13.772 2.383   -14.295 0.50 9.89  ? 167 LYS A NZ  1 
ATOM   951  N N   . HIS A 1 127 ? -11.102 0.105   -7.595  1.00 4.40  ? 168 HIS A N   1 
ATOM   952  C CA  . HIS A 1 127 ? -10.156 -0.287  -6.560  1.00 4.18  ? 168 HIS A CA  1 
ATOM   953  C C   . HIS A 1 127 ? -10.781 -0.109  -5.185  1.00 4.02  ? 168 HIS A C   1 
ATOM   954  O O   . HIS A 1 127 ? -11.487 0.872   -4.933  1.00 3.94  ? 168 HIS A O   1 
ATOM   955  C CB  . HIS A 1 127 ? -8.867  0.524   -6.684  1.00 4.22  ? 168 HIS A CB  1 
ATOM   956  C CG  . HIS A 1 127 ? -8.138  0.263   -7.963  1.00 4.09  ? 168 HIS A CG  1 
ATOM   957  N ND1 . HIS A 1 127 ? -7.065  -0.598  -8.046  1.00 3.83  ? 168 HIS A ND1 1 
ATOM   958  C CD2 . HIS A 1 127 ? -8.373  0.696   -9.224  1.00 3.61  ? 168 HIS A CD2 1 
ATOM   959  C CE1 . HIS A 1 127 ? -6.654  -0.662  -9.300  1.00 3.57  ? 168 HIS A CE1 1 
ATOM   960  N NE2 . HIS A 1 127 ? -7.429  0.116   -10.034 1.00 4.13  ? 168 HIS A NE2 1 
ATOM   961  N N   . VAL A 1 128 ? -10.513 -1.068  -4.305  1.00 3.69  ? 169 VAL A N   1 
ATOM   962  C CA  . VAL A 1 128 ? -11.038 -1.050  -2.948  1.00 3.71  ? 169 VAL A CA  1 
ATOM   963  C C   . VAL A 1 128 ? -10.170 -0.168  -2.055  1.00 3.45  ? 169 VAL A C   1 
ATOM   964  O O   . VAL A 1 128 ? -9.024  -0.506  -1.747  1.00 3.34  ? 169 VAL A O   1 
ATOM   965  C CB  . VAL A 1 128 ? -11.117 -2.478  -2.355  1.00 3.55  ? 169 VAL A CB  1 
ATOM   966  C CG1 . VAL A 1 128 ? -11.615 -2.441  -0.916  1.00 3.81  ? 169 VAL A CG1 1 
ATOM   967  C CG2 . VAL A 1 128 ? -12.024 -3.364  -3.210  1.00 4.07  ? 169 VAL A CG2 1 
ATOM   968  N N   . VAL A 1 129 ? -10.727 0.970   -1.657  1.00 3.30  ? 170 VAL A N   1 
ATOM   969  C CA  . VAL A 1 129 ? -10.107 1.842   -0.663  1.00 3.25  ? 170 VAL A CA  1 
ATOM   970  C C   . VAL A 1 129 ? -10.323 1.219   0.711   1.00 3.24  ? 170 VAL A C   1 
ATOM   971  O O   . VAL A 1 129 ? -11.436 0.787   1.031   1.00 2.83  ? 170 VAL A O   1 
ATOM   972  C CB  . VAL A 1 129 ? -10.719 3.253   -0.703  1.00 3.12  ? 170 VAL A CB  1 
ATOM   973  C CG1 . VAL A 1 129 ? -10.150 4.125   0.421   1.00 3.55  ? 170 VAL A CG1 1 
ATOM   974  C CG2 . VAL A 1 129 ? -10.474 3.893   -2.065  1.00 3.04  ? 170 VAL A CG2 1 
ATOM   975  N N   . PHE A 1 130 ? -9.264  1.155   1.516   1.00 3.33  ? 171 PHE A N   1 
ATOM   976  C CA  . PHE A 1 130 ? -9.361  0.514   2.832   1.00 3.35  ? 171 PHE A CA  1 
ATOM   977  C C   . PHE A 1 130 ? -8.645  1.242   3.979   1.00 3.54  ? 171 PHE A C   1 
ATOM   978  O O   . PHE A 1 130 ? -8.534  0.706   5.079   1.00 3.69  ? 171 PHE A O   1 
ATOM   979  C CB  . PHE A 1 130 ? -8.897  -0.948  2.750   1.00 3.43  ? 171 PHE A CB  1 
ATOM   980  C CG  . PHE A 1 130 ? -7.436  -1.112  2.434   1.00 3.10  ? 171 PHE A CG  1 
ATOM   981  C CD1 . PHE A 1 130 ? -6.980  -1.037  1.127   1.00 3.19  ? 171 PHE A CD1 1 
ATOM   982  C CD2 . PHE A 1 130 ? -6.518  -1.353  3.447   1.00 3.12  ? 171 PHE A CD2 1 
ATOM   983  C CE1 . PHE A 1 130 ? -5.630  -1.192  0.838   1.00 3.19  ? 171 PHE A CE1 1 
ATOM   984  C CE2 . PHE A 1 130 ? -5.170  -1.514  3.167   1.00 3.23  ? 171 PHE A CE2 1 
ATOM   985  C CZ  . PHE A 1 130 ? -4.722  -1.435  1.861   1.00 3.19  ? 171 PHE A CZ  1 
ATOM   986  N N   . GLY A 1 131 ? -8.198  2.464   3.740   1.00 3.77  ? 172 GLY A N   1 
ATOM   987  C CA  . GLY A 1 131 ? -7.563  3.234   4.794   1.00 3.80  ? 172 GLY A CA  1 
ATOM   988  C C   . GLY A 1 131 ? -6.990  4.540   4.315   1.00 3.93  ? 172 GLY A C   1 
ATOM   989  O O   . GLY A 1 131 ? -7.260  4.986   3.194   1.00 3.72  ? 172 GLY A O   1 
ATOM   990  N N   . HIS A 1 132 ? -6.193  5.156   5.180   1.00 3.88  ? 173 HIS A N   1 
ATOM   991  C CA  . HIS A 1 132 ? -5.538  6.407   4.839   1.00 4.08  ? 173 HIS A CA  1 
ATOM   992  C C   . HIS A 1 132 ? -4.339  6.680   5.740   1.00 4.00  ? 173 HIS A C   1 
ATOM   993  O O   . HIS A 1 132 ? -4.166  6.050   6.787   1.00 3.79  ? 173 HIS A O   1 
ATOM   994  C CB  . HIS A 1 132 ? -6.527  7.573   4.912   1.00 4.19  ? 173 HIS A CB  1 
ATOM   995  C CG  . HIS A 1 132 ? -6.938  7.929   6.307   1.00 5.14  ? 173 HIS A CG  1 
ATOM   996  N ND1 . HIS A 1 132 ? -7.981  7.306   6.959   1.00 5.79  ? 173 HIS A ND1 1 
ATOM   997  C CD2 . HIS A 1 132 ? -6.437  8.839   7.178   1.00 5.78  ? 173 HIS A CD2 1 
ATOM   998  C CE1 . HIS A 1 132 ? -8.110  7.823   8.169   1.00 6.71  ? 173 HIS A CE1 1 
ATOM   999  N NE2 . HIS A 1 132 ? -7.182  8.752   8.328   1.00 6.12  ? 173 HIS A NE2 1 
ATOM   1000 N N   . VAL A 1 133 ? -3.527  7.637   5.310   1.00 3.80  ? 174 VAL A N   1 
ATOM   1001 C CA  . VAL A 1 133 ? -2.318  8.026   6.021   1.00 3.80  ? 174 VAL A CA  1 
ATOM   1002 C C   . VAL A 1 133 ? -2.677  8.905   7.225   1.00 4.22  ? 174 VAL A C   1 
ATOM   1003 O O   . VAL A 1 133 ? -3.265  9.976   7.069   1.00 4.18  ? 174 VAL A O   1 
ATOM   1004 C CB  . VAL A 1 133 ? -1.358  8.794   5.085   1.00 4.01  ? 174 VAL A CB  1 
ATOM   1005 C CG1 . VAL A 1 133 ? -0.144  9.319   5.851   1.00 3.54  ? 174 VAL A CG1 1 
ATOM   1006 C CG2 . VAL A 1 133 ? -0.911  7.902   3.932   1.00 3.77  ? 174 VAL A CG2 1 
ATOM   1007 N N   . ILE A 1 134 ? -2.315  8.426   8.413   1.00 4.15  ? 175 ILE A N   1 
ATOM   1008 C CA  . ILE A 1 134 ? -2.513  9.138   9.681   1.00 4.41  ? 175 ILE A CA  1 
ATOM   1009 C C   . ILE A 1 134 ? -1.357  10.111  9.927   1.00 4.74  ? 175 ILE A C   1 
ATOM   1010 O O   . ILE A 1 134 ? -1.559  11.242  10.390  1.00 4.84  ? 175 ILE A O   1 
ATOM   1011 C CB  . ILE A 1 134 ? -2.594  8.136   10.861  1.00 4.44  ? 175 ILE A CB  1 
ATOM   1012 C CG1 . ILE A 1 134 ? -3.907  7.343   10.812  1.00 4.42  ? 175 ILE A CG1 1 
ATOM   1013 C CG2 . ILE A 1 134 ? -2.441  8.860   12.209  1.00 4.33  ? 175 ILE A CG2 1 
ATOM   1014 C CD1 . ILE A 1 134 ? -5.138  8.152   11.171  1.00 3.51  ? 175 ILE A CD1 1 
ATOM   1015 N N   . GLU A 1 135 ? -0.152  9.646   9.605   1.00 4.96  ? 176 GLU A N   1 
ATOM   1016 C CA  . GLU A 1 135 ? 1.090   10.366  9.826   1.00 5.27  ? 176 GLU A CA  1 
ATOM   1017 C C   . GLU A 1 135 ? 2.089   9.929   8.757   1.00 5.11  ? 176 GLU A C   1 
ATOM   1018 O O   . GLU A 1 135 ? 2.063   8.781   8.310   1.00 4.66  ? 176 GLU A O   1 
ATOM   1019 C CB  . GLU A 1 135 ? 1.613   10.009  11.218  1.00 5.70  ? 176 GLU A CB  1 
ATOM   1020 C CG  . GLU A 1 135 ? 2.896   10.656  11.649  1.00 6.77  ? 176 GLU A CG  1 
ATOM   1021 C CD  . GLU A 1 135 ? 3.488   9.951   12.856  1.00 7.27  ? 176 GLU A CD  1 
ATOM   1022 O OE1 . GLU A 1 135 ? 2.773   9.796   13.872  1.00 6.62  ? 176 GLU A OE1 1 
ATOM   1023 O OE2 . GLU A 1 135 ? 4.664   9.538   12.778  1.00 8.11  ? 176 GLU A OE2 1 
ATOM   1024 N N   . GLY A 1 136 ? 2.956   10.845  8.333   1.00 5.31  ? 177 GLY A N   1 
ATOM   1025 C CA  . GLY A 1 136 ? 4.019   10.510  7.386   1.00 5.58  ? 177 GLY A CA  1 
ATOM   1026 C C   . GLY A 1 136 ? 3.760   10.839  5.922   1.00 5.81  ? 177 GLY A C   1 
ATOM   1027 O O   . GLY A 1 136 ? 4.410   10.280  5.041   1.00 5.55  ? 177 GLY A O   1 
ATOM   1028 N N   . MET A 1 137 ? 2.837   11.760  5.647   1.00 6.19  ? 178 MET A N   1 
ATOM   1029 C CA  . MET A 1 137 ? 2.656   12.252  4.275   1.00 6.81  ? 178 MET A CA  1 
ATOM   1030 C C   . MET A 1 137 ? 3.981   12.819  3.736   1.00 6.46  ? 178 MET A C   1 
ATOM   1031 O O   . MET A 1 137 ? 4.231   12.752  2.539   1.00 6.40  ? 178 MET A O   1 
ATOM   1032 C CB  . MET A 1 137 ? 1.569   13.341  4.205   0.80 7.01  ? 178 MET A CB  1 
ATOM   1033 C CG  A MET A 1 137 ? 0.241   12.958  3.502   0.60 8.71  ? 178 MET A CG  1 
ATOM   1034 C CG  B MET A 1 137 ? 0.536   13.288  3.053   0.40 8.05  ? 178 MET A CG  1 
ATOM   1035 S SD  A MET A 1 137 ? 0.157   11.481  2.461   0.60 10.47 ? 178 MET A SD  1 
ATOM   1036 S SD  B MET A 1 137 ? 0.254   11.753  2.152   0.40 8.77  ? 178 MET A SD  1 
ATOM   1037 C CE  A MET A 1 137 ? 0.731   12.156  0.904   0.60 10.09 ? 178 MET A CE  1 
ATOM   1038 C CE  B MET A 1 137 ? -0.120  12.388  0.518   0.40 8.35  ? 178 MET A CE  1 
ATOM   1039 N N   . ASP A 1 138 ? 4.825   13.368  4.615   1.00 6.66  ? 179 ASP A N   1 
ATOM   1040 C CA  . ASP A 1 138 ? 6.158   13.847  4.205   1.00 6.69  ? 179 ASP A CA  1 
ATOM   1041 C C   . ASP A 1 138 ? 6.994   12.718  3.611   1.00 6.42  ? 179 ASP A C   1 
ATOM   1042 O O   . ASP A 1 138 ? 7.689   12.909  2.613   1.00 6.66  ? 179 ASP A O   1 
ATOM   1043 C CB  . ASP A 1 138 ? 6.905   14.544  5.365   1.00 6.77  ? 179 ASP A CB  1 
ATOM   1044 C CG  . ASP A 1 138 ? 7.236   13.606  6.517   1.00 7.57  ? 179 ASP A CG  1 
ATOM   1045 O OD1 . ASP A 1 138 ? 6.336   12.871  6.963   1.00 7.83  ? 179 ASP A OD1 1 
ATOM   1046 O OD2 . ASP A 1 138 ? 8.398   13.616  6.991   1.00 8.49  ? 179 ASP A OD2 1 
ATOM   1047 N N   . VAL A 1 139 ? 6.901   11.532  4.214   1.00 6.26  ? 180 VAL A N   1 
ATOM   1048 C CA  . VAL A 1 139 ? 7.597   10.348  3.718   1.00 6.09  ? 180 VAL A CA  1 
ATOM   1049 C C   . VAL A 1 139 ? 7.016   9.928   2.368   1.00 5.93  ? 180 VAL A C   1 
ATOM   1050 O O   . VAL A 1 139 ? 7.758   9.601   1.438   1.00 5.92  ? 180 VAL A O   1 
ATOM   1051 C CB  . VAL A 1 139 ? 7.509   9.171   4.727   1.00 6.20  ? 180 VAL A CB  1 
ATOM   1052 C CG1 . VAL A 1 139 ? 8.186   7.923   4.174   1.00 6.23  ? 180 VAL A CG1 1 
ATOM   1053 C CG2 . VAL A 1 139 ? 8.135   9.569   6.057   1.00 6.58  ? 180 VAL A CG2 1 
ATOM   1054 N N   . VAL A 1 140 ? 5.690   9.961   2.262   1.00 5.88  ? 181 VAL A N   1 
ATOM   1055 C CA  . VAL A 1 140 ? 5.002   9.653   1.008   1.00 5.90  ? 181 VAL A CA  1 
ATOM   1056 C C   . VAL A 1 140 ? 5.439   10.607  -0.114  1.00 6.16  ? 181 VAL A C   1 
ATOM   1057 O O   . VAL A 1 140 ? 5.673   10.171  -1.240  1.00 6.34  ? 181 VAL A O   1 
ATOM   1058 C CB  . VAL A 1 140 ? 3.464   9.695   1.185   1.00 5.98  ? 181 VAL A CB  1 
ATOM   1059 C CG1 . VAL A 1 140 ? 2.750   9.475   -0.157  1.00 6.23  ? 181 VAL A CG1 1 
ATOM   1060 C CG2 . VAL A 1 140 ? 3.022   8.648   2.205   1.00 5.50  ? 181 VAL A CG2 1 
ATOM   1061 N N   . LYS A 1 141 ? 5.572   11.895  0.201   1.00 6.29  ? 182 LYS A N   1 
ATOM   1062 C CA  . LYS A 1 141 ? 6.014   12.886  -0.795  1.00 6.53  ? 182 LYS A CA  1 
ATOM   1063 C C   . LYS A 1 141 ? 7.465   12.660  -1.223  1.00 6.59  ? 182 LYS A C   1 
ATOM   1064 O O   . LYS A 1 141 ? 7.813   12.872  -2.387  1.00 6.66  ? 182 LYS A O   1 
ATOM   1065 C CB  . LYS A 1 141 ? 5.814   14.319  -0.285  1.00 6.81  ? 182 LYS A CB  1 
ATOM   1066 C CG  . LYS A 1 141 ? 4.355   14.709  -0.010  1.00 7.25  ? 182 LYS A CG  1 
ATOM   1067 C CD  . LYS A 1 141 ? 3.459   14.684  -1.247  1.00 8.18  ? 182 LYS A CD  1 
ATOM   1068 C CE  . LYS A 1 141 ? 3.731   15.838  -2.208  1.00 8.55  ? 182 LYS A CE  1 
ATOM   1069 N NZ  . LYS A 1 141 ? 2.796   15.798  -3.378  1.00 8.18  ? 182 LYS A NZ  1 
ATOM   1070 N N   . LYS A 1 142 ? 8.309   12.215  -0.296  1.00 6.89  ? 183 LYS A N   1 
ATOM   1071 C CA  . LYS A 1 142 ? 9.678   11.835  -0.649  1.00 7.34  ? 183 LYS A CA  1 
ATOM   1072 C C   . LYS A 1 142 ? 9.651   10.661  -1.617  1.00 7.17  ? 183 LYS A C   1 
ATOM   1073 O O   . LYS A 1 142 ? 10.287  10.702  -2.666  1.00 7.29  ? 183 LYS A O   1 
ATOM   1074 C CB  . LYS A 1 142 ? 10.504  11.480  0.592   1.00 7.49  ? 183 LYS A CB  1 
ATOM   1075 C CG  . LYS A 1 142 ? 10.914  12.679  1.451   1.00 8.37  ? 183 LYS A CG  1 
ATOM   1076 C CD  . LYS A 1 142 ? 11.837  13.667  0.732   0.60 8.90  ? 183 LYS A CD  1 
ATOM   1077 C CE  . LYS A 1 142 ? 13.150  13.040  0.295   0.60 9.18  ? 183 LYS A CE  1 
ATOM   1078 N NZ  . LYS A 1 142 ? 14.116  14.059  -0.214  0.60 9.83  ? 183 LYS A NZ  1 
ATOM   1079 N N   . ILE A 1 143 ? 8.892   9.625   -1.271  1.00 7.14  ? 184 ILE A N   1 
ATOM   1080 C CA  . ILE A 1 143 ? 8.778   8.450   -2.136  1.00 7.19  ? 184 ILE A CA  1 
ATOM   1081 C C   . ILE A 1 143 ? 8.300   8.876   -3.525  1.00 7.16  ? 184 ILE A C   1 
ATOM   1082 O O   . ILE A 1 143 ? 8.883   8.487   -4.542  1.00 7.14  ? 184 ILE A O   1 
ATOM   1083 C CB  . ILE A 1 143 ? 7.818   7.398   -1.542  1.00 7.25  ? 184 ILE A CB  1 
ATOM   1084 C CG1 . ILE A 1 143 ? 8.381   6.828   -0.236  1.00 7.34  ? 184 ILE A CG1 1 
ATOM   1085 C CG2 . ILE A 1 143 ? 7.594   6.254   -2.525  1.00 7.19  ? 184 ILE A CG2 1 
ATOM   1086 C CD1 . ILE A 1 143 ? 7.380   6.010   0.553   1.00 7.88  ? 184 ILE A CD1 1 
ATOM   1087 N N   . GLU A 1 144 ? 7.251   9.695   -3.549  1.00 7.14  ? 185 GLU A N   1 
ATOM   1088 C CA  . GLU A 1 144 ? 6.679   10.225  -4.786  1.00 7.57  ? 185 GLU A CA  1 
ATOM   1089 C C   . GLU A 1 144 ? 7.742   10.904  -5.645  1.00 7.84  ? 185 GLU A C   1 
ATOM   1090 O O   . GLU A 1 144 ? 7.779   10.712  -6.863  1.00 8.05  ? 185 GLU A O   1 
ATOM   1091 C CB  . GLU A 1 144 ? 5.560   11.221  -4.468  1.00 7.47  ? 185 GLU A CB  1 
ATOM   1092 C CG  . GLU A 1 144 ? 4.790   11.689  -5.700  1.00 7.90  ? 185 GLU A CG  1 
ATOM   1093 C CD  . GLU A 1 144 ? 3.863   12.854  -5.423  1.00 8.82  ? 185 GLU A CD  1 
ATOM   1094 O OE1 . GLU A 1 144 ? 4.100   13.594  -4.444  1.00 8.85  ? 185 GLU A OE1 1 
ATOM   1095 O OE2 . GLU A 1 144 ? 2.897   13.030  -6.196  1.00 9.25  ? 185 GLU A OE2 1 
ATOM   1096 N N   . SER A 1 145 ? 8.614   11.675  -4.996  1.00 8.12  ? 186 SER A N   1 
ATOM   1097 C CA  . SER A 1 145 ? 9.661   12.428  -5.702  1.00 8.40  ? 186 SER A CA  1 
ATOM   1098 C C   . SER A 1 145 ? 10.700  11.535  -6.388  1.00 8.91  ? 186 SER A C   1 
ATOM   1099 O O   . SER A 1 145 ? 11.427  12.001  -7.269  1.00 9.15  ? 186 SER A O   1 
ATOM   1100 C CB  . SER A 1 145 ? 10.361  13.416  -4.756  1.00 8.41  ? 186 SER A CB  1 
ATOM   1101 O OG  . SER A 1 145 ? 11.329  12.782  -3.937  1.00 7.95  ? 186 SER A OG  1 
ATOM   1102 N N   . PHE A 1 146 ? 10.778  10.268  -5.982  1.00 8.99  ? 187 PHE A N   1 
ATOM   1103 C CA  . PHE A 1 146 ? 11.699  9.307   -6.602  1.00 9.32  ? 187 PHE A CA  1 
ATOM   1104 C C   . PHE A 1 146 ? 11.029  8.476   -7.702  1.00 9.26  ? 187 PHE A C   1 
ATOM   1105 O O   . PHE A 1 146 ? 11.609  7.505   -8.186  1.00 9.27  ? 187 PHE A O   1 
ATOM   1106 C CB  . PHE A 1 146 ? 12.298  8.375   -5.546  1.00 9.42  ? 187 PHE A CB  1 
ATOM   1107 C CG  . PHE A 1 146 ? 12.873  9.090   -4.350  1.00 10.32 ? 187 PHE A CG  1 
ATOM   1108 C CD1 . PHE A 1 146 ? 13.656  10.229  -4.505  1.00 11.38 ? 187 PHE A CD1 1 
ATOM   1109 C CD2 . PHE A 1 146 ? 12.646  8.609   -3.066  1.00 11.32 ? 187 PHE A CD2 1 
ATOM   1110 C CE1 . PHE A 1 146 ? 14.188  10.883  -3.396  1.00 11.83 ? 187 PHE A CE1 1 
ATOM   1111 C CE2 . PHE A 1 146 ? 13.177  9.256   -1.958  1.00 11.66 ? 187 PHE A CE2 1 
ATOM   1112 C CZ  . PHE A 1 146 ? 13.946  10.390  -2.124  1.00 11.66 ? 187 PHE A CZ  1 
ATOM   1113 N N   . GLY A 1 147 ? 9.816   8.860   -8.089  1.00 9.35  ? 188 GLY A N   1 
ATOM   1114 C CA  . GLY A 1 147 ? 9.097   8.192   -9.170  1.00 9.37  ? 188 GLY A CA  1 
ATOM   1115 C C   . GLY A 1 147 ? 9.375   8.811   -10.527 1.00 9.63  ? 188 GLY A C   1 
ATOM   1116 O O   . GLY A 1 147 ? 10.259  9.657   -10.674 1.00 9.35  ? 188 GLY A O   1 
ATOM   1117 N N   . SER A 1 148 ? 8.604   8.375   -11.518 1.00 9.63  ? 189 SER A N   1 
ATOM   1118 C CA  . SER A 1 148 ? 8.712   8.880   -12.884 1.00 9.86  ? 189 SER A CA  1 
ATOM   1119 C C   . SER A 1 148 ? 7.412   8.595   -13.617 1.00 10.16 ? 189 SER A C   1 
ATOM   1120 O O   . SER A 1 148 ? 6.601   7.797   -13.150 1.00 10.09 ? 189 SER A O   1 
ATOM   1121 C CB  . SER A 1 148 ? 9.881   8.212   -13.610 1.00 9.82  ? 189 SER A CB  1 
ATOM   1122 O OG  . SER A 1 148 ? 9.640   6.830   -13.816 1.00 9.90  ? 189 SER A OG  1 
ATOM   1123 N N   . LYS A 1 149 ? 7.223   9.236   -14.768 1.00 10.51 ? 190 LYS A N   1 
ATOM   1124 C CA  . LYS A 1 149 ? 6.022   9.024   -15.580 1.00 10.89 ? 190 LYS A CA  1 
ATOM   1125 C C   . LYS A 1 149 ? 5.753   7.538   -15.864 1.00 10.79 ? 190 LYS A C   1 
ATOM   1126 O O   . LYS A 1 149 ? 4.602   7.097   -15.841 1.00 11.24 ? 190 LYS A O   1 
ATOM   1127 C CB  . LYS A 1 149 ? 6.115   9.817   -16.891 0.80 11.06 ? 190 LYS A CB  1 
ATOM   1128 C CG  . LYS A 1 149 ? 5.873   11.310  -16.710 0.60 11.71 ? 190 LYS A CG  1 
ATOM   1129 C CD  . LYS A 1 149 ? 5.795   12.052  -18.041 0.60 12.85 ? 190 LYS A CD  1 
ATOM   1130 C CE  . LYS A 1 149 ? 7.176   12.393  -18.572 0.60 13.35 ? 190 LYS A CE  1 
ATOM   1131 N NZ  . LYS A 1 149 ? 7.122   13.007  -19.927 0.60 14.63 ? 190 LYS A NZ  1 
ATOM   1132 N N   . SER A 1 150 ? 6.815   6.774   -16.110 1.00 10.70 ? 191 SER A N   1 
ATOM   1133 C CA  . SER A 1 150 ? 6.703   5.338   -16.394 1.00 10.62 ? 191 SER A CA  1 
ATOM   1134 C C   . SER A 1 150 ? 6.414   4.481   -15.159 1.00 10.46 ? 191 SER A C   1 
ATOM   1135 O O   . SER A 1 150 ? 6.045   3.313   -15.293 1.00 10.69 ? 191 SER A O   1 
ATOM   1136 C CB  . SER A 1 150 ? 7.997   4.831   -17.029 1.00 10.68 ? 191 SER A CB  1 
ATOM   1137 O OG  . SER A 1 150 ? 9.038   4.781   -16.071 1.00 11.24 ? 191 SER A OG  1 
ATOM   1138 N N   . GLY A 1 151 ? 6.610   5.049   -13.968 1.00 10.32 ? 192 GLY A N   1 
ATOM   1139 C CA  . GLY A 1 151 ? 6.496   4.298   -12.715 1.00 10.00 ? 192 GLY A CA  1 
ATOM   1140 C C   . GLY A 1 151 ? 7.845   3.831   -12.182 1.00 10.04 ? 192 GLY A C   1 
ATOM   1141 O O   . GLY A 1 151 ? 7.973   3.494   -11.004 1.00 9.51  ? 192 GLY A O   1 
ATOM   1142 N N   . ARG A 1 152 ? 8.851   3.808   -13.057 1.00 10.01 ? 193 ARG A N   1 
ATOM   1143 C CA  A ARG A 1 152 ? 10.203  3.397   -12.678 0.50 10.15 ? 193 ARG A CA  1 
ATOM   1144 C CA  B ARG A 1 152 ? 10.207  3.409   -12.699 0.50 10.22 ? 193 ARG A CA  1 
ATOM   1145 C C   . ARG A 1 152 ? 10.751  4.324   -11.598 1.00 9.94  ? 193 ARG A C   1 
ATOM   1146 O O   . ARG A 1 152 ? 10.693  5.549   -11.726 1.00 9.96  ? 193 ARG A O   1 
ATOM   1147 C CB  A ARG A 1 152 ? 11.132  3.399   -13.901 0.50 10.30 ? 193 ARG A CB  1 
ATOM   1148 C CB  B ARG A 1 152 ? 11.092  3.487   -13.952 0.50 10.43 ? 193 ARG A CB  1 
ATOM   1149 C CG  A ARG A 1 152 ? 12.595  3.084   -13.592 0.50 11.31 ? 193 ARG A CG  1 
ATOM   1150 C CG  B ARG A 1 152 ? 12.311  2.600   -13.959 0.50 11.72 ? 193 ARG A CG  1 
ATOM   1151 C CD  A ARG A 1 152 ? 12.748  1.720   -12.943 0.50 12.26 ? 193 ARG A CD  1 
ATOM   1152 C CD  B ARG A 1 152 ? 12.695  2.253   -15.397 0.50 12.88 ? 193 ARG A CD  1 
ATOM   1153 N NE  A ARG A 1 152 ? 13.992  1.612   -12.188 0.50 13.13 ? 193 ARG A NE  1 
ATOM   1154 N NE  B ARG A 1 152 ? 12.656  3.417   -16.283 0.50 14.20 ? 193 ARG A NE  1 
ATOM   1155 C CZ  A ARG A 1 152 ? 15.064  0.947   -12.602 0.50 14.00 ? 193 ARG A CZ  1 
ATOM   1156 C CZ  B ARG A 1 152 ? 11.782  3.590   -17.272 0.50 14.56 ? 193 ARG A CZ  1 
ATOM   1157 N NH1 A ARG A 1 152 ? 15.049  0.311   -13.765 0.50 14.11 ? 193 ARG A NH1 1 
ATOM   1158 N NH1 B ARG A 1 152 ? 10.857  2.675   -17.524 0.50 15.02 ? 193 ARG A NH1 1 
ATOM   1159 N NH2 A ARG A 1 152 ? 16.152  0.910   -11.844 0.50 14.42 ? 193 ARG A NH2 1 
ATOM   1160 N NH2 B ARG A 1 152 ? 11.838  4.685   -18.016 0.50 15.15 ? 193 ARG A NH2 1 
ATOM   1161 N N   . THR A 1 153 ? 11.274  3.736   -10.524 1.00 9.60  ? 194 THR A N   1 
ATOM   1162 C CA  . THR A 1 153 ? 11.832  4.524   -9.424  1.00 9.41  ? 194 THR A CA  1 
ATOM   1163 C C   . THR A 1 153 ? 13.311  4.827   -9.674  1.00 9.59  ? 194 THR A C   1 
ATOM   1164 O O   . THR A 1 153 ? 14.026  4.017   -10.267 1.00 9.34  ? 194 THR A O   1 
ATOM   1165 C CB  . THR A 1 153 ? 11.668  3.828   -8.049  1.00 9.28  ? 194 THR A CB  1 
ATOM   1166 O OG1 . THR A 1 153 ? 12.308  2.549   -8.065  1.00 9.35  ? 194 THR A OG1 1 
ATOM   1167 C CG2 . THR A 1 153 ? 10.186  3.661   -7.694  1.00 8.90  ? 194 THR A CG2 1 
ATOM   1168 N N   . SER A 1 154 ? 13.747  6.002   -9.229  1.00 9.79  ? 195 SER A N   1 
ATOM   1169 C CA  . SER A 1 154 ? 15.132  6.455   -9.395  1.00 10.08 ? 195 SER A CA  1 
ATOM   1170 C C   . SER A 1 154 ? 15.990  6.168   -8.160  1.00 10.19 ? 195 SER A C   1 
ATOM   1171 O O   . SER A 1 154 ? 17.201  6.383   -8.183  1.00 10.35 ? 195 SER A O   1 
ATOM   1172 C CB  . SER A 1 154 ? 15.166  7.951   -9.715  1.00 10.21 ? 195 SER A CB  1 
ATOM   1173 O OG  . SER A 1 154 ? 14.652  8.722   -8.644  1.00 10.58 ? 195 SER A OG  1 
ATOM   1174 N N   . LYS A 1 155 ? 15.350  5.705   -7.087  1.00 10.09 ? 196 LYS A N   1 
ATOM   1175 C CA  . LYS A 1 155 ? 16.030  5.195   -5.901  1.00 10.06 ? 196 LYS A CA  1 
ATOM   1176 C C   . LYS A 1 155 ? 15.390  3.862   -5.508  1.00 9.91  ? 196 LYS A C   1 
ATOM   1177 O O   . LYS A 1 155 ? 14.244  3.590   -5.878  1.00 10.04 ? 196 LYS A O   1 
ATOM   1178 C CB  . LYS A 1 155 ? 15.916  6.187   -4.740  1.00 10.05 ? 196 LYS A CB  1 
ATOM   1179 C CG  . LYS A 1 155 ? 16.593  7.524   -4.986  1.00 10.63 ? 196 LYS A CG  1 
ATOM   1180 C CD  . LYS A 1 155 ? 16.776  8.300   -3.695  1.00 11.40 ? 196 LYS A CD  1 
ATOM   1181 C CE  . LYS A 1 155 ? 17.385  9.668   -3.955  1.00 12.43 ? 196 LYS A CE  1 
ATOM   1182 N NZ  . LYS A 1 155 ? 17.807  10.327  -2.687  0.80 13.28 ? 196 LYS A NZ  1 
ATOM   1183 N N   . LYS A 1 156 ? 16.128  3.029   -4.780  1.00 9.63  ? 197 LYS A N   1 
ATOM   1184 C CA  . LYS A 1 156 ? 15.585  1.767   -4.285  1.00 9.54  ? 197 LYS A CA  1 
ATOM   1185 C C   . LYS A 1 156 ? 14.800  2.035   -3.004  1.00 8.93  ? 197 LYS A C   1 
ATOM   1186 O O   . LYS A 1 156 ? 15.386  2.361   -1.968  1.00 8.82  ? 197 LYS A O   1 
ATOM   1187 C CB  . LYS A 1 156 ? 16.686  0.733   -4.029  1.00 9.73  ? 197 LYS A CB  1 
ATOM   1188 C CG  . LYS A 1 156 ? 16.120  -0.646  -3.704  0.90 10.63 ? 197 LYS A CG  1 
ATOM   1189 C CD  . LYS A 1 156 ? 17.188  -1.700  -3.511  0.50 11.63 ? 197 LYS A CD  1 
ATOM   1190 C CE  . LYS A 1 156 ? 16.547  -3.055  -3.272  0.50 12.11 ? 197 LYS A CE  1 
ATOM   1191 N NZ  . LYS A 1 156 ? 17.551  -4.147  -3.136  0.50 12.98 ? 197 LYS A NZ  1 
ATOM   1192 N N   . ILE A 1 157 ? 13.479  1.882   -3.084  1.00 8.10  ? 198 ILE A N   1 
ATOM   1193 C CA  . ILE A 1 157 ? 12.577  2.261   -1.996  1.00 7.58  ? 198 ILE A CA  1 
ATOM   1194 C C   . ILE A 1 157 ? 12.097  0.997   -1.293  1.00 7.23  ? 198 ILE A C   1 
ATOM   1195 O O   . ILE A 1 157 ? 11.330  0.225   -1.868  1.00 6.95  ? 198 ILE A O   1 
ATOM   1196 C CB  . ILE A 1 157 ? 11.361  3.058   -2.517  1.00 7.52  ? 198 ILE A CB  1 
ATOM   1197 C CG1 A ILE A 1 157 ? 11.812  4.236   -3.385  0.50 7.43  ? 198 ILE A CG1 1 
ATOM   1198 C CG1 B ILE A 1 157 ? 11.814  4.234   -3.388  0.50 7.65  ? 198 ILE A CG1 1 
ATOM   1199 C CG2 . ILE A 1 157 ? 10.507  3.552   -1.350  1.00 7.41  ? 198 ILE A CG2 1 
ATOM   1200 C CD1 A ILE A 1 157 ? 10.676  4.914   -4.120  0.50 7.02  ? 198 ILE A CD1 1 
ATOM   1201 C CD1 B ILE A 1 157 ? 12.784  5.167   -2.705  0.50 7.92  ? 198 ILE A CD1 1 
ATOM   1202 N N   . VAL A 1 158 ? 12.559  0.791   -0.062  1.00 6.75  ? 199 VAL A N   1 
ATOM   1203 C CA  . VAL A 1 158 ? 12.349  -0.464  0.652   1.00 6.70  ? 199 VAL A CA  1 
ATOM   1204 C C   . VAL A 1 158 ? 11.603  -0.251  1.961   1.00 6.61  ? 199 VAL A C   1 
ATOM   1205 O O   . VAL A 1 158 ? 11.942  0.638   2.741   1.00 6.64  ? 199 VAL A O   1 
ATOM   1206 C CB  . VAL A 1 158 ? 13.697  -1.147  0.967   1.00 6.76  ? 199 VAL A CB  1 
ATOM   1207 C CG1 . VAL A 1 158 ? 13.479  -2.450  1.736   1.00 7.38  ? 199 VAL A CG1 1 
ATOM   1208 C CG2 . VAL A 1 158 ? 14.469  -1.404  -0.325  1.00 6.55  ? 199 VAL A CG2 1 
ATOM   1209 N N   . ILE A 1 159 ? 10.585  -1.076  2.190   1.00 6.57  ? 200 ILE A N   1 
ATOM   1210 C CA  . ILE A 1 159 ? 9.925   -1.148  3.487   1.00 6.33  ? 200 ILE A CA  1 
ATOM   1211 C C   . ILE A 1 159 ? 10.817  -2.004  4.388   1.00 6.45  ? 200 ILE A C   1 
ATOM   1212 O O   . ILE A 1 159 ? 10.807  -3.232  4.300   1.00 6.45  ? 200 ILE A O   1 
ATOM   1213 C CB  . ILE A 1 159 ? 8.511   -1.766  3.374   1.00 6.41  ? 200 ILE A CB  1 
ATOM   1214 C CG1 . ILE A 1 159 ? 7.620   -0.892  2.486   1.00 6.17  ? 200 ILE A CG1 1 
ATOM   1215 C CG2 . ILE A 1 159 ? 7.890   -1.932  4.759   1.00 6.66  ? 200 ILE A CG2 1 
ATOM   1216 C CD1 . ILE A 1 159 ? 6.363   -1.589  1.979   1.00 5.18  ? 200 ILE A CD1 1 
ATOM   1217 N N   . THR A 1 160 ? 11.614  -1.350  5.229   1.00 6.67  ? 201 THR A N   1 
ATOM   1218 C CA  . THR A 1 160 ? 12.614  -2.053  6.036   1.00 6.83  ? 201 THR A CA  1 
ATOM   1219 C C   . THR A 1 160 ? 11.967  -2.745  7.228   1.00 6.80  ? 201 THR A C   1 
ATOM   1220 O O   . THR A 1 160 ? 12.423  -3.804  7.668   1.00 7.03  ? 201 THR A O   1 
ATOM   1221 C CB  . THR A 1 160 ? 13.725  -1.095  6.525   1.00 6.84  ? 201 THR A CB  1 
ATOM   1222 O OG1 . THR A 1 160 ? 13.152  -0.065  7.345   1.00 7.00  ? 201 THR A OG1 1 
ATOM   1223 C CG2 . THR A 1 160 ? 14.445  -0.467  5.333   1.00 7.22  ? 201 THR A CG2 1 
ATOM   1224 N N   . ASP A 1 161 ? 10.914  -2.123  7.755   1.00 6.55  ? 202 ASP A N   1 
ATOM   1225 C CA  A ASP A 1 161 ? 10.161  -2.662  8.882   0.60 6.47  ? 202 ASP A CA  1 
ATOM   1226 C CA  B ASP A 1 161 ? 10.150  -2.693  8.854   0.40 6.36  ? 202 ASP A CA  1 
ATOM   1227 C C   . ASP A 1 161 ? 8.690   -2.278  8.726   1.00 6.11  ? 202 ASP A C   1 
ATOM   1228 O O   . ASP A 1 161 ? 8.363   -1.272  8.096   1.00 5.73  ? 202 ASP A O   1 
ATOM   1229 C CB  A ASP A 1 161 ? 10.688  -2.118  10.219  0.60 6.66  ? 202 ASP A CB  1 
ATOM   1230 C CB  B ASP A 1 161 ? 10.716  -2.245  10.205  0.40 6.48  ? 202 ASP A CB  1 
ATOM   1231 C CG  A ASP A 1 161 ? 12.188  -2.322  10.397  0.60 7.44  ? 202 ASP A CG  1 
ATOM   1232 C CG  B ASP A 1 161 ? 10.158  -3.047  11.369  0.40 6.81  ? 202 ASP A CG  1 
ATOM   1233 O OD1 A ASP A 1 161 ? 12.590  -3.291  11.080  0.60 8.65  ? 202 ASP A OD1 1 
ATOM   1234 O OD1 B ASP A 1 161 ? 9.827   -4.236  11.169  0.40 6.78  ? 202 ASP A OD1 1 
ATOM   1235 O OD2 A ASP A 1 161 ? 12.966  -1.511  9.856   0.60 8.48  ? 202 ASP A OD2 1 
ATOM   1236 O OD2 B ASP A 1 161 ? 10.039  -2.491  12.480  0.40 8.16  ? 202 ASP A OD2 1 
ATOM   1237 N N   . CYS A 1 162 ? 7.814   -3.077  9.313   1.00 5.63  ? 203 CYS A N   1 
ATOM   1238 C CA  . CYS A 1 162 ? 6.397   -2.774  9.326   1.00 5.27  ? 203 CYS A CA  1 
ATOM   1239 C C   . CYS A 1 162 ? 5.752   -3.570  10.440  1.00 5.16  ? 203 CYS A C   1 
ATOM   1240 O O   . CYS A 1 162 ? 6.331   -4.529  10.941  1.00 5.22  ? 203 CYS A O   1 
ATOM   1241 C CB  . CYS A 1 162 ? 5.750   -3.099  7.975   1.00 5.25  ? 203 CYS A CB  1 
ATOM   1242 S SG  . CYS A 1 162 ? 6.165   -4.723  7.295   1.00 5.13  ? 203 CYS A SG  1 
ATOM   1243 N N   . GLY A 1 163 ? 4.554   -3.164  10.832  1.00 5.01  ? 204 GLY A N   1 
ATOM   1244 C CA  . GLY A 1 163 ? 3.863   -3.840  11.917  1.00 4.83  ? 204 GLY A CA  1 
ATOM   1245 C C   . GLY A 1 163 ? 2.621   -3.111  12.366  1.00 4.91  ? 204 GLY A C   1 
ATOM   1246 O O   . GLY A 1 163 ? 2.150   -2.185  11.699  1.00 4.60  ? 204 GLY A O   1 
ATOM   1247 N N   . GLN A 1 164 ? 2.103   -3.534  13.515  1.00 4.85  ? 205 GLN A N   1 
ATOM   1248 C CA  . GLN A 1 164 ? 0.864   -2.997  14.052  1.00 4.81  ? 205 GLN A CA  1 
ATOM   1249 C C   . GLN A 1 164 ? 1.131   -2.195  15.317  1.00 5.04  ? 205 GLN A C   1 
ATOM   1250 O O   . GLN A 1 164 ? 1.822   -2.662  16.226  1.00 5.32  ? 205 GLN A O   1 
ATOM   1251 C CB  . GLN A 1 164 ? -0.115  -4.129  14.347  1.00 4.79  ? 205 GLN A CB  1 
ATOM   1252 C CG  . GLN A 1 164 ? -1.444  -3.650  14.912  1.00 4.33  ? 205 GLN A CG  1 
ATOM   1253 C CD  . GLN A 1 164 ? -2.510  -4.725  14.902  1.00 4.94  ? 205 GLN A CD  1 
ATOM   1254 O OE1 . GLN A 1 164 ? -2.213  -5.915  14.742  1.00 4.89  ? 205 GLN A OE1 1 
ATOM   1255 N NE2 . GLN A 1 164 ? -3.763  -4.314  15.073  1.00 4.44  ? 205 GLN A NE2 1 
ATOM   1256 N N   . LEU A 1 165 ? 0.570   -0.988  15.358  1.00 4.95  ? 206 LEU A N   1 
ATOM   1257 C CA  . LEU A 1 165 ? 0.689   -0.091  16.508  1.00 4.99  ? 206 LEU A CA  1 
ATOM   1258 C C   . LEU A 1 165 ? -0.453  -0.288  17.503  1.00 5.06  ? 206 LEU A C   1 
ATOM   1259 O O   . LEU A 1 165 ? -0.253  -0.182  18.715  1.00 5.07  ? 206 LEU A O   1 
ATOM   1260 C CB  . LEU A 1 165 ? 0.712   1.368   16.044  1.00 5.04  ? 206 LEU A CB  1 
ATOM   1261 C CG  . LEU A 1 165 ? 1.899   1.775   15.169  1.00 5.03  ? 206 LEU A CG  1 
ATOM   1262 C CD1 . LEU A 1 165 ? 1.741   3.211   14.687  1.00 5.89  ? 206 LEU A CD1 1 
ATOM   1263 C CD2 . LEU A 1 165 ? 3.217   1.586   15.925  1.00 5.92  ? 206 LEU A CD2 1 
ATOM   1264 N N   . SER A 1 166 ? -1.655  -0.541  16.984  1.00 4.97  ? 207 SER A N   1 
ATOM   1265 C CA  . SER A 1 166 ? -2.832  -0.768  17.820  1.00 5.29  ? 207 SER A CA  1 
ATOM   1266 C C   . SER A 1 166 ? -3.931  -1.442  17.009  1.00 5.34  ? 207 SER A C   1 
ATOM   1267 O O   . SER A 1 166 ? -4.922  -1.926  17.566  1.00 5.86  ? 207 SER A O   1 
ATOM   1268 C CB  . SER A 1 166 ? -3.345  0.545   18.420  1.00 5.06  ? 207 SER A CB  1 
ATOM   1269 O OG  . SER A 1 166 ? -3.783  1.448   17.417  1.00 5.66  ? 207 SER A OG  1 
ATOM   1270 O OXT . SER A 1 166 ? -3.822  -1.518  15.783  1.00 5.21  ? 207 SER A OXT 1 
HETATM 1271 N NAA A 5AO B 2 .   ? -2.976  -8.637  -6.910  0.80 13.76 ? 1   5AO A NAA 1 
HETATM 1272 C CAB A 5AO B 2 .   ? -1.834  -6.093  -9.224  0.80 14.08 ? 1   5AO A CAB 1 
HETATM 1273 C CAC A 5AO B 2 .   ? -2.389  -6.681  -8.091  0.80 13.92 ? 1   5AO A CAC 1 
HETATM 1274 C CAD A 5AO B 2 .   ? -1.327  -6.892  -10.247 0.80 13.87 ? 1   5AO A CAD 1 
HETATM 1275 C CAE A 5AO B 2 .   ? -0.270  -10.919 -12.223 0.80 14.40 ? 1   5AO A CAE 1 
HETATM 1276 C CAF A 5AO B 2 .   ? -0.401  -8.759  -12.361 0.80 14.27 ? 1   5AO A CAF 1 
HETATM 1277 C CAG A 5AO B 2 .   ? -1.935  -8.862  -9.013  0.80 13.95 ? 1   5AO A CAG 1 
HETATM 1278 N NAH A 5AO B 2 .   ? -0.031  -9.866  -13.003 0.80 14.01 ? 1   5AO A NAH 1 
HETATM 1279 O OAI A 5AO B 2 .   ? -0.805  -10.451 -11.047 0.80 13.67 ? 1   5AO A OAI 1 
HETATM 1280 C CAJ A 5AO B 2 .   ? -2.443  -8.068  -7.987  0.80 14.07 ? 1   5AO A CAJ 1 
HETATM 1281 C CAK A 5AO B 2 .   ? -1.376  -8.282  -10.147 0.80 13.88 ? 1   5AO A CAK 1 
HETATM 1282 C CAL A 5AO B 2 .   ? -0.874  -9.098  -11.163 0.80 14.01 ? 1   5AO A CAL 1 
HETATM 1283 O O1  . P4C C 3 .   ? -7.943  14.337  6.826   0.50 17.59 ? 208 P4C A O1  1 
HETATM 1284 C C2  . P4C C 3 .   ? -8.014  14.286  8.250   0.60 16.80 ? 208 P4C A C2  1 
HETATM 1285 C C3  . P4C C 3 .   ? -9.212  13.464  8.725   0.80 16.42 ? 208 P4C A C3  1 
HETATM 1286 O O4  . P4C C 3 .   ? -9.723  12.673  7.654   0.80 15.36 ? 208 P4C A O4  1 
HETATM 1287 C C5  . P4C C 3 .   ? -9.516  11.276  7.828   1.00 14.27 ? 208 P4C A C5  1 
HETATM 1288 C C6  . P4C C 3 .   ? -10.077 10.541  6.617   1.00 13.49 ? 208 P4C A C6  1 
HETATM 1289 O O7  . P4C C 3 .   ? -9.258  10.807  5.484   1.00 12.63 ? 208 P4C A O7  1 
HETATM 1290 C C8  . P4C C 3 .   ? -9.699  10.085  4.332   1.00 11.91 ? 208 P4C A C8  1 
HETATM 1291 C C9  . P4C C 3 .   ? -8.723  10.332  3.188   1.00 11.69 ? 208 P4C A C9  1 
HETATM 1292 O O10 . P4C C 3 .   ? -8.671  11.734  2.934   1.00 11.65 ? 208 P4C A O10 1 
HETATM 1293 C C11 . P4C C 3 .   ? -7.587  12.092  2.086   1.00 12.18 ? 208 P4C A C11 1 
HETATM 1294 C C12 . P4C C 3 .   ? -7.596  13.597  1.864   1.00 13.07 ? 208 P4C A C12 1 
HETATM 1295 O O13 . P4C C 3 .   ? -8.801  13.973  1.198   1.00 14.03 ? 208 P4C A O13 1 
HETATM 1296 C C14 . P4C C 3 .   ? -8.983  15.384  1.191   1.00 15.02 ? 208 P4C A C14 1 
HETATM 1297 C C15 . P4C C 3 .   ? -10.318 15.694  0.539   1.00 15.49 ? 208 P4C A C15 1 
HETATM 1298 O O16 . P4C C 3 .   ? -11.360 15.289  1.415   1.00 16.46 ? 208 P4C A O16 1 
HETATM 1299 C C17 . P4C C 3 .   ? -12.636 15.531  0.832   1.00 18.15 ? 208 P4C A C17 1 
HETATM 1300 C C18 . P4C C 3 .   ? -13.721 15.133  1.818   1.00 19.34 ? 208 P4C A C18 1 
HETATM 1301 O O19 . P4C C 3 .   ? -13.559 15.894  3.017   1.00 20.58 ? 208 P4C A O19 1 
HETATM 1302 C C20 . P4C C 3 .   ? -13.664 15.135  4.224   1.00 21.31 ? 208 P4C A C20 1 
HETATM 1303 C C21 . P4C C 3 .   ? -14.710 15.776  5.123   0.70 21.60 ? 208 P4C A C21 1 
HETATM 1304 O O22 . P4C C 3 .   ? -14.170 16.953  5.719   0.50 22.04 ? 208 P4C A O22 1 
HETATM 1305 O O   . HOH D 4 .   ? -10.244 -3.716  14.729  1.00 13.20 ? 2   HOH A O   1 
HETATM 1306 O O   . HOH D 4 .   ? -10.134 -1.746  20.889  1.00 19.65 ? 3   HOH A O   1 
HETATM 1307 O O   . HOH D 4 .   ? -13.338 -1.492  13.433  1.00 11.20 ? 5   HOH A O   1 
HETATM 1308 O O   . HOH D 4 .   ? -13.952 3.373   13.892  1.00 31.43 ? 6   HOH A O   1 
HETATM 1309 O O   . HOH D 4 .   ? -12.730 -4.130  13.517  1.00 15.81 ? 7   HOH A O   1 
HETATM 1310 O O   . HOH D 4 .   ? -13.846 -0.982  16.002  1.00 17.88 ? 8   HOH A O   1 
HETATM 1311 O O   . HOH D 4 .   ? -11.556 -4.724  -16.095 1.00 39.11 ? 9   HOH A O   1 
HETATM 1312 O O   . HOH D 4 .   ? 14.820  2.843   10.219  0.50 12.27 ? 10  HOH A O   1 
HETATM 1313 O O   . HOH D 4 .   ? 17.145  -2.540  4.147   1.00 33.23 ? 11  HOH A O   1 
HETATM 1314 O O   . HOH D 4 .   ? 19.334  3.608   9.587   1.00 26.33 ? 12  HOH A O   1 
HETATM 1315 O O   . HOH D 4 .   ? 5.773   -4.049  15.718  1.00 22.19 ? 15  HOH A O   1 
HETATM 1316 O O   . HOH D 4 .   ? 14.840  12.571  5.151   0.40 13.95 ? 19  HOH A O   1 
HETATM 1317 O O   . HOH D 4 .   ? 18.362  9.592   9.619   1.00 12.49 ? 20  HOH A O   1 
HETATM 1318 O O   . HOH D 4 .   ? 14.091  8.077   10.567  1.00 14.58 ? 23  HOH A O   1 
HETATM 1319 O O   . HOH D 4 .   ? 10.773  4.846   11.828  1.00 24.02 ? 24  HOH A O   1 
HETATM 1320 O O   . HOH D 4 .   ? 11.001  -0.329  13.171  1.00 30.25 ? 25  HOH A O   1 
HETATM 1321 O O   . HOH D 4 .   ? 13.120  5.477   10.547  0.80 14.95 ? 26  HOH A O   1 
HETATM 1322 O O   . HOH D 4 .   ? 10.112  7.535   12.258  0.30 2.63  ? 27  HOH A O   1 
HETATM 1323 O O   . HOH D 4 .   ? -13.679 -6.449  -16.233 1.00 27.74 ? 30  HOH A O   1 
HETATM 1324 O O   . HOH D 4 .   ? 13.623  2.575   7.157   1.00 14.31 ? 32  HOH A O   1 
HETATM 1325 O O   . HOH D 4 .   ? 16.934  -0.429  2.309   1.00 15.75 ? 33  HOH A O   1 
HETATM 1326 O O   A HOH D 4 .   ? 17.507  2.431   7.600   0.50 17.05 ? 35  HOH A O   1 
HETATM 1327 O O   B HOH D 4 .   ? 15.710  1.890   9.107   0.50 19.80 ? 35  HOH A O   1 
HETATM 1328 O O   . HOH D 4 .   ? -15.536 -6.750  11.613  0.70 7.60  ? 37  HOH A O   1 
HETATM 1329 O O   . HOH D 4 .   ? -17.415 0.616   14.045  1.00 34.47 ? 38  HOH A O   1 
HETATM 1330 O O   . HOH D 4 .   ? 19.287  2.985   -6.576  1.00 15.29 ? 41  HOH A O   1 
HETATM 1331 O O   . HOH D 4 .   ? -11.591 5.694   -16.219 0.60 24.14 ? 209 HOH A O   1 
HETATM 1332 O O   . HOH D 4 .   ? 23.082  3.517   1.856   1.00 28.58 ? 210 HOH A O   1 
HETATM 1333 O O   . HOH D 4 .   ? -2.608  9.905   -13.268 0.60 16.72 ? 211 HOH A O   1 
HETATM 1334 O O   . HOH D 4 .   ? 4.552   15.898  -7.868  1.00 31.84 ? 212 HOH A O   1 
HETATM 1335 O O   . HOH D 4 .   ? 0.434   16.970  -7.307  1.00 25.65 ? 213 HOH A O   1 
HETATM 1336 O O   . HOH D 4 .   ? 1.412   18.005  -11.197 1.00 27.82 ? 214 HOH A O   1 
HETATM 1337 O O   . HOH D 4 .   ? -12.758 -6.353  11.990  1.00 10.02 ? 215 HOH A O   1 
HETATM 1338 O O   . HOH D 4 .   ? -11.445 -9.696  10.474  0.60 22.17 ? 216 HOH A O   1 
HETATM 1339 O O   . HOH D 4 .   ? 15.328  -4.712  4.019   1.00 21.67 ? 217 HOH A O   1 
HETATM 1340 O O   . HOH D 4 .   ? 13.693  -8.117  5.623   1.00 34.29 ? 218 HOH A O   1 
HETATM 1341 O O   . HOH D 4 .   ? -16.815 -8.766  9.678   1.00 22.87 ? 219 HOH A O   1 
HETATM 1342 O O   . HOH D 4 .   ? -1.744  -4.088  18.544  0.70 24.45 ? 220 HOH A O   1 
HETATM 1343 O O   . HOH D 4 .   ? -6.064  -1.357  20.026  0.80 13.24 ? 221 HOH A O   1 
HETATM 1344 O O   . HOH D 4 .   ? 19.556  0.203   -1.791  1.00 35.40 ? 222 HOH A O   1 
HETATM 1345 O O   . HOH D 4 .   ? 20.204  2.056   7.205   0.40 14.29 ? 223 HOH A O   1 
HETATM 1346 O O   . HOH D 4 .   ? -8.644  -5.838  13.805  1.00 12.30 ? 224 HOH A O   1 
HETATM 1347 O O   . HOH D 4 .   ? -8.644  -13.897 8.837   0.30 13.36 ? 225 HOH A O   1 
HETATM 1348 O O   . HOH D 4 .   ? 8.695   -14.420 -1.442  0.50 28.22 ? 226 HOH A O   1 
HETATM 1349 O O   . HOH D 4 .   ? 9.088   -11.446 0.629   1.00 29.82 ? 227 HOH A O   1 
HETATM 1350 O O   . HOH D 4 .   ? 10.200  -13.885 -3.657  1.00 25.46 ? 228 HOH A O   1 
HETATM 1351 O O   . HOH D 4 .   ? -10.158 -11.662 12.054  0.60 28.36 ? 229 HOH A O   1 
HETATM 1352 O O   . HOH D 4 .   ? 4.141   -14.705 -6.909  1.00 22.77 ? 230 HOH A O   1 
HETATM 1353 O O   . HOH D 4 .   ? 8.703   -15.575 -7.512  0.50 20.00 ? 231 HOH A O   1 
HETATM 1354 O O   . HOH D 4 .   ? -9.479  -8.284  14.647  1.00 31.86 ? 232 HOH A O   1 
HETATM 1355 O O   . HOH D 4 .   ? -19.097 1.153   -7.368  1.00 30.93 ? 233 HOH A O   1 
HETATM 1356 O O   . HOH D 4 .   ? 8.670   -13.276 -11.484 1.00 31.49 ? 234 HOH A O   1 
HETATM 1357 O O   . HOH D 4 .   ? 6.252   -15.504 -10.955 1.00 30.91 ? 235 HOH A O   1 
HETATM 1358 O O   . HOH D 4 .   ? 8.835   -15.574 -10.214 1.00 31.31 ? 236 HOH A O   1 
HETATM 1359 O O   . HOH D 4 .   ? 10.666  -3.571  -10.096 1.00 18.72 ? 237 HOH A O   1 
HETATM 1360 O O   . HOH D 4 .   ? -7.695  -11.503 17.142  0.40 18.02 ? 238 HOH A O   1 
HETATM 1361 O O   . HOH D 4 .   ? 6.206   -2.184  -12.540 0.60 28.79 ? 239 HOH A O   1 
HETATM 1362 O O   . HOH D 4 .   ? 8.477   -3.274  -12.071 1.00 20.04 ? 240 HOH A O   1 
HETATM 1363 O O   . HOH D 4 .   ? 6.378   -6.142  -13.925 1.00 4.76  ? 241 HOH A O   1 
HETATM 1364 O O   . HOH D 4 .   ? 7.319   -11.583 -13.045 1.00 22.23 ? 242 HOH A O   1 
HETATM 1365 O O   . HOH D 4 .   ? 17.223  9.655   4.336   0.50 11.19 ? 243 HOH A O   1 
HETATM 1366 O O   . HOH D 4 .   ? 15.667  9.676   8.618   1.00 13.10 ? 244 HOH A O   1 
HETATM 1367 O O   . HOH D 4 .   ? 7.948   -11.788 11.334  0.50 25.45 ? 245 HOH A O   1 
HETATM 1368 O O   . HOH D 4 .   ? -15.739 5.057   8.129   0.70 24.81 ? 246 HOH A O   1 
HETATM 1369 O O   . HOH D 4 .   ? -0.844  -8.686  -5.140  1.00 6.20  ? 247 HOH A O   1 
HETATM 1370 O O   . HOH D 4 .   ? 1.087   -13.830 -7.124  1.00 25.43 ? 248 HOH A O   1 
HETATM 1371 O O   . HOH D 4 .   ? 5.681   -16.865 1.458   1.00 27.94 ? 249 HOH A O   1 
HETATM 1372 O O   . HOH D 4 .   ? 0.431   -18.708 1.325   1.00 27.54 ? 250 HOH A O   1 
HETATM 1373 O O   . HOH D 4 .   ? -1.791  -17.151 0.399   1.00 12.52 ? 251 HOH A O   1 
HETATM 1374 O O   . HOH D 4 .   ? -5.869  -16.251 6.848   1.00 42.58 ? 252 HOH A O   1 
HETATM 1375 O O   . HOH D 4 .   ? -2.238  -17.106 5.598   0.50 15.20 ? 253 HOH A O   1 
HETATM 1376 O O   . HOH D 4 .   ? -10.919 -11.769 7.514   0.80 18.69 ? 254 HOH A O   1 
HETATM 1377 O O   . HOH D 4 .   ? -11.321 3.260   15.279  1.00 16.14 ? 255 HOH A O   1 
HETATM 1378 O O   . HOH D 4 .   ? -1.268  -18.049 -2.212  1.00 13.75 ? 256 HOH A O   1 
HETATM 1379 O O   . HOH D 4 .   ? 12.522  4.872   8.023   1.00 8.13  ? 257 HOH A O   1 
HETATM 1380 O O   . HOH D 4 .   ? -0.203  -13.200 16.743  0.70 21.68 ? 258 HOH A O   1 
HETATM 1381 O O   . HOH D 4 .   ? 1.750   17.005  1.622   1.00 25.77 ? 259 HOH A O   1 
HETATM 1382 O O   . HOH D 4 .   ? -1.929  15.508  2.325   1.00 34.74 ? 260 HOH A O   1 
HETATM 1383 O O   . HOH D 4 .   ? 4.562   5.234   15.357  1.00 10.02 ? 261 HOH A O   1 
HETATM 1384 O O   . HOH D 4 .   ? -13.112 -9.202  0.180   1.00 4.25  ? 262 HOH A O   1 
HETATM 1385 O O   . HOH D 4 .   ? -15.946 -6.378  -8.229  1.00 7.72  ? 263 HOH A O   1 
HETATM 1386 O O   . HOH D 4 .   ? -19.514 -5.968  -2.635  0.50 20.50 ? 264 HOH A O   1 
HETATM 1387 O O   . HOH D 4 .   ? -17.629 -9.115  -1.968  1.00 16.62 ? 265 HOH A O   1 
HETATM 1388 O O   . HOH D 4 .   ? -9.718  -6.443  -7.699  1.00 3.37  ? 266 HOH A O   1 
HETATM 1389 O O   . HOH D 4 .   ? -16.981 -7.933  4.195   1.00 9.32  ? 267 HOH A O   1 
HETATM 1390 O O   . HOH D 4 .   ? 8.771   9.712   10.193  1.00 9.82  ? 268 HOH A O   1 
HETATM 1391 O O   . HOH D 4 .   ? -19.355 -7.298  0.321   0.50 7.87  ? 269 HOH A O   1 
HETATM 1392 O O   . HOH D 4 .   ? -19.214 -5.141  2.052   0.70 13.13 ? 270 HOH A O   1 
HETATM 1393 O O   . HOH D 4 .   ? -14.285 0.618   0.626   1.00 2.87  ? 271 HOH A O   1 
HETATM 1394 O O   . HOH D 4 .   ? -19.700 -1.518  -3.294  1.00 12.81 ? 272 HOH A O   1 
HETATM 1395 O O   . HOH D 4 .   ? 15.152  -8.489  3.337   0.50 18.23 ? 273 HOH A O   1 
HETATM 1396 O O   . HOH D 4 .   ? -20.419 -0.824  2.774   1.00 9.73  ? 274 HOH A O   1 
HETATM 1397 O O   . HOH D 4 .   ? -20.211 5.098   -0.739  1.00 15.12 ? 275 HOH A O   1 
HETATM 1398 O O   . HOH D 4 .   ? -13.515 1.397   -1.954  1.00 3.01  ? 276 HOH A O   1 
HETATM 1399 O O   . HOH D 4 .   ? -13.464 7.402   -15.327 0.60 29.24 ? 277 HOH A O   1 
HETATM 1400 O O   . HOH D 4 .   ? -11.525 7.420   1.477   1.00 5.81  ? 278 HOH A O   1 
HETATM 1401 O O   . HOH D 4 .   ? 5.896   1.651   -17.745 1.00 13.68 ? 279 HOH A O   1 
HETATM 1402 O O   . HOH D 4 .   ? -20.659 3.503   -3.270  1.00 23.87 ? 280 HOH A O   1 
HETATM 1403 O O   . HOH D 4 .   ? -15.162 8.063   0.955   1.00 6.92  ? 281 HOH A O   1 
HETATM 1404 O O   . HOH D 4 .   ? -12.805 14.430  -2.742  1.00 19.92 ? 282 HOH A O   1 
HETATM 1405 O O   . HOH D 4 .   ? -8.912  16.094  -2.817  0.90 14.73 ? 283 HOH A O   1 
HETATM 1406 O O   . HOH D 4 .   ? -10.247 6.385   5.460   1.00 8.09  ? 284 HOH A O   1 
HETATM 1407 O O   . HOH D 4 .   ? 13.101  -1.196  -6.654  0.40 19.87 ? 285 HOH A O   1 
HETATM 1408 O O   . HOH D 4 .   ? 9.425   0.264   -14.259 1.00 25.31 ? 286 HOH A O   1 
HETATM 1409 O O   . HOH D 4 .   ? -3.578  -6.328  -4.653  1.00 7.12  ? 287 HOH A O   1 
HETATM 1410 O O   . HOH D 4 .   ? 17.817  -3.583  0.293   0.70 26.98 ? 288 HOH A O   1 
HETATM 1411 O O   . HOH D 4 .   ? -11.416 8.710   9.589   1.00 9.86  ? 289 HOH A O   1 
HETATM 1412 O O   . HOH D 4 .   ? -16.290 -4.377  10.504  1.00 12.36 ? 290 HOH A O   1 
HETATM 1413 O O   . HOH D 4 .   ? -6.554  -2.928  -12.777 1.00 29.86 ? 291 HOH A O   1 
HETATM 1414 O O   . HOH D 4 .   ? -8.972  -2.141  -11.896 0.80 18.38 ? 292 HOH A O   1 
HETATM 1415 O O   . HOH D 4 .   ? -19.543 -0.119  10.455  0.80 23.34 ? 293 HOH A O   1 
HETATM 1416 O O   . HOH D 4 .   ? -19.152 -2.283  4.861   1.00 7.55  ? 294 HOH A O   1 
HETATM 1417 O O   . HOH D 4 .   ? 10.053  -8.811  -15.559 1.00 5.69  ? 295 HOH A O   1 
HETATM 1418 O O   . HOH D 4 .   ? -5.444  -8.982  -15.693 1.00 20.07 ? 296 HOH A O   1 
HETATM 1419 O O   . HOH D 4 .   ? -7.231  -4.171  -15.045 1.00 24.68 ? 297 HOH A O   1 
HETATM 1420 O O   . HOH D 4 .   ? -10.847 -9.994  -13.140 1.00 16.60 ? 298 HOH A O   1 
HETATM 1421 O O   . HOH D 4 .   ? -11.159 -3.541  -11.885 1.00 15.56 ? 299 HOH A O   1 
HETATM 1422 O O   . HOH D 4 .   ? -16.996 -9.690  -5.492  1.00 12.06 ? 300 HOH A O   1 
HETATM 1423 O O   . HOH D 4 .   ? -17.518 -8.501  -9.021  1.00 17.26 ? 301 HOH A O   1 
HETATM 1424 O O   . HOH D 4 .   ? -13.205 11.648  3.368   0.70 12.13 ? 302 HOH A O   1 
HETATM 1425 O O   . HOH D 4 .   ? -9.204  -3.442  -5.599  1.00 8.70  ? 303 HOH A O   1 
HETATM 1426 O O   . HOH D 4 .   ? -16.112 12.538  0.719   0.80 13.31 ? 304 HOH A O   1 
HETATM 1427 O O   . HOH D 4 .   ? 0.179   15.122  -2.398  1.00 17.00 ? 305 HOH A O   1 
HETATM 1428 O O   . HOH D 4 .   ? -7.341  9.503   -3.913  1.00 6.63  ? 306 HOH A O   1 
HETATM 1429 O O   . HOH D 4 .   ? -10.800 -6.673  10.167  1.00 9.29  ? 307 HOH A O   1 
HETATM 1430 O O   . HOH D 4 .   ? 6.557   -14.659 0.205   1.00 34.94 ? 308 HOH A O   1 
HETATM 1431 O O   . HOH D 4 .   ? -12.547 -10.076 8.732   0.40 17.69 ? 309 HOH A O   1 
HETATM 1432 O O   . HOH D 4 .   ? -18.700 -12.184 5.734   0.60 11.79 ? 310 HOH A O   1 
HETATM 1433 O O   . HOH D 4 .   ? -9.465  12.827  -9.575  1.00 19.56 ? 311 HOH A O   1 
HETATM 1434 O O   . HOH D 4 .   ? -15.199 -10.228 7.805   1.00 11.45 ? 312 HOH A O   1 
HETATM 1435 O O   . HOH D 4 .   ? -11.659 11.477  -13.577 1.00 9.59  ? 313 HOH A O   1 
HETATM 1436 O O   . HOH D 4 .   ? -14.370 13.368  -12.523 1.00 20.53 ? 314 HOH A O   1 
HETATM 1437 O O   . HOH D 4 .   ? -10.666 3.898   -14.416 0.70 21.17 ? 315 HOH A O   1 
HETATM 1438 O O   . HOH D 4 .   ? -5.147  4.538   -13.606 1.00 15.63 ? 316 HOH A O   1 
HETATM 1439 O O   . HOH D 4 .   ? -13.245 10.382  -5.475  1.00 8.60  ? 317 HOH A O   1 
HETATM 1440 O O   . HOH D 4 .   ? -12.995 -13.825 5.244   1.00 17.71 ? 318 HOH A O   1 
HETATM 1441 O O   . HOH D 4 .   ? -14.598 5.091   -11.943 0.70 23.52 ? 319 HOH A O   1 
HETATM 1442 O O   . HOH D 4 .   ? -15.996 2.379   -11.589 0.80 22.96 ? 320 HOH A O   1 
HETATM 1443 O O   . HOH D 4 .   ? -14.845 -2.942  -10.540 1.00 7.37  ? 321 HOH A O   1 
HETATM 1444 O O   . HOH D 4 .   ? -18.139 -0.781  -9.376  0.80 11.96 ? 322 HOH A O   1 
HETATM 1445 O O   . HOH D 4 .   ? -12.535 -3.953  -9.467  1.00 5.95  ? 323 HOH A O   1 
HETATM 1446 O O   A HOH D 4 .   ? -7.718  0.064   -12.755 0.50 16.16 ? 324 HOH A O   1 
HETATM 1447 O O   B HOH D 4 .   ? -6.580  1.082   -12.382 0.50 15.94 ? 324 HOH A O   1 
HETATM 1448 O O   . HOH D 4 .   ? -13.695 2.642   -4.892  1.00 4.23  ? 325 HOH A O   1 
HETATM 1449 O O   . HOH D 4 .   ? -9.463  6.837   2.868   1.00 7.60  ? 326 HOH A O   1 
HETATM 1450 O O   . HOH D 4 .   ? -5.608  -5.815  1.945   1.00 4.54  ? 327 HOH A O   1 
HETATM 1451 O O   . HOH D 4 .   ? -4.384  11.030  4.759   1.00 11.17 ? 328 HOH A O   1 
HETATM 1452 O O   . HOH D 4 .   ? -8.336  -18.852 3.218   1.00 16.49 ? 329 HOH A O   1 
HETATM 1453 O O   . HOH D 4 .   ? -0.854  13.684  9.364   0.50 13.25 ? 330 HOH A O   1 
HETATM 1454 O O   . HOH D 4 .   ? -0.401  12.761  12.751  1.00 10.14 ? 331 HOH A O   1 
HETATM 1455 O O   . HOH D 4 .   ? 3.935   10.122  16.325  1.00 6.19  ? 332 HOH A O   1 
HETATM 1456 O O   . HOH D 4 .   ? 0.453   11.004  14.713  1.00 5.57  ? 333 HOH A O   1 
HETATM 1457 O O   . HOH D 4 .   ? 5.999   9.845   10.475  1.00 8.65  ? 334 HOH A O   1 
HETATM 1458 O O   . HOH D 4 .   ? 7.038   11.179  13.572  1.00 22.06 ? 335 HOH A O   1 
HETATM 1459 O O   . HOH D 4 .   ? 5.496   7.640   14.509  1.00 12.07 ? 336 HOH A O   1 
HETATM 1460 O O   . HOH D 4 .   ? 3.216   13.483  9.527   1.00 12.22 ? 337 HOH A O   1 
HETATM 1461 O O   . HOH D 4 .   ? 0.905   13.118  7.458   1.00 15.10 ? 338 HOH A O   1 
HETATM 1462 O O   . HOH D 4 .   ? 8.653   15.389  1.987   1.00 10.25 ? 339 HOH A O   1 
HETATM 1463 O O   . HOH D 4 .   ? 6.052   12.493  9.627   1.00 13.69 ? 340 HOH A O   1 
HETATM 1464 O O   . HOH D 4 .   ? -11.327 -6.122  -1.306  1.00 4.12  ? 341 HOH A O   1 
HETATM 1465 O O   . HOH D 4 .   ? 3.580   14.813  7.035   1.00 17.89 ? 342 HOH A O   1 
HETATM 1466 O O   . HOH D 4 .   ? 9.868   11.717  8.431   0.60 9.83  ? 343 HOH A O   1 
HETATM 1467 O O   . HOH D 4 .   ? 10.744  14.135  5.633   1.00 12.93 ? 344 HOH A O   1 
HETATM 1468 O O   . HOH D 4 .   ? 3.035   18.284  -4.375  1.00 20.93 ? 345 HOH A O   1 
HETATM 1469 O O   . HOH D 4 .   ? -7.524  -10.126 13.647  1.00 34.02 ? 346 HOH A O   1 
HETATM 1470 O O   . HOH D 4 .   ? 9.413   15.607  -0.662  1.00 13.03 ? 347 HOH A O   1 
HETATM 1471 O O   . HOH D 4 .   ? 1.114   15.022  -5.714  1.00 11.20 ? 348 HOH A O   1 
HETATM 1472 O O   . HOH D 4 .   ? 6.646   14.596  -4.167  1.00 8.84  ? 349 HOH A O   1 
HETATM 1473 O O   . HOH D 4 .   ? -8.305  -6.394  11.137  1.00 7.00  ? 350 HOH A O   1 
HETATM 1474 O O   . HOH D 4 .   ? -6.288  -13.511 10.136  0.80 11.33 ? 351 HOH A O   1 
HETATM 1475 O O   . HOH D 4 .   ? 13.538  14.088  -2.759  0.30 14.92 ? 352 HOH A O   1 
HETATM 1476 O O   . HOH D 4 .   ? -17.933 -6.177  -6.233  0.90 15.39 ? 353 HOH A O   1 
HETATM 1477 O O   . HOH D 4 .   ? 3.792   9.583   -20.549 1.00 26.15 ? 354 HOH A O   1 
HETATM 1478 O O   . HOH D 4 .   ? 3.099   4.914   -16.503 1.00 23.51 ? 355 HOH A O   1 
HETATM 1479 O O   . HOH D 4 .   ? 9.354   11.302  -15.554 1.00 19.79 ? 356 HOH A O   1 
HETATM 1480 O O   . HOH D 4 .   ? -21.121 -3.263  -1.873  0.70 16.27 ? 357 HOH A O   1 
HETATM 1481 O O   . HOH D 4 .   ? -17.812 -8.891  1.698   1.00 11.06 ? 358 HOH A O   1 
HETATM 1482 O O   . HOH D 4 .   ? -20.347 -8.692  -1.324  0.40 21.03 ? 359 HOH A O   1 
HETATM 1483 O O   . HOH D 4 .   ? 9.479   7.799   -16.987 1.00 14.98 ? 360 HOH A O   1 
HETATM 1484 O O   . HOH D 4 .   ? -14.609 14.092  -8.615  0.70 25.16 ? 361 HOH A O   1 
HETATM 1485 O O   . HOH D 4 .   ? -16.529 10.101  -0.389  1.00 8.55  ? 362 HOH A O   1 
HETATM 1486 O O   . HOH D 4 .   ? 3.879   3.561   -18.746 1.00 30.18 ? 363 HOH A O   1 
HETATM 1487 O O   . HOH D 4 .   ? -5.157  -8.586  15.963  1.00 37.42 ? 364 HOH A O   1 
HETATM 1488 O O   . HOH D 4 .   ? 5.923   -8.188  7.196   1.00 5.22  ? 365 HOH A O   1 
HETATM 1489 O O   . HOH D 4 .   ? -17.606 8.328   -6.554  0.50 17.57 ? 366 HOH A O   1 
HETATM 1490 O O   . HOH D 4 .   ? 6.929   -7.485  9.825   1.00 11.58 ? 367 HOH A O   1 
HETATM 1491 O O   . HOH D 4 .   ? 13.050  6.723   -12.760 1.00 19.38 ? 368 HOH A O   1 
HETATM 1492 O O   . HOH D 4 .   ? 15.343  5.016   -13.167 1.00 33.10 ? 369 HOH A O   1 
HETATM 1493 O O   . HOH D 4 .   ? 14.974  1.604   -8.223  1.00 17.68 ? 370 HOH A O   1 
HETATM 1494 O O   . HOH D 4 .   ? 16.673  10.198  -7.547  1.00 31.90 ? 371 HOH A O   1 
HETATM 1495 O O   . HOH D 4 .   ? 17.174  3.075   -8.168  1.00 21.65 ? 372 HOH A O   1 
HETATM 1496 O O   . HOH D 4 .   ? 12.766  10.368  -9.899  0.80 15.23 ? 373 HOH A O   1 
HETATM 1497 O O   . HOH D 4 .   ? -21.350 -3.404  0.994   1.00 20.53 ? 374 HOH A O   1 
HETATM 1498 O O   . HOH D 4 .   ? 18.615  12.969  -4.419  0.50 28.75 ? 375 HOH A O   1 
HETATM 1499 O O   . HOH D 4 .   ? 16.597  10.184  -0.247  0.40 9.21  ? 376 HOH A O   1 
HETATM 1500 O O   . HOH D 4 .   ? 20.316  8.365   -2.470  1.00 12.03 ? 377 HOH A O   1 
HETATM 1501 O O   . HOH D 4 .   ? -8.856  -5.991  -16.293 1.00 24.22 ? 378 HOH A O   1 
HETATM 1502 O O   . HOH D 4 .   ? 13.840  -5.391  -5.713  0.50 28.54 ? 379 HOH A O   1 
HETATM 1503 O O   . HOH D 4 .   ? 16.934  1.172   0.007   1.00 12.03 ? 380 HOH A O   1 
HETATM 1504 O O   . HOH D 4 .   ? 13.972  -5.528  6.320   1.00 15.37 ? 381 HOH A O   1 
HETATM 1505 O O   . HOH D 4 .   ? 13.011  1.114   11.324  0.80 24.27 ? 382 HOH A O   1 
HETATM 1506 O O   . HOH D 4 .   ? 4.422   -11.737 13.385  1.00 15.77 ? 383 HOH A O   1 
HETATM 1507 O O   A HOH D 4 .   ? 5.840   -6.337  13.273  0.50 12.02 ? 384 HOH A O   1 
HETATM 1508 O O   B HOH D 4 .   ? 5.289   -7.383  13.549  0.50 5.65  ? 384 HOH A O   1 
HETATM 1509 O O   . HOH D 4 .   ? -6.377  -5.399  15.390  1.00 13.80 ? 385 HOH A O   1 
HETATM 1510 O O   . HOH D 4 .   ? 4.344   -2.452  17.132  1.00 25.93 ? 386 HOH A O   1 
HETATM 1511 O O   . HOH D 4 .   ? 0.870   -3.808  18.529  0.80 13.47 ? 387 HOH A O   1 
HETATM 1512 O O   . HOH D 4 .   ? -0.579  -7.490  16.199  1.00 7.73  ? 388 HOH A O   1 
HETATM 1513 O O   . HOH D 4 .   ? 3.544   -5.582  14.760  1.00 6.97  ? 389 HOH A O   1 
HETATM 1514 O O   . HOH D 4 .   ? 0.310   -2.152  20.654  1.00 24.57 ? 390 HOH A O   1 
HETATM 1515 O O   . HOH D 4 .   ? 8.003   -9.123  11.648  1.00 23.64 ? 391 HOH A O   1 
HETATM 1516 O O   . HOH D 4 .   ? -16.832 -8.797  -12.646 1.00 33.14 ? 392 HOH A O   1 
HETATM 1517 O O   . HOH D 4 .   ? -7.206  -2.649  16.381  1.00 10.97 ? 393 HOH A O   1 
HETATM 1518 O O   . HOH D 4 .   ? -1.578  13.535  6.417   0.50 23.23 ? 394 HOH A O   1 
HETATM 1519 O O   . HOH D 4 .   ? 8.737   -0.195  16.280  0.30 21.55 ? 395 HOH A O   1 
HETATM 1520 O O   . HOH D 4 .   ? -6.467  -13.340 -11.993 0.70 15.03 ? 396 HOH A O   1 
HETATM 1521 O O   . HOH D 4 .   ? 7.639   -5.559  13.211  0.50 12.61 ? 397 HOH A O   1 
HETATM 1522 O O   . HOH D 4 .   ? 6.963   -12.976 8.280   1.00 19.86 ? 398 HOH A O   1 
HETATM 1523 O O   . HOH D 4 .   ? 6.287   -13.534 12.621  1.00 25.25 ? 399 HOH A O   1 
HETATM 1524 O O   . HOH D 4 .   ? -10.325 14.354  5.504   1.00 35.64 ? 400 HOH A O   1 
HETATM 1525 O O   . HOH D 4 .   ? -4.315  -11.618 -10.977 0.70 17.14 ? 401 HOH A O   1 
HETATM 1526 O O   . HOH D 4 .   ? 18.183  8.472   -0.264  0.30 13.27 ? 402 HOH A O   1 
HETATM 1527 O O   . HOH D 4 .   ? -12.172 -7.884  14.235  0.40 24.83 ? 403 HOH A O   1 
HETATM 1528 O O   . HOH D 4 .   ? 15.601  -2.216  9.648   0.50 15.71 ? 404 HOH A O   1 
HETATM 1529 O O   . HOH D 4 .   ? -15.044 14.151  -1.189  1.00 28.04 ? 405 HOH A O   1 
HETATM 1530 O O   . HOH D 4 .   ? -19.437 -2.332  7.416   1.00 24.45 ? 406 HOH A O   1 
HETATM 1531 O O   . HOH D 4 .   ? 12.524  -5.751  -10.037 1.00 27.41 ? 407 HOH A O   1 
HETATM 1532 O O   . HOH D 4 .   ? -7.359  -13.181 -15.893 1.00 28.08 ? 408 HOH A O   1 
HETATM 1533 O O   B HOH D 4 .   ? -10.087 -17.543 4.573   0.50 18.07 ? 409 HOH A O   1 
HETATM 1534 O O   . HOH D 4 .   ? 22.099  0.818   4.001   0.50 13.37 ? 410 HOH A O   1 
HETATM 1535 O O   . HOH D 4 .   ? 2.405   8.724   -16.065 1.00 20.28 ? 411 HOH A O   1 
HETATM 1536 O O   A HOH D 4 .   ? 9.129   -5.502  10.447  0.60 9.10  ? 412 HOH A O   1 
HETATM 1537 O O   . HOH D 4 .   ? 1.905   -11.341 15.359  1.00 27.35 ? 413 HOH A O   1 
HETATM 1538 O O   . HOH D 4 .   ? -3.256  -11.549 15.494  1.00 27.00 ? 414 HOH A O   1 
HETATM 1539 O O   . HOH D 4 .   ? -0.125  -16.531 13.278  1.00 26.26 ? 415 HOH A O   1 
HETATM 1540 O O   . HOH D 4 .   ? 11.283  -12.765 -7.603  1.00 41.07 ? 416 HOH A O   1 
HETATM 1541 O O   . HOH D 4 .   ? 0.596   11.826  -13.042 0.70 18.69 ? 417 HOH A O   1 
HETATM 1542 O O   . HOH D 4 .   ? -21.351 1.249   -1.553  0.70 35.46 ? 418 HOH A O   1 
HETATM 1543 O O   . HOH D 4 .   ? -2.547  -14.929 12.652  1.00 16.86 ? 419 HOH A O   1 
HETATM 1544 O O   . HOH D 4 .   ? -0.371  15.802  0.130   1.00 23.89 ? 420 HOH A O   1 
HETATM 1545 O O   . HOH D 4 .   ? -1.000  18.199  -2.673  1.00 36.45 ? 421 HOH A O   1 
HETATM 1546 O O   . HOH D 4 .   ? -7.953  2.546   -14.252 0.50 25.92 ? 422 HOH A O   1 
HETATM 1547 O O   . HOH D 4 .   ? 8.936   16.205  7.951   1.00 32.14 ? 423 HOH A O   1 
HETATM 1548 O O   . HOH D 4 .   ? 5.417   0.864   -13.759 1.00 36.46 ? 424 HOH A O   1 
HETATM 1549 O O   . HOH D 4 .   ? -4.213  17.371  -3.976  0.50 21.61 ? 425 HOH A O   1 
HETATM 1550 O O   . HOH D 4 .   ? 10.492  -14.637 0.912   0.50 39.73 ? 426 HOH A O   1 
HETATM 1551 O O   . HOH D 4 .   ? 17.381  11.112  -10.607 0.40 20.55 ? 427 HOH A O   1 
HETATM 1552 O O   . HOH D 4 .   ? -7.000  17.586  -0.991  0.60 20.81 ? 428 HOH A O   1 
HETATM 1553 O O   . HOH D 4 .   ? -6.086  16.019  -5.234  1.00 26.89 ? 429 HOH A O   1 
HETATM 1554 O O   A HOH D 4 .   ? 12.652  7.147   -15.614 0.50 22.82 ? 430 HOH A O   1 
HETATM 1555 O O   B HOH D 4 .   ? 11.685  6.254   -16.496 0.50 25.20 ? 431 HOH A O   1 
HETATM 1556 O O   . HOH D 4 .   ? 13.630  13.600  -5.353  1.00 29.42 ? 432 HOH A O   1 
HETATM 1557 O O   . HOH D 4 .   ? 8.254   -14.951 3.877   1.00 26.80 ? 433 HOH A O   1 
HETATM 1558 O O   . HOH D 4 .   ? 1.431   -12.412 7.585   1.00 7.87  ? 434 HOH A O   1 
HETATM 1559 O O   B HOH D 4 .   ? -18.722 -6.921  5.879   0.50 7.15  ? 435 HOH A O   1 
HETATM 1560 O O   . HOH D 4 .   ? 19.635  9.012   -6.972  1.00 26.69 ? 436 HOH A O   1 
HETATM 1561 O O   . HOH D 4 .   ? 7.410   -12.328 2.818   1.00 16.71 ? 437 HOH A O   1 
HETATM 1562 O O   . HOH D 4 .   ? 6.926   -10.743 6.761   1.00 17.28 ? 438 HOH A O   1 
HETATM 1563 O O   . HOH D 4 .   ? -17.537 2.841   12.132  0.50 14.35 ? 439 HOH A O   1 
HETATM 1564 O O   . HOH D 4 .   ? 2.564   11.199  -15.089 0.50 18.21 ? 440 HOH A O   1 
HETATM 1565 O O   . HOH D 4 .   ? 5.839   16.282  8.781   0.40 17.21 ? 441 HOH A O   1 
HETATM 1566 O O   . HOH D 4 .   ? 5.559   7.168   -19.884 0.40 23.51 ? 442 HOH A O   1 
HETATM 1567 O O   . HOH D 4 .   ? -14.779 -2.414  -13.227 0.80 16.93 ? 443 HOH A O   1 
HETATM 1568 O O   . HOH D 4 .   ? 8.820   -10.547 4.845   1.00 20.74 ? 444 HOH A O   1 
HETATM 1569 O O   . HOH D 4 .   ? 8.692   -9.037  1.916   1.00 18.31 ? 445 HOH A O   1 
HETATM 1570 O O   . HOH D 4 .   ? -3.554  -1.644  -9.796  1.00 6.39  ? 446 HOH A O   1 
HETATM 1571 O O   . HOH D 4 .   ? 14.385  -5.969  11.537  1.00 33.97 ? 447 HOH A O   1 
HETATM 1572 O O   . HOH D 4 .   ? 10.980  -9.040  11.906  1.00 27.87 ? 448 HOH A O   1 
HETATM 1573 O O   . HOH D 4 .   ? -2.361  0.682   -8.692  1.00 16.07 ? 449 HOH A O   1 
HETATM 1574 O O   . HOH D 4 .   ? -6.734  12.302  5.384   1.00 17.42 ? 450 HOH A O   1 
HETATM 1575 O O   . HOH D 4 .   ? 0.756   -4.209  -11.052 1.00 23.29 ? 451 HOH A O   1 
HETATM 1576 O O   . HOH D 4 .   ? -17.882 -7.817  -4.040  1.00 18.30 ? 452 HOH A O   1 
HETATM 1577 O O   . HOH D 4 .   ? 14.959  -6.113  1.687   1.00 27.67 ? 453 HOH A O   1 
HETATM 1578 O O   . HOH D 4 .   ? -3.338  13.614  3.688   1.00 40.32 ? 454 HOH A O   1 
HETATM 1579 O O   . HOH D 4 .   ? -0.756  17.621  -9.496  1.00 35.31 ? 455 HOH A O   1 
HETATM 1580 O O   . HOH D 4 .   ? -4.494  -17.696 8.695   1.00 30.32 ? 456 HOH A O   1 
HETATM 1581 O O   . HOH D 4 .   ? -4.252  2.303   -11.693 1.00 34.50 ? 457 HOH A O   1 
HETATM 1582 O O   . HOH D 4 .   ? 7.383   15.355  -11.506 0.50 22.08 ? 458 HOH A O   1 
HETATM 1583 O O   . HOH D 4 .   ? -1.861  16.525  -4.537  0.50 22.39 ? 459 HOH A O   1 
HETATM 1584 O O   . HOH D 4 .   ? -12.876 7.960   5.516   1.00 17.06 ? 460 HOH A O   1 
HETATM 1585 O O   . HOH D 4 .   ? 6.217   -3.647  -0.895  1.00 10.69 ? 461 HOH A O   1 
HETATM 1586 O O   . HOH D 4 .   ? -2.350  -18.927 7.580   0.40 18.50 ? 462 HOH A O   1 
HETATM 1587 O O   . HOH D 4 .   ? 8.114   7.731   14.293  1.00 21.16 ? 463 HOH A O   1 
HETATM 1588 O O   . HOH D 4 .   ? 8.892   -5.506  -3.667  1.00 7.84  ? 464 HOH A O   1 
HETATM 1589 O O   . HOH D 4 .   ? -0.566  16.294  4.781   0.50 20.26 ? 465 HOH A O   1 
HETATM 1590 O O   . HOH D 4 .   ? -17.350 5.285   -9.492  0.40 22.86 ? 466 HOH A O   1 
HETATM 1591 O O   . HOH D 4 .   ? -9.621  -8.524  -16.166 1.00 37.48 ? 467 HOH A O   1 
HETATM 1592 O O   . HOH D 4 .   ? 4.174   15.228  -12.495 0.50 18.85 ? 468 HOH A O   1 
HETATM 1593 O O   . HOH D 4 .   ? -3.607  2.838   -9.091  1.00 29.39 ? 469 HOH A O   1 
HETATM 1594 O O   . HOH D 4 .   ? 4.286   -15.345 -9.373  0.50 20.91 ? 470 HOH A O   1 
HETATM 1595 O O   . HOH D 4 .   ? 11.210  -3.250  -6.884  1.00 24.65 ? 471 HOH A O   1 
HETATM 1596 O O   . HOH D 4 .   ? 6.381   -4.160  -4.591  1.00 6.02  ? 472 HOH A O   1 
HETATM 1597 O O   . HOH D 4 .   ? -10.805 17.095  4.427   0.80 39.26 ? 473 HOH A O   1 
HETATM 1598 O O   . HOH D 4 .   ? 7.491   5.515   17.731  1.00 37.51 ? 474 HOH A O   1 
HETATM 1599 O O   . HOH D 4 .   ? -12.519 2.167   -18.432 0.60 29.83 ? 475 HOH A O   1 
HETATM 1600 O O   . HOH D 4 .   ? 2.833   -16.200 -4.395  0.50 20.33 ? 476 HOH A O   1 
HETATM 1601 O O   . HOH D 4 .   ? 10.364  16.209  3.922   1.00 7.93  ? 477 HOH A O   1 
HETATM 1602 O O   . HOH D 4 .   ? 11.731  12.254  10.128  0.30 11.25 ? 478 HOH A O   1 
HETATM 1603 O O   . HOH D 4 .   ? 12.001  -11.217 -12.540 1.00 32.86 ? 479 HOH A O   1 
HETATM 1604 O O   . HOH D 4 .   ? 12.107  1.048   -5.550  1.00 7.41  ? 480 HOH A O   1 
HETATM 1605 O O   . HOH D 4 .   ? 0.914   -19.417 6.492   0.30 12.49 ? 481 HOH A O   1 
HETATM 1606 O O   . HOH D 4 .   ? 10.993  0.755   -9.907  1.00 10.31 ? 482 HOH A O   1 
HETATM 1607 O O   . HOH D 4 .   ? 2.892   -2.569  -11.060 1.00 10.38 ? 483 HOH A O   1 
HETATM 1608 O O   . HOH D 4 .   ? 12.149  -8.469  -9.581  0.50 18.14 ? 484 HOH A O   1 
HETATM 1609 O O   . HOH D 4 .   ? 12.166  11.934  4.878   1.00 19.65 ? 485 HOH A O   1 
HETATM 1610 O O   . HOH D 4 .   ? 18.008  -0.788  6.066   0.70 16.94 ? 486 HOH A O   1 
HETATM 1611 O O   . HOH D 4 .   ? -4.604  -1.516  -12.386 1.00 27.41 ? 487 HOH A O   1 
HETATM 1612 O O   A HOH D 4 .   ? 19.569  -2.650  -2.395  0.50 25.23 ? 488 HOH A O   1 
HETATM 1613 O O   B HOH D 4 .   ? 18.608  -3.599  -4.561  0.50 22.32 ? 488 HOH A O   1 
HETATM 1614 O O   . HOH D 4 .   ? 6.173   -0.199  17.350  1.00 31.38 ? 489 HOH A O   1 
HETATM 1615 O O   . HOH D 4 .   ? 9.589   2.503   17.111  0.70 30.97 ? 490 HOH A O   1 
HETATM 1616 O O   . HOH D 4 .   ? 11.558  -7.649  -12.300 1.00 25.14 ? 491 HOH A O   1 
HETATM 1617 O O   . HOH D 4 .   ? 7.646   -0.120  -12.299 0.90 18.63 ? 492 HOH A O   1 
HETATM 1618 O O   . HOH D 4 .   ? 16.208  -5.189  -0.973  1.00 32.62 ? 493 HOH A O   1 
HETATM 1619 O O   . HOH D 4 .   ? 6.680   14.486  -6.936  1.00 29.10 ? 494 HOH A O   1 
HETATM 1620 O O   . HOH D 4 .   ? 5.960   2.875   18.629  1.00 35.08 ? 495 HOH A O   1 
HETATM 1621 O O   . HOH D 4 .   ? 11.585  15.652  -2.138  1.00 42.94 ? 496 HOH A O   1 
HETATM 1622 O O   . HOH D 4 .   ? -15.444 7.980   -10.638 0.60 23.89 ? 497 HOH A O   1 
HETATM 1623 O O   . HOH D 4 .   ? -15.110 14.306  -5.952  0.50 17.59 ? 498 HOH A O   1 
HETATM 1624 O O   . HOH D 4 .   ? 11.816  -12.048 -1.911  0.50 16.09 ? 499 HOH A O   1 
HETATM 1625 O O   . HOH D 4 .   ? 9.546   13.801  11.380  0.30 8.33  ? 500 HOH A O   1 
HETATM 1626 O O   . HOH D 4 .   ? -0.311  -10.241 15.673  1.00 29.69 ? 501 HOH A O   1 
HETATM 1627 O O   . HOH D 4 .   ? 0.824   -20.103 3.639   0.40 16.28 ? 502 HOH A O   1 
HETATM 1628 O O   . HOH D 4 .   ? -20.596 0.257   -5.116  0.40 11.22 ? 503 HOH A O   1 
HETATM 1629 O O   . HOH D 4 .   ? 10.648  -11.323 -9.995  1.00 33.67 ? 504 HOH A O   1 
HETATM 1630 O O   . HOH D 4 .   ? 23.614  9.401   7.714   0.50 17.08 ? 505 HOH A O   1 
HETATM 1631 O O   . HOH D 4 .   ? 10.336  14.167  -18.856 0.50 26.28 ? 506 HOH A O   1 
HETATM 1632 O O   . HOH D 4 .   ? 8.632   14.614  -8.765  0.50 18.74 ? 507 HOH A O   1 
HETATM 1633 O O   . HOH D 4 .   ? -12.313 -2.932  -14.235 0.80 26.24 ? 508 HOH A O   1 
HETATM 1634 O O   . HOH D 4 .   ? 14.237  12.889  -7.823  0.30 13.95 ? 509 HOH A O   1 
HETATM 1635 O O   . HOH D 4 .   ? 20.672  8.179   7.910   0.70 27.16 ? 510 HOH A O   1 
HETATM 1636 O O   . HOH D 4 .   ? 6.072   14.425  -15.522 0.50 20.11 ? 511 HOH A O   1 
HETATM 1637 O O   . HOH D 4 .   ? 14.328  -6.933  -2.402  1.00 38.38 ? 512 HOH A O   1 
HETATM 1638 O O   . HOH D 4 .   ? 3.015   -18.207 -8.628  0.20 17.27 ? 513 HOH A O   1 
HETATM 1639 O O   . HOH D 4 .   ? -12.977 9.596   7.667   0.60 13.03 ? 514 HOH A O   1 
HETATM 1640 O O   . HOH D 4 .   ? -11.038 13.290  3.163   1.00 12.91 ? 515 HOH A O   1 
HETATM 1641 O O   . HOH D 4 .   ? 18.407  -1.050  -13.749 0.50 29.86 ? 516 HOH A O   1 
HETATM 1642 O O   . HOH D 4 .   ? -1.393  -2.823  -10.587 0.70 23.15 ? 517 HOH A O   1 
HETATM 1643 O O   . HOH D 4 .   ? -8.555  -9.911  -14.234 0.70 19.73 ? 518 HOH A O   1 
HETATM 1644 O O   . HOH D 4 .   ? -13.411 -10.471 10.961  0.30 15.15 ? 519 HOH A O   1 
HETATM 1645 O O   . HOH D 4 .   ? 10.815  4.770   14.644  1.00 36.75 ? 520 HOH A O   1 
HETATM 1646 O O   . HOH D 4 .   ? -2.309  -4.492  -12.647 0.50 15.30 ? 521 HOH A O   1 
HETATM 1647 O O   B HOH D 4 .   ? -0.652  -7.387  -11.390 0.20 2.00  ? 522 HOH A O   1 
HETATM 1648 O O   B HOH D 4 .   ? -2.634  -7.390  -7.202  0.20 2.00  ? 523 HOH A O   1 
HETATM 1649 O O   . HOH D 4 .   ? -8.065  -14.480 -10.206 1.00 9.62  ? 524 HOH A O   1 
HETATM 1650 O O   . HOH D 4 .   ? 4.332   -19.105 10.123  0.60 28.16 ? 525 HOH A O   1 
HETATM 1651 O O   . HOH D 4 .   ? 6.864   -15.029 10.539  0.30 14.30 ? 526 HOH A O   1 
HETATM 1652 O O   . HOH D 4 .   ? 15.958  4.522   -15.768 0.40 16.36 ? 527 HOH A O   1 
HETATM 1653 O O   . HOH D 4 .   ? -6.763  15.047  5.464   0.50 28.63 ? 528 HOH A O   1 
HETATM 1654 O O   . HOH D 4 .   ? -15.645 16.827  -0.673  0.40 16.98 ? 529 HOH A O   1 
HETATM 1655 O O   . HOH D 4 .   ? 3.419   2.327   -14.794 1.00 27.88 ? 530 HOH A O   1 
HETATM 1656 O O   . HOH D 4 .   ? 12.335  10.588  -15.208 0.30 11.26 ? 531 HOH A O   1 
HETATM 1657 O O   . HOH D 4 .   ? 6.820   12.904  -13.640 0.50 19.59 ? 532 HOH A O   1 
HETATM 1658 O O   . HOH D 4 .   ? -16.106 -0.130  -13.903 0.50 22.98 ? 533 HOH A O   1 
HETATM 1659 O O   . HOH D 4 .   ? 13.592  9.438   -12.818 1.00 26.92 ? 534 HOH A O   1 
HETATM 1660 O O   . HOH D 4 .   ? -16.684 11.080  -3.006  1.00 14.62 ? 535 HOH A O   1 
HETATM 1661 O O   . HOH D 4 .   ? -14.474 12.372  -4.155  1.00 16.89 ? 536 HOH A O   1 
HETATM 1662 O O   . HOH D 4 .   ? 17.262  6.774   -12.533 1.00 30.84 ? 537 HOH A O   1 
HETATM 1663 O O   . HOH D 4 .   ? 16.307  9.247   -13.230 0.50 26.10 ? 538 HOH A O   1 
HETATM 1664 O O   . HOH D 4 .   ? 4.301   11.600  -13.256 1.00 21.54 ? 539 HOH A O   1 
# 
loop_
_pdbx_poly_seq_scheme.asym_id 
_pdbx_poly_seq_scheme.entity_id 
_pdbx_poly_seq_scheme.seq_id 
_pdbx_poly_seq_scheme.mon_id 
_pdbx_poly_seq_scheme.ndb_seq_num 
_pdbx_poly_seq_scheme.pdb_seq_num 
_pdbx_poly_seq_scheme.auth_seq_num 
_pdbx_poly_seq_scheme.pdb_mon_id 
_pdbx_poly_seq_scheme.auth_mon_id 
_pdbx_poly_seq_scheme.pdb_strand_id 
_pdbx_poly_seq_scheme.pdb_ins_code 
_pdbx_poly_seq_scheme.hetero 
A 1 1   MET 1   42  ?   ?   ?   A . n 
A 1 2   SER 2   43  ?   ?   ?   A . n 
A 1 3   GLY 3   44  44  GLY GLY A . n 
A 1 4   ASN 4   45  45  ASN ASN A . n 
A 1 5   PRO 5   46  46  PRO PRO A . n 
A 1 6   LEU 6   47  47  LEU LEU A . n 
A 1 7   VAL 7   48  48  VAL VAL A . n 
A 1 8   TYR 8   49  49  TYR TYR A . n 
A 1 9   LEU 9   50  50  LEU LEU A . n 
A 1 10  ASP 10  51  51  ASP ASP A . n 
A 1 11  VAL 11  52  52  VAL VAL A . n 
A 1 12  ASP 12  53  53  ASP ASP A . n 
A 1 13  ALA 13  54  54  ALA ALA A . n 
A 1 14  ASN 14  55  55  ASN ASN A . n 
A 1 15  GLY 15  56  56  GLY GLY A . n 
A 1 16  LYS 16  57  57  LYS LYS A . n 
A 1 17  PRO 17  58  58  PRO PRO A . n 
A 1 18  LEU 18  59  59  LEU LEU A . n 
A 1 19  GLY 19  60  60  GLY GLY A . n 
A 1 20  ARG 20  61  61  ARG ARG A . n 
A 1 21  VAL 21  62  62  VAL VAL A . n 
A 1 22  VAL 22  63  63  VAL VAL A . n 
A 1 23  LEU 23  64  64  LEU LEU A . n 
A 1 24  GLU 24  65  65  GLU GLU A . n 
A 1 25  LEU 25  66  66  LEU LEU A . n 
A 1 26  LYS 26  67  67  LYS LYS A . n 
A 1 27  ALA 27  68  68  ALA ALA A . n 
A 1 28  ASP 28  69  69  ASP ASP A . n 
A 1 29  VAL 29  70  70  VAL VAL A . n 
A 1 30  VAL 30  71  71  VAL VAL A . n 
A 1 31  PRO 31  72  72  PRO PRO A . n 
A 1 32  LYS 32  73  73  LYS LYS A . n 
A 1 33  THR 33  74  74  THR THR A . n 
A 1 34  ALA 34  75  75  ALA ALA A . n 
A 1 35  GLU 35  76  76  GLU GLU A . n 
A 1 36  ASN 36  77  77  ASN ASN A . n 
A 1 37  PHE 37  78  78  PHE PHE A . n 
A 1 38  ARG 38  79  79  ARG ARG A . n 
A 1 39  ALA 39  80  80  ALA ALA A . n 
A 1 40  LEU 40  81  81  LEU LEU A . n 
A 1 41  CYS 41  82  82  CYS CYS A . n 
A 1 42  THR 42  83  83  THR THR A . n 
A 1 43  GLY 43  84  84  GLY GLY A . n 
A 1 44  GLU 44  85  85  GLU GLU A . n 
A 1 45  LYS 45  86  86  LYS LYS A . n 
A 1 46  GLY 46  87  87  GLY GLY A . n 
A 1 47  PHE 47  88  88  PHE PHE A . n 
A 1 48  GLY 48  89  89  GLY GLY A . n 
A 1 49  TYR 49  90  90  TYR TYR A . n 
A 1 50  LYS 50  91  91  LYS LYS A . n 
A 1 51  GLY 51  92  92  GLY GLY A . n 
A 1 52  SER 52  93  93  SER SER A . n 
A 1 53  THR 53  94  94  THR THR A . n 
A 1 54  PHE 54  95  95  PHE PHE A . n 
A 1 55  HIS 55  96  96  HIS HIS A . n 
A 1 56  ARG 56  97  97  ARG ARG A . n 
A 1 57  VAL 57  98  98  VAL VAL A . n 
A 1 58  ILE 58  99  99  ILE ILE A . n 
A 1 59  PRO 59  100 100 PRO PRO A . n 
A 1 60  SER 60  101 101 SER SER A . n 
A 1 61  PHE 61  102 102 PHE PHE A . n 
A 1 62  MET 62  103 103 MET MET A . n 
A 1 63  CYS 63  104 104 CYS CYS A . n 
A 1 64  GLN 64  105 105 GLN GLN A . n 
A 1 65  ALA 65  106 106 ALA ALA A . n 
A 1 66  GLY 66  107 107 GLY GLY A . n 
A 1 67  ASP 67  108 108 ASP ASP A . n 
A 1 68  PHE 68  109 109 PHE PHE A . n 
A 1 69  THR 69  110 110 THR THR A . n 
A 1 70  ASN 70  111 111 ASN ASN A . n 
A 1 71  HIS 71  112 112 HIS HIS A . n 
A 1 72  ASN 72  113 113 ASN ASN A . n 
A 1 73  GLY 73  114 114 GLY GLY A . n 
A 1 74  THR 74  115 115 THR THR A . n 
A 1 75  GLY 75  116 116 GLY GLY A . n 
A 1 76  GLY 76  117 117 GLY GLY A . n 
A 1 77  LYS 77  118 118 LYS LYS A . n 
A 1 78  SER 78  119 119 SER SER A . n 
A 1 79  ILE 79  120 120 ILE ILE A . n 
A 1 80  TYR 80  121 121 TYR TYR A . n 
A 1 81  GLY 81  122 122 GLY GLY A . n 
A 1 82  SER 82  123 123 SER SER A . n 
A 1 83  ARG 83  124 124 ARG ARG A . n 
A 1 84  PHE 84  125 125 PHE PHE A . n 
A 1 85  PRO 85  126 126 PRO PRO A . n 
A 1 86  ASP 86  127 127 ASP ASP A . n 
A 1 87  GLU 87  128 128 GLU GLU A . n 
A 1 88  ASN 88  129 129 ASN ASN A . n 
A 1 89  PHE 89  130 130 PHE PHE A . n 
A 1 90  THR 90  131 131 THR THR A . n 
A 1 91  LEU 91  132 132 LEU LEU A . n 
A 1 92  LYS 92  133 133 LYS LYS A . n 
A 1 93  HIS 93  134 134 HIS HIS A . n 
A 1 94  VAL 94  135 135 VAL VAL A . n 
A 1 95  GLY 95  136 136 GLY GLY A . n 
A 1 96  PRO 96  137 137 PRO PRO A . n 
A 1 97  GLY 97  138 138 GLY GLY A . n 
A 1 98  VAL 98  139 139 VAL VAL A . n 
A 1 99  LEU 99  140 140 LEU LEU A . n 
A 1 100 SER 100 141 141 SER SER A . n 
A 1 101 MET 101 142 142 MET MET A . n 
A 1 102 ALA 102 143 143 ALA ALA A . n 
A 1 103 ASN 103 144 144 ASN ASN A . n 
A 1 104 ALA 104 145 145 ALA ALA A . n 
A 1 105 GLY 105 146 146 GLY GLY A . n 
A 1 106 PRO 106 147 147 PRO PRO A . n 
A 1 107 ASN 107 148 148 ASN ASN A . n 
A 1 108 THR 108 149 149 THR THR A . n 
A 1 109 ASN 109 150 150 ASN ASN A . n 
A 1 110 GLY 110 151 151 GLY GLY A . n 
A 1 111 SER 111 152 152 SER SER A . n 
A 1 112 GLN 112 153 153 GLN GLN A . n 
A 1 113 PHE 113 154 154 PHE PHE A . n 
A 1 114 PHE 114 155 155 PHE PHE A . n 
A 1 115 ILE 115 156 156 ILE ILE A . n 
A 1 116 CYS 116 157 157 CYS CYS A . n 
A 1 117 THR 117 158 158 THR THR A . n 
A 1 118 ILE 118 159 159 ILE ILE A . n 
A 1 119 LYS 119 160 160 LYS LYS A . n 
A 1 120 THR 120 161 161 THR THR A . n 
A 1 121 ASP 121 162 162 ASP ASP A . n 
A 1 122 TRP 122 163 163 TRP TRP A . n 
A 1 123 LEU 123 164 164 LEU LEU A . n 
A 1 124 ASP 124 165 165 ASP ASP A . n 
A 1 125 GLY 125 166 166 GLY GLY A . n 
A 1 126 LYS 126 167 167 LYS LYS A . n 
A 1 127 HIS 127 168 168 HIS HIS A . n 
A 1 128 VAL 128 169 169 VAL VAL A . n 
A 1 129 VAL 129 170 170 VAL VAL A . n 
A 1 130 PHE 130 171 171 PHE PHE A . n 
A 1 131 GLY 131 172 172 GLY GLY A . n 
A 1 132 HIS 132 173 173 HIS HIS A . n 
A 1 133 VAL 133 174 174 VAL VAL A . n 
A 1 134 ILE 134 175 175 ILE ILE A . n 
A 1 135 GLU 135 176 176 GLU GLU A . n 
A 1 136 GLY 136 177 177 GLY GLY A . n 
A 1 137 MET 137 178 178 MET MET A . n 
A 1 138 ASP 138 179 179 ASP ASP A . n 
A 1 139 VAL 139 180 180 VAL VAL A . n 
A 1 140 VAL 140 181 181 VAL VAL A . n 
A 1 141 LYS 141 182 182 LYS LYS A . n 
A 1 142 LYS 142 183 183 LYS LYS A . n 
A 1 143 ILE 143 184 184 ILE ILE A . n 
A 1 144 GLU 144 185 185 GLU GLU A . n 
A 1 145 SER 145 186 186 SER SER A . n 
A 1 146 PHE 146 187 187 PHE PHE A . n 
A 1 147 GLY 147 188 188 GLY GLY A . n 
A 1 148 SER 148 189 189 SER SER A . n 
A 1 149 LYS 149 190 190 LYS LYS A . n 
A 1 150 SER 150 191 191 SER SER A . n 
A 1 151 GLY 151 192 192 GLY GLY A . n 
A 1 152 ARG 152 193 193 ARG ARG A . n 
A 1 153 THR 153 194 194 THR THR A . n 
A 1 154 SER 154 195 195 SER SER A . n 
A 1 155 LYS 155 196 196 LYS LYS A . n 
A 1 156 LYS 156 197 197 LYS LYS A . n 
A 1 157 ILE 157 198 198 ILE ILE A . n 
A 1 158 VAL 158 199 199 VAL VAL A . n 
A 1 159 ILE 159 200 200 ILE ILE A . n 
A 1 160 THR 160 201 201 THR THR A . n 
A 1 161 ASP 161 202 202 ASP ASP A . n 
A 1 162 CYS 162 203 203 CYS CYS A . n 
A 1 163 GLY 163 204 204 GLY GLY A . n 
A 1 164 GLN 164 205 205 GLN GLN A . n 
A 1 165 LEU 165 206 206 LEU LEU A . n 
A 1 166 SER 166 207 207 SER SER A . n 
# 
loop_
_pdbx_nonpoly_scheme.asym_id 
_pdbx_nonpoly_scheme.entity_id 
_pdbx_nonpoly_scheme.mon_id 
_pdbx_nonpoly_scheme.ndb_seq_num 
_pdbx_nonpoly_scheme.pdb_seq_num 
_pdbx_nonpoly_scheme.auth_seq_num 
_pdbx_nonpoly_scheme.pdb_mon_id 
_pdbx_nonpoly_scheme.auth_mon_id 
_pdbx_nonpoly_scheme.pdb_strand_id 
_pdbx_nonpoly_scheme.pdb_ins_code 
B 2 5AO 1   1   1   5AO 5AO A . 
C 3 P4C 1   208 1   P4C P4C A . 
D 4 HOH 1   2   2   HOH HOH A . 
D 4 HOH 2   3   3   HOH HOH A . 
D 4 HOH 3   5   5   HOH HOH A . 
D 4 HOH 4   6   6   HOH HOH A . 
D 4 HOH 5   7   7   HOH HOH A . 
D 4 HOH 6   8   8   HOH HOH A . 
D 4 HOH 7   9   9   HOH HOH A . 
D 4 HOH 8   10  10  HOH HOH A . 
D 4 HOH 9   11  11  HOH HOH A . 
D 4 HOH 10  12  12  HOH HOH A . 
D 4 HOH 11  15  15  HOH HOH A . 
D 4 HOH 12  19  19  HOH HOH A . 
D 4 HOH 13  20  20  HOH HOH A . 
D 4 HOH 14  23  23  HOH HOH A . 
D 4 HOH 15  24  24  HOH HOH A . 
D 4 HOH 16  25  25  HOH HOH A . 
D 4 HOH 17  26  26  HOH HOH A . 
D 4 HOH 18  27  27  HOH HOH A . 
D 4 HOH 19  30  30  HOH HOH A . 
D 4 HOH 20  32  32  HOH HOH A . 
D 4 HOH 21  33  33  HOH HOH A . 
D 4 HOH 22  35  35  HOH HOH A . 
D 4 HOH 23  37  37  HOH HOH A . 
D 4 HOH 24  38  38  HOH HOH A . 
D 4 HOH 25  41  41  HOH HOH A . 
D 4 HOH 26  209 209 HOH HOH A . 
D 4 HOH 27  210 43  HOH HOH A . 
D 4 HOH 28  211 44  HOH HOH A . 
D 4 HOH 29  212 212 HOH HOH A . 
D 4 HOH 30  213 213 HOH HOH A . 
D 4 HOH 31  214 214 HOH HOH A . 
D 4 HOH 32  215 45  HOH HOH A . 
D 4 HOH 33  216 46  HOH HOH A . 
D 4 HOH 34  217 217 HOH HOH A . 
D 4 HOH 35  218 218 HOH HOH A . 
D 4 HOH 36  219 48  HOH HOH A . 
D 4 HOH 37  220 220 HOH HOH A . 
D 4 HOH 38  221 49  HOH HOH A . 
D 4 HOH 39  222 50  HOH HOH A . 
D 4 HOH 40  223 52  HOH HOH A . 
D 4 HOH 41  224 54  HOH HOH A . 
D 4 HOH 42  225 55  HOH HOH A . 
D 4 HOH 43  226 226 HOH HOH A . 
D 4 HOH 44  227 227 HOH HOH A . 
D 4 HOH 45  228 228 HOH HOH A . 
D 4 HOH 46  229 57  HOH HOH A . 
D 4 HOH 47  230 230 HOH HOH A . 
D 4 HOH 48  231 231 HOH HOH A . 
D 4 HOH 49  232 58  HOH HOH A . 
D 4 HOH 50  233 61  HOH HOH A . 
D 4 HOH 51  234 234 HOH HOH A . 
D 4 HOH 52  235 235 HOH HOH A . 
D 4 HOH 53  236 236 HOH HOH A . 
D 4 HOH 54  237 237 HOH HOH A . 
D 4 HOH 55  238 62  HOH HOH A . 
D 4 HOH 56  239 239 HOH HOH A . 
D 4 HOH 57  240 240 HOH HOH A . 
D 4 HOH 58  241 241 HOH HOH A . 
D 4 HOH 59  242 242 HOH HOH A . 
D 4 HOH 60  243 65  HOH HOH A . 
D 4 HOH 61  244 66  HOH HOH A . 
D 4 HOH 62  245 68  HOH HOH A . 
D 4 HOH 63  246 246 HOH HOH A . 
D 4 HOH 64  247 247 HOH HOH A . 
D 4 HOH 65  248 248 HOH HOH A . 
D 4 HOH 66  249 249 HOH HOH A . 
D 4 HOH 67  250 250 HOH HOH A . 
D 4 HOH 68  251 251 HOH HOH A . 
D 4 HOH 69  252 252 HOH HOH A . 
D 4 HOH 70  253 253 HOH HOH A . 
D 4 HOH 71  254 254 HOH HOH A . 
D 4 HOH 72  255 255 HOH HOH A . 
D 4 HOH 73  256 256 HOH HOH A . 
D 4 HOH 74  257 69  HOH HOH A . 
D 4 HOH 75  258 72  HOH HOH A . 
D 4 HOH 76  259 73  HOH HOH A . 
D 4 HOH 77  260 74  HOH HOH A . 
D 4 HOH 78  261 75  HOH HOH A . 
D 4 HOH 79  262 262 HOH HOH A . 
D 4 HOH 80  263 263 HOH HOH A . 
D 4 HOH 81  264 264 HOH HOH A . 
D 4 HOH 82  265 265 HOH HOH A . 
D 4 HOH 83  266 266 HOH HOH A . 
D 4 HOH 84  267 267 HOH HOH A . 
D 4 HOH 85  268 76  HOH HOH A . 
D 4 HOH 86  269 269 HOH HOH A . 
D 4 HOH 87  270 270 HOH HOH A . 
D 4 HOH 88  271 271 HOH HOH A . 
D 4 HOH 89  272 272 HOH HOH A . 
D 4 HOH 90  273 81  HOH HOH A . 
D 4 HOH 91  274 274 HOH HOH A . 
D 4 HOH 92  275 275 HOH HOH A . 
D 4 HOH 93  276 276 HOH HOH A . 
D 4 HOH 94  277 83  HOH HOH A . 
D 4 HOH 95  278 278 HOH HOH A . 
D 4 HOH 96  279 279 HOH HOH A . 
D 4 HOH 97  280 280 HOH HOH A . 
D 4 HOH 98  281 281 HOH HOH A . 
D 4 HOH 99  282 282 HOH HOH A . 
D 4 HOH 100 283 283 HOH HOH A . 
D 4 HOH 101 284 284 HOH HOH A . 
D 4 HOH 102 285 88  HOH HOH A . 
D 4 HOH 103 286 90  HOH HOH A . 
D 4 HOH 104 287 287 HOH HOH A . 
D 4 HOH 105 288 91  HOH HOH A . 
D 4 HOH 106 289 94  HOH HOH A . 
D 4 HOH 107 290 96  HOH HOH A . 
D 4 HOH 108 291 291 HOH HOH A . 
D 4 HOH 109 292 292 HOH HOH A . 
D 4 HOH 110 293 97  HOH HOH A . 
D 4 HOH 111 294 102 HOH HOH A . 
D 4 HOH 112 295 103 HOH HOH A . 
D 4 HOH 113 296 296 HOH HOH A . 
D 4 HOH 114 297 297 HOH HOH A . 
D 4 HOH 115 298 298 HOH HOH A . 
D 4 HOH 116 299 299 HOH HOH A . 
D 4 HOH 117 300 300 HOH HOH A . 
D 4 HOH 118 301 301 HOH HOH A . 
D 4 HOH 119 302 104 HOH HOH A . 
D 4 HOH 120 303 303 HOH HOH A . 
D 4 HOH 121 304 105 HOH HOH A . 
D 4 HOH 122 305 305 HOH HOH A . 
D 4 HOH 123 306 306 HOH HOH A . 
D 4 HOH 124 307 107 HOH HOH A . 
D 4 HOH 125 308 108 HOH HOH A . 
D 4 HOH 126 309 109 HOH HOH A . 
D 4 HOH 127 310 110 HOH HOH A . 
D 4 HOH 128 311 311 HOH HOH A . 
D 4 HOH 129 312 111 HOH HOH A . 
D 4 HOH 130 313 313 HOH HOH A . 
D 4 HOH 131 314 314 HOH HOH A . 
D 4 HOH 132 315 315 HOH HOH A . 
D 4 HOH 133 316 316 HOH HOH A . 
D 4 HOH 134 317 317 HOH HOH A . 
D 4 HOH 135 318 112 HOH HOH A . 
D 4 HOH 136 319 319 HOH HOH A . 
D 4 HOH 137 320 320 HOH HOH A . 
D 4 HOH 138 321 321 HOH HOH A . 
D 4 HOH 139 322 322 HOH HOH A . 
D 4 HOH 140 323 323 HOH HOH A . 
D 4 HOH 141 324 324 HOH HOH A . 
D 4 HOH 142 325 325 HOH HOH A . 
D 4 HOH 143 326 326 HOH HOH A . 
D 4 HOH 144 327 114 HOH HOH A . 
D 4 HOH 145 328 328 HOH HOH A . 
D 4 HOH 146 329 329 HOH HOH A . 
D 4 HOH 147 330 330 HOH HOH A . 
D 4 HOH 148 331 331 HOH HOH A . 
D 4 HOH 149 332 332 HOH HOH A . 
D 4 HOH 150 333 333 HOH HOH A . 
D 4 HOH 151 334 334 HOH HOH A . 
D 4 HOH 152 335 335 HOH HOH A . 
D 4 HOH 153 336 336 HOH HOH A . 
D 4 HOH 154 337 337 HOH HOH A . 
D 4 HOH 155 338 338 HOH HOH A . 
D 4 HOH 156 339 339 HOH HOH A . 
D 4 HOH 157 340 340 HOH HOH A . 
D 4 HOH 158 341 115 HOH HOH A . 
D 4 HOH 159 342 342 HOH HOH A . 
D 4 HOH 160 343 343 HOH HOH A . 
D 4 HOH 161 344 344 HOH HOH A . 
D 4 HOH 162 345 345 HOH HOH A . 
D 4 HOH 163 346 117 HOH HOH A . 
D 4 HOH 164 347 347 HOH HOH A . 
D 4 HOH 165 348 348 HOH HOH A . 
D 4 HOH 166 349 349 HOH HOH A . 
D 4 HOH 167 350 118 HOH HOH A . 
D 4 HOH 168 351 119 HOH HOH A . 
D 4 HOH 169 352 352 HOH HOH A . 
D 4 HOH 170 353 120 HOH HOH A . 
D 4 HOH 171 354 354 HOH HOH A . 
D 4 HOH 172 355 355 HOH HOH A . 
D 4 HOH 173 356 356 HOH HOH A . 
D 4 HOH 174 357 121 HOH HOH A . 
D 4 HOH 175 358 122 HOH HOH A . 
D 4 HOH 176 359 124 HOH HOH A . 
D 4 HOH 177 360 360 HOH HOH A . 
D 4 HOH 178 361 361 HOH HOH A . 
D 4 HOH 179 362 125 HOH HOH A . 
D 4 HOH 180 363 126 HOH HOH A . 
D 4 HOH 181 364 128 HOH HOH A . 
D 4 HOH 182 365 130 HOH HOH A . 
D 4 HOH 183 366 366 HOH HOH A . 
D 4 HOH 184 367 131 HOH HOH A . 
D 4 HOH 185 368 368 HOH HOH A . 
D 4 HOH 186 369 369 HOH HOH A . 
D 4 HOH 187 370 370 HOH HOH A . 
D 4 HOH 188 371 371 HOH HOH A . 
D 4 HOH 189 372 372 HOH HOH A . 
D 4 HOH 190 373 373 HOH HOH A . 
D 4 HOH 191 374 133 HOH HOH A . 
D 4 HOH 192 375 375 HOH HOH A . 
D 4 HOH 193 376 376 HOH HOH A . 
D 4 HOH 194 377 377 HOH HOH A . 
D 4 HOH 195 378 134 HOH HOH A . 
D 4 HOH 196 379 379 HOH HOH A . 
D 4 HOH 197 380 380 HOH HOH A . 
D 4 HOH 198 381 381 HOH HOH A . 
D 4 HOH 199 382 382 HOH HOH A . 
D 4 HOH 200 383 136 HOH HOH A . 
D 4 HOH 201 384 384 HOH HOH A . 
D 4 HOH 202 385 385 HOH HOH A . 
D 4 HOH 203 386 386 HOH HOH A . 
D 4 HOH 204 387 387 HOH HOH A . 
D 4 HOH 205 388 388 HOH HOH A . 
D 4 HOH 206 389 389 HOH HOH A . 
D 4 HOH 207 390 390 HOH HOH A . 
D 4 HOH 208 391 137 HOH HOH A . 
D 4 HOH 209 392 138 HOH HOH A . 
D 4 HOH 210 393 393 HOH HOH A . 
D 4 HOH 211 394 394 HOH HOH A . 
D 4 HOH 212 395 139 HOH HOH A . 
D 4 HOH 213 396 396 HOH HOH A . 
D 4 HOH 214 397 397 HOH HOH A . 
D 4 HOH 215 398 142 HOH HOH A . 
D 4 HOH 216 399 143 HOH HOH A . 
D 4 HOH 217 400 400 HOH HOH A . 
D 4 HOH 218 401 401 HOH HOH A . 
D 4 HOH 219 402 402 HOH HOH A . 
D 4 HOH 220 403 403 HOH HOH A . 
D 4 HOH 221 404 404 HOH HOH A . 
D 4 HOH 222 405 405 HOH HOH A . 
D 4 HOH 223 406 406 HOH HOH A . 
D 4 HOH 224 407 407 HOH HOH A . 
D 4 HOH 225 408 408 HOH HOH A . 
D 4 HOH 226 409 409 HOH HOH A . 
D 4 HOH 227 410 410 HOH HOH A . 
D 4 HOH 228 411 411 HOH HOH A . 
D 4 HOH 229 412 412 HOH HOH A . 
D 4 HOH 230 413 144 HOH HOH A . 
D 4 HOH 231 414 145 HOH HOH A . 
D 4 HOH 232 415 147 HOH HOH A . 
D 4 HOH 233 416 416 HOH HOH A . 
D 4 HOH 234 417 417 HOH HOH A . 
D 4 HOH 235 418 418 HOH HOH A . 
D 4 HOH 236 419 148 HOH HOH A . 
D 4 HOH 237 420 152 HOH HOH A . 
D 4 HOH 238 421 153 HOH HOH A . 
D 4 HOH 239 422 422 HOH HOH A . 
D 4 HOH 240 423 423 HOH HOH A . 
D 4 HOH 241 424 424 HOH HOH A . 
D 4 HOH 242 425 425 HOH HOH A . 
D 4 HOH 243 426 426 HOH HOH A . 
D 4 HOH 244 427 427 HOH HOH A . 
D 4 HOH 245 428 428 HOH HOH A . 
D 4 HOH 246 429 429 HOH HOH A . 
D 4 HOH 247 430 430 HOH HOH A . 
D 4 HOH 248 431 431 HOH HOH A . 
D 4 HOH 249 432 432 HOH HOH A . 
D 4 HOH 250 433 154 HOH HOH A . 
D 4 HOH 251 434 157 HOH HOH A . 
D 4 HOH 252 435 435 HOH HOH A . 
D 4 HOH 253 436 158 HOH HOH A . 
D 4 HOH 254 437 161 HOH HOH A . 
D 4 HOH 255 438 162 HOH HOH A . 
D 4 HOH 256 439 439 HOH HOH A . 
D 4 HOH 257 440 440 HOH HOH A . 
D 4 HOH 258 441 441 HOH HOH A . 
D 4 HOH 259 442 163 HOH HOH A . 
D 4 HOH 260 443 164 HOH HOH A . 
D 4 HOH 261 444 167 HOH HOH A . 
D 4 HOH 262 445 169 HOH HOH A . 
D 4 HOH 263 446 446 HOH HOH A . 
D 4 HOH 264 447 170 HOH HOH A . 
D 4 HOH 265 448 171 HOH HOH A . 
D 4 HOH 266 449 449 HOH HOH A . 
D 4 HOH 267 450 450 HOH HOH A . 
D 4 HOH 268 451 451 HOH HOH A . 
D 4 HOH 269 452 452 HOH HOH A . 
D 4 HOH 270 453 172 HOH HOH A . 
D 4 HOH 271 454 454 HOH HOH A . 
D 4 HOH 272 455 455 HOH HOH A . 
D 4 HOH 273 456 456 HOH HOH A . 
D 4 HOH 274 457 457 HOH HOH A . 
D 4 HOH 275 458 458 HOH HOH A . 
D 4 HOH 276 459 459 HOH HOH A . 
D 4 HOH 277 460 175 HOH HOH A . 
D 4 HOH 278 461 176 HOH HOH A . 
D 4 HOH 279 462 462 HOH HOH A . 
D 4 HOH 280 463 177 HOH HOH A . 
D 4 HOH 281 464 180 HOH HOH A . 
D 4 HOH 282 465 465 HOH HOH A . 
D 4 HOH 283 466 466 HOH HOH A . 
D 4 HOH 284 467 467 HOH HOH A . 
D 4 HOH 285 468 468 HOH HOH A . 
D 4 HOH 286 469 469 HOH HOH A . 
D 4 HOH 287 470 470 HOH HOH A . 
D 4 HOH 288 471 181 HOH HOH A . 
D 4 HOH 289 472 182 HOH HOH A . 
D 4 HOH 290 473 473 HOH HOH A . 
D 4 HOH 291 474 474 HOH HOH A . 
D 4 HOH 292 475 475 HOH HOH A . 
D 4 HOH 293 476 476 HOH HOH A . 
D 4 HOH 294 477 183 HOH HOH A . 
D 4 HOH 295 478 184 HOH HOH A . 
D 4 HOH 296 479 479 HOH HOH A . 
D 4 HOH 297 480 186 HOH HOH A . 
D 4 HOH 298 481 481 HOH HOH A . 
D 4 HOH 299 482 187 HOH HOH A . 
D 4 HOH 300 483 188 HOH HOH A . 
D 4 HOH 301 484 484 HOH HOH A . 
D 4 HOH 302 485 485 HOH HOH A . 
D 4 HOH 303 486 486 HOH HOH A . 
D 4 HOH 304 487 487 HOH HOH A . 
D 4 HOH 305 488 488 HOH HOH A . 
D 4 HOH 306 489 489 HOH HOH A . 
D 4 HOH 307 490 490 HOH HOH A . 
D 4 HOH 308 491 491 HOH HOH A . 
D 4 HOH 309 492 189 HOH HOH A . 
D 4 HOH 310 493 493 HOH HOH A . 
D 4 HOH 311 494 190 HOH HOH A . 
D 4 HOH 312 495 495 HOH HOH A . 
D 4 HOH 313 496 191 HOH HOH A . 
D 4 HOH 314 497 497 HOH HOH A . 
D 4 HOH 315 498 498 HOH HOH A . 
D 4 HOH 316 499 499 HOH HOH A . 
D 4 HOH 317 500 500 HOH HOH A . 
D 4 HOH 318 501 501 HOH HOH A . 
D 4 HOH 319 502 502 HOH HOH A . 
D 4 HOH 320 503 503 HOH HOH A . 
D 4 HOH 321 504 504 HOH HOH A . 
D 4 HOH 322 505 505 HOH HOH A . 
D 4 HOH 323 506 506 HOH HOH A . 
D 4 HOH 324 507 507 HOH HOH A . 
D 4 HOH 325 508 508 HOH HOH A . 
D 4 HOH 326 509 509 HOH HOH A . 
D 4 HOH 327 510 510 HOH HOH A . 
D 4 HOH 328 511 511 HOH HOH A . 
D 4 HOH 329 512 512 HOH HOH A . 
D 4 HOH 330 513 513 HOH HOH A . 
D 4 HOH 331 514 514 HOH HOH A . 
D 4 HOH 332 515 515 HOH HOH A . 
D 4 HOH 333 516 516 HOH HOH A . 
D 4 HOH 334 517 517 HOH HOH A . 
D 4 HOH 335 518 518 HOH HOH A . 
D 4 HOH 336 519 519 HOH HOH A . 
D 4 HOH 337 520 520 HOH HOH A . 
D 4 HOH 338 521 521 HOH HOH A . 
D 4 HOH 339 522 522 HOH HOH A . 
D 4 HOH 340 523 523 HOH HOH A . 
D 4 HOH 341 524 524 HOH HOH A . 
D 4 HOH 342 525 525 HOH HOH A . 
D 4 HOH 343 526 526 HOH HOH A . 
D 4 HOH 344 527 527 HOH HOH A . 
D 4 HOH 345 528 528 HOH HOH A . 
D 4 HOH 346 529 529 HOH HOH A . 
D 4 HOH 347 530 195 HOH HOH A . 
D 4 HOH 348 531 196 HOH HOH A . 
D 4 HOH 349 532 197 HOH HOH A . 
D 4 HOH 350 533 198 HOH HOH A . 
D 4 HOH 351 534 201 HOH HOH A . 
D 4 HOH 352 535 202 HOH HOH A . 
D 4 HOH 353 536 203 HOH HOH A . 
D 4 HOH 354 537 205 HOH HOH A . 
D 4 HOH 355 538 206 HOH HOH A . 
D 4 HOH 356 539 207 HOH HOH A . 
# 
_pdbx_struct_assembly.id                   1 
_pdbx_struct_assembly.details              author_and_software_defined_assembly 
_pdbx_struct_assembly.method_details       PISA 
_pdbx_struct_assembly.oligomeric_details   monomeric 
_pdbx_struct_assembly.oligomeric_count     1 
# 
_pdbx_struct_assembly_gen.assembly_id       1 
_pdbx_struct_assembly_gen.oper_expression   1 
_pdbx_struct_assembly_gen.asym_id_list      A,B,C,D 
# 
_pdbx_struct_oper_list.id                   1 
_pdbx_struct_oper_list.type                 'identity operation' 
_pdbx_struct_oper_list.name                 1_555 
_pdbx_struct_oper_list.symmetry_operation   x,y,z 
_pdbx_struct_oper_list.matrix[1][1]         1.0000000000 
_pdbx_struct_oper_list.matrix[1][2]         0.0000000000 
_pdbx_struct_oper_list.matrix[1][3]         0.0000000000 
_pdbx_struct_oper_list.vector[1]            0.0000000000 
_pdbx_struct_oper_list.matrix[2][1]         0.0000000000 
_pdbx_struct_oper_list.matrix[2][2]         1.0000000000 
_pdbx_struct_oper_list.matrix[2][3]         0.0000000000 
_pdbx_struct_oper_list.vector[2]            0.0000000000 
_pdbx_struct_oper_list.matrix[3][1]         0.0000000000 
_pdbx_struct_oper_list.matrix[3][2]         0.0000000000 
_pdbx_struct_oper_list.matrix[3][3]         1.0000000000 
_pdbx_struct_oper_list.vector[3]            0.0000000000 
# 
loop_
_pdbx_struct_special_symmetry.id 
_pdbx_struct_special_symmetry.PDB_model_num 
_pdbx_struct_special_symmetry.auth_asym_id 
_pdbx_struct_special_symmetry.auth_comp_id 
_pdbx_struct_special_symmetry.auth_seq_id 
_pdbx_struct_special_symmetry.PDB_ins_code 
_pdbx_struct_special_symmetry.label_asym_id 
_pdbx_struct_special_symmetry.label_comp_id 
_pdbx_struct_special_symmetry.label_seq_id 
1 1 A HOH 403 ? D HOH . 
2 1 A HOH 513 ? D HOH . 
# 
loop_
_pdbx_audit_revision_history.ordinal 
_pdbx_audit_revision_history.data_content_type 
_pdbx_audit_revision_history.major_revision 
_pdbx_audit_revision_history.minor_revision 
_pdbx_audit_revision_history.revision_date 
1 'Structure model' 1 0 2012-03-21 
2 'Structure model' 1 1 2016-10-19 
3 'Structure model' 1 2 2023-09-13 
# 
_pdbx_audit_revision_details.ordinal             1 
_pdbx_audit_revision_details.revision_ordinal    1 
_pdbx_audit_revision_details.data_content_type   'Structure model' 
_pdbx_audit_revision_details.provider            repository 
_pdbx_audit_revision_details.type                'Initial release' 
_pdbx_audit_revision_details.description         ? 
_pdbx_audit_revision_details.details             ? 
# 
loop_
_pdbx_audit_revision_group.ordinal 
_pdbx_audit_revision_group.revision_ordinal 
_pdbx_audit_revision_group.data_content_type 
_pdbx_audit_revision_group.group 
1 2 'Structure model' 'Database references'    
2 3 'Structure model' 'Data collection'        
3 3 'Structure model' 'Database references'    
4 3 'Structure model' 'Derived calculations'   
5 3 'Structure model' 'Refinement description' 
# 
loop_
_pdbx_audit_revision_category.ordinal 
_pdbx_audit_revision_category.revision_ordinal 
_pdbx_audit_revision_category.data_content_type 
_pdbx_audit_revision_category.category 
1 3 'Structure model' chem_comp_atom                
2 3 'Structure model' chem_comp_bond                
3 3 'Structure model' database_2                    
4 3 'Structure model' pdbx_initial_refinement_model 
5 3 'Structure model' struct_ref_seq_dif            
6 3 'Structure model' struct_site                   
# 
loop_
_pdbx_audit_revision_item.ordinal 
_pdbx_audit_revision_item.revision_ordinal 
_pdbx_audit_revision_item.data_content_type 
_pdbx_audit_revision_item.item 
1 3 'Structure model' '_database_2.pdbx_DOI'                
2 3 'Structure model' '_database_2.pdbx_database_accession' 
3 3 'Structure model' '_struct_ref_seq_dif.details'         
4 3 'Structure model' '_struct_site.pdbx_auth_asym_id'      
5 3 'Structure model' '_struct_site.pdbx_auth_comp_id'      
6 3 'Structure model' '_struct_site.pdbx_auth_seq_id'       
# 
loop_
_software.name 
_software.classification 
_software.version 
_software.citation_id 
_software.pdbx_ordinal 
MAR345dtb 'data collection' .        ? 1 
X-PLOR    'model building'  .        ? 2 
REFMAC    refinement        5.4.0062 ? 3 
MOSFLM    'data reduction'  .        ? 4 
SCALA     'data scaling'    .        ? 5 
X-PLOR    phasing           .        ? 6 
# 
loop_
_pdbx_validate_torsion.id 
_pdbx_validate_torsion.PDB_model_num 
_pdbx_validate_torsion.auth_comp_id 
_pdbx_validate_torsion.auth_asym_id 
_pdbx_validate_torsion.auth_seq_id 
_pdbx_validate_torsion.PDB_ins_code 
_pdbx_validate_torsion.label_alt_id 
_pdbx_validate_torsion.phi 
_pdbx_validate_torsion.psi 
1 1 PHE A 102 ? ? -142.10 -78.19 
2 1 THR A 161 ? ? -112.98 64.70  
# 
loop_
_pdbx_unobs_or_zero_occ_residues.id 
_pdbx_unobs_or_zero_occ_residues.PDB_model_num 
_pdbx_unobs_or_zero_occ_residues.polymer_flag 
_pdbx_unobs_or_zero_occ_residues.occupancy_flag 
_pdbx_unobs_or_zero_occ_residues.auth_asym_id 
_pdbx_unobs_or_zero_occ_residues.auth_comp_id 
_pdbx_unobs_or_zero_occ_residues.auth_seq_id 
_pdbx_unobs_or_zero_occ_residues.PDB_ins_code 
_pdbx_unobs_or_zero_occ_residues.label_asym_id 
_pdbx_unobs_or_zero_occ_residues.label_comp_id 
_pdbx_unobs_or_zero_occ_residues.label_seq_id 
1 1 Y 1 A MET 42 ? A MET 1 
2 1 Y 1 A SER 43 ? A SER 2 
# 
loop_
_chem_comp_atom.comp_id 
_chem_comp_atom.atom_id 
_chem_comp_atom.type_symbol 
_chem_comp_atom.pdbx_aromatic_flag 
_chem_comp_atom.pdbx_stereo_config 
_chem_comp_atom.pdbx_ordinal 
5AO NAA  N N N 1   
5AO CAB  C Y N 2   
5AO CAC  C Y N 3   
5AO CAD  C Y N 4   
5AO CAE  C Y N 5   
5AO CAF  C Y N 6   
5AO CAG  C Y N 7   
5AO NAH  N Y N 8   
5AO OAI  O Y N 9   
5AO CAJ  C Y N 10  
5AO CAK  C Y N 11  
5AO CAL  C Y N 12  
5AO HNAA H N N 13  
5AO HNAB H N N 14  
5AO HAB  H N N 15  
5AO HAC  H N N 16  
5AO HAD  H N N 17  
5AO HAE  H N N 18  
5AO HAF  H N N 19  
5AO HAG  H N N 20  
ALA N    N N N 21  
ALA CA   C N S 22  
ALA C    C N N 23  
ALA O    O N N 24  
ALA CB   C N N 25  
ALA OXT  O N N 26  
ALA H    H N N 27  
ALA H2   H N N 28  
ALA HA   H N N 29  
ALA HB1  H N N 30  
ALA HB2  H N N 31  
ALA HB3  H N N 32  
ALA HXT  H N N 33  
ARG N    N N N 34  
ARG CA   C N S 35  
ARG C    C N N 36  
ARG O    O N N 37  
ARG CB   C N N 38  
ARG CG   C N N 39  
ARG CD   C N N 40  
ARG NE   N N N 41  
ARG CZ   C N N 42  
ARG NH1  N N N 43  
ARG NH2  N N N 44  
ARG OXT  O N N 45  
ARG H    H N N 46  
ARG H2   H N N 47  
ARG HA   H N N 48  
ARG HB2  H N N 49  
ARG HB3  H N N 50  
ARG HG2  H N N 51  
ARG HG3  H N N 52  
ARG HD2  H N N 53  
ARG HD3  H N N 54  
ARG HE   H N N 55  
ARG HH11 H N N 56  
ARG HH12 H N N 57  
ARG HH21 H N N 58  
ARG HH22 H N N 59  
ARG HXT  H N N 60  
ASN N    N N N 61  
ASN CA   C N S 62  
ASN C    C N N 63  
ASN O    O N N 64  
ASN CB   C N N 65  
ASN CG   C N N 66  
ASN OD1  O N N 67  
ASN ND2  N N N 68  
ASN OXT  O N N 69  
ASN H    H N N 70  
ASN H2   H N N 71  
ASN HA   H N N 72  
ASN HB2  H N N 73  
ASN HB3  H N N 74  
ASN HD21 H N N 75  
ASN HD22 H N N 76  
ASN HXT  H N N 77  
ASP N    N N N 78  
ASP CA   C N S 79  
ASP C    C N N 80  
ASP O    O N N 81  
ASP CB   C N N 82  
ASP CG   C N N 83  
ASP OD1  O N N 84  
ASP OD2  O N N 85  
ASP OXT  O N N 86  
ASP H    H N N 87  
ASP H2   H N N 88  
ASP HA   H N N 89  
ASP HB2  H N N 90  
ASP HB3  H N N 91  
ASP HD2  H N N 92  
ASP HXT  H N N 93  
CYS N    N N N 94  
CYS CA   C N R 95  
CYS C    C N N 96  
CYS O    O N N 97  
CYS CB   C N N 98  
CYS SG   S N N 99  
CYS OXT  O N N 100 
CYS H    H N N 101 
CYS H2   H N N 102 
CYS HA   H N N 103 
CYS HB2  H N N 104 
CYS HB3  H N N 105 
CYS HG   H N N 106 
CYS HXT  H N N 107 
GLN N    N N N 108 
GLN CA   C N S 109 
GLN C    C N N 110 
GLN O    O N N 111 
GLN CB   C N N 112 
GLN CG   C N N 113 
GLN CD   C N N 114 
GLN OE1  O N N 115 
GLN NE2  N N N 116 
GLN OXT  O N N 117 
GLN H    H N N 118 
GLN H2   H N N 119 
GLN HA   H N N 120 
GLN HB2  H N N 121 
GLN HB3  H N N 122 
GLN HG2  H N N 123 
GLN HG3  H N N 124 
GLN HE21 H N N 125 
GLN HE22 H N N 126 
GLN HXT  H N N 127 
GLU N    N N N 128 
GLU CA   C N S 129 
GLU C    C N N 130 
GLU O    O N N 131 
GLU CB   C N N 132 
GLU CG   C N N 133 
GLU CD   C N N 134 
GLU OE1  O N N 135 
GLU OE2  O N N 136 
GLU OXT  O N N 137 
GLU H    H N N 138 
GLU H2   H N N 139 
GLU HA   H N N 140 
GLU HB2  H N N 141 
GLU HB3  H N N 142 
GLU HG2  H N N 143 
GLU HG3  H N N 144 
GLU HE2  H N N 145 
GLU HXT  H N N 146 
GLY N    N N N 147 
GLY CA   C N N 148 
GLY C    C N N 149 
GLY O    O N N 150 
GLY OXT  O N N 151 
GLY H    H N N 152 
GLY H2   H N N 153 
GLY HA2  H N N 154 
GLY HA3  H N N 155 
GLY HXT  H N N 156 
HIS N    N N N 157 
HIS CA   C N S 158 
HIS C    C N N 159 
HIS O    O N N 160 
HIS CB   C N N 161 
HIS CG   C Y N 162 
HIS ND1  N Y N 163 
HIS CD2  C Y N 164 
HIS CE1  C Y N 165 
HIS NE2  N Y N 166 
HIS OXT  O N N 167 
HIS H    H N N 168 
HIS H2   H N N 169 
HIS HA   H N N 170 
HIS HB2  H N N 171 
HIS HB3  H N N 172 
HIS HD1  H N N 173 
HIS HD2  H N N 174 
HIS HE1  H N N 175 
HIS HE2  H N N 176 
HIS HXT  H N N 177 
HOH O    O N N 178 
HOH H1   H N N 179 
HOH H2   H N N 180 
ILE N    N N N 181 
ILE CA   C N S 182 
ILE C    C N N 183 
ILE O    O N N 184 
ILE CB   C N S 185 
ILE CG1  C N N 186 
ILE CG2  C N N 187 
ILE CD1  C N N 188 
ILE OXT  O N N 189 
ILE H    H N N 190 
ILE H2   H N N 191 
ILE HA   H N N 192 
ILE HB   H N N 193 
ILE HG12 H N N 194 
ILE HG13 H N N 195 
ILE HG21 H N N 196 
ILE HG22 H N N 197 
ILE HG23 H N N 198 
ILE HD11 H N N 199 
ILE HD12 H N N 200 
ILE HD13 H N N 201 
ILE HXT  H N N 202 
LEU N    N N N 203 
LEU CA   C N S 204 
LEU C    C N N 205 
LEU O    O N N 206 
LEU CB   C N N 207 
LEU CG   C N N 208 
LEU CD1  C N N 209 
LEU CD2  C N N 210 
LEU OXT  O N N 211 
LEU H    H N N 212 
LEU H2   H N N 213 
LEU HA   H N N 214 
LEU HB2  H N N 215 
LEU HB3  H N N 216 
LEU HG   H N N 217 
LEU HD11 H N N 218 
LEU HD12 H N N 219 
LEU HD13 H N N 220 
LEU HD21 H N N 221 
LEU HD22 H N N 222 
LEU HD23 H N N 223 
LEU HXT  H N N 224 
LYS N    N N N 225 
LYS CA   C N S 226 
LYS C    C N N 227 
LYS O    O N N 228 
LYS CB   C N N 229 
LYS CG   C N N 230 
LYS CD   C N N 231 
LYS CE   C N N 232 
LYS NZ   N N N 233 
LYS OXT  O N N 234 
LYS H    H N N 235 
LYS H2   H N N 236 
LYS HA   H N N 237 
LYS HB2  H N N 238 
LYS HB3  H N N 239 
LYS HG2  H N N 240 
LYS HG3  H N N 241 
LYS HD2  H N N 242 
LYS HD3  H N N 243 
LYS HE2  H N N 244 
LYS HE3  H N N 245 
LYS HZ1  H N N 246 
LYS HZ2  H N N 247 
LYS HZ3  H N N 248 
LYS HXT  H N N 249 
MET N    N N N 250 
MET CA   C N S 251 
MET C    C N N 252 
MET O    O N N 253 
MET CB   C N N 254 
MET CG   C N N 255 
MET SD   S N N 256 
MET CE   C N N 257 
MET OXT  O N N 258 
MET H    H N N 259 
MET H2   H N N 260 
MET HA   H N N 261 
MET HB2  H N N 262 
MET HB3  H N N 263 
MET HG2  H N N 264 
MET HG3  H N N 265 
MET HE1  H N N 266 
MET HE2  H N N 267 
MET HE3  H N N 268 
MET HXT  H N N 269 
P4C O1   O N N 270 
P4C C2   C N N 271 
P4C C3   C N N 272 
P4C O4   O N N 273 
P4C C5   C N N 274 
P4C C6   C N N 275 
P4C O7   O N N 276 
P4C C8   C N N 277 
P4C C9   C N N 278 
P4C O10  O N N 279 
P4C C11  C N N 280 
P4C C12  C N N 281 
P4C O13  O N N 282 
P4C C14  C N N 283 
P4C C15  C N N 284 
P4C O16  O N N 285 
P4C C17  C N N 286 
P4C C18  C N N 287 
P4C O19  O N N 288 
P4C C20  C N N 289 
P4C C21  C N N 290 
P4C O22  O N N 291 
P4C HO1  H N N 292 
P4C H21A H N N 293 
P4C H22  H N N 294 
P4C H31  H N N 295 
P4C H32  H N N 296 
P4C H51  H N N 297 
P4C H52  H N N 298 
P4C H61  H N N 299 
P4C H62  H N N 300 
P4C H81  H N N 301 
P4C H82  H N N 302 
P4C H91  H N N 303 
P4C H92  H N N 304 
P4C H111 H N N 305 
P4C H112 H N N 306 
P4C H121 H N N 307 
P4C H122 H N N 308 
P4C H141 H N N 309 
P4C H142 H N N 310 
P4C H151 H N N 311 
P4C H152 H N N 312 
P4C H171 H N N 313 
P4C H172 H N N 314 
P4C H181 H N N 315 
P4C H182 H N N 316 
P4C H201 H N N 317 
P4C H202 H N N 318 
P4C H21  H N N 319 
PHE N    N N N 320 
PHE CA   C N S 321 
PHE C    C N N 322 
PHE O    O N N 323 
PHE CB   C N N 324 
PHE CG   C Y N 325 
PHE CD1  C Y N 326 
PHE CD2  C Y N 327 
PHE CE1  C Y N 328 
PHE CE2  C Y N 329 
PHE CZ   C Y N 330 
PHE OXT  O N N 331 
PHE H    H N N 332 
PHE H2   H N N 333 
PHE HA   H N N 334 
PHE HB2  H N N 335 
PHE HB3  H N N 336 
PHE HD1  H N N 337 
PHE HD2  H N N 338 
PHE HE1  H N N 339 
PHE HE2  H N N 340 
PHE HZ   H N N 341 
PHE HXT  H N N 342 
PRO N    N N N 343 
PRO CA   C N S 344 
PRO C    C N N 345 
PRO O    O N N 346 
PRO CB   C N N 347 
PRO CG   C N N 348 
PRO CD   C N N 349 
PRO OXT  O N N 350 
PRO H    H N N 351 
PRO HA   H N N 352 
PRO HB2  H N N 353 
PRO HB3  H N N 354 
PRO HG2  H N N 355 
PRO HG3  H N N 356 
PRO HD2  H N N 357 
PRO HD3  H N N 358 
PRO HXT  H N N 359 
SER N    N N N 360 
SER CA   C N S 361 
SER C    C N N 362 
SER O    O N N 363 
SER CB   C N N 364 
SER OG   O N N 365 
SER OXT  O N N 366 
SER H    H N N 367 
SER H2   H N N 368 
SER HA   H N N 369 
SER HB2  H N N 370 
SER HB3  H N N 371 
SER HG   H N N 372 
SER HXT  H N N 373 
THR N    N N N 374 
THR CA   C N S 375 
THR C    C N N 376 
THR O    O N N 377 
THR CB   C N R 378 
THR OG1  O N N 379 
THR CG2  C N N 380 
THR OXT  O N N 381 
THR H    H N N 382 
THR H2   H N N 383 
THR HA   H N N 384 
THR HB   H N N 385 
THR HG1  H N N 386 
THR HG21 H N N 387 
THR HG22 H N N 388 
THR HG23 H N N 389 
THR HXT  H N N 390 
TRP N    N N N 391 
TRP CA   C N S 392 
TRP C    C N N 393 
TRP O    O N N 394 
TRP CB   C N N 395 
TRP CG   C Y N 396 
TRP CD1  C Y N 397 
TRP CD2  C Y N 398 
TRP NE1  N Y N 399 
TRP CE2  C Y N 400 
TRP CE3  C Y N 401 
TRP CZ2  C Y N 402 
TRP CZ3  C Y N 403 
TRP CH2  C Y N 404 
TRP OXT  O N N 405 
TRP H    H N N 406 
TRP H2   H N N 407 
TRP HA   H N N 408 
TRP HB2  H N N 409 
TRP HB3  H N N 410 
TRP HD1  H N N 411 
TRP HE1  H N N 412 
TRP HE3  H N N 413 
TRP HZ2  H N N 414 
TRP HZ3  H N N 415 
TRP HH2  H N N 416 
TRP HXT  H N N 417 
TYR N    N N N 418 
TYR CA   C N S 419 
TYR C    C N N 420 
TYR O    O N N 421 
TYR CB   C N N 422 
TYR CG   C Y N 423 
TYR CD1  C Y N 424 
TYR CD2  C Y N 425 
TYR CE1  C Y N 426 
TYR CE2  C Y N 427 
TYR CZ   C Y N 428 
TYR OH   O N N 429 
TYR OXT  O N N 430 
TYR H    H N N 431 
TYR H2   H N N 432 
TYR HA   H N N 433 
TYR HB2  H N N 434 
TYR HB3  H N N 435 
TYR HD1  H N N 436 
TYR HD2  H N N 437 
TYR HE1  H N N 438 
TYR HE2  H N N 439 
TYR HH   H N N 440 
TYR HXT  H N N 441 
VAL N    N N N 442 
VAL CA   C N S 443 
VAL C    C N N 444 
VAL O    O N N 445 
VAL CB   C N N 446 
VAL CG1  C N N 447 
VAL CG2  C N N 448 
VAL OXT  O N N 449 
VAL H    H N N 450 
VAL H2   H N N 451 
VAL HA   H N N 452 
VAL HB   H N N 453 
VAL HG11 H N N 454 
VAL HG12 H N N 455 
VAL HG13 H N N 456 
VAL HG21 H N N 457 
VAL HG22 H N N 458 
VAL HG23 H N N 459 
VAL HXT  H N N 460 
# 
loop_
_chem_comp_bond.comp_id 
_chem_comp_bond.atom_id_1 
_chem_comp_bond.atom_id_2 
_chem_comp_bond.value_order 
_chem_comp_bond.pdbx_aromatic_flag 
_chem_comp_bond.pdbx_stereo_config 
_chem_comp_bond.pdbx_ordinal 
5AO NAA CAJ  sing N N 1   
5AO CAB CAC  doub Y N 2   
5AO CAB CAD  sing Y N 3   
5AO CAC CAJ  sing Y N 4   
5AO CAD CAK  doub Y N 5   
5AO CAE NAH  doub Y N 6   
5AO CAE OAI  sing Y N 7   
5AO CAF NAH  sing Y N 8   
5AO CAF CAL  doub Y N 9   
5AO CAG CAJ  doub Y N 10  
5AO CAG CAK  sing Y N 11  
5AO OAI CAL  sing Y N 12  
5AO CAK CAL  sing Y N 13  
5AO NAA HNAA sing N N 14  
5AO NAA HNAB sing N N 15  
5AO CAB HAB  sing N N 16  
5AO CAC HAC  sing N N 17  
5AO CAD HAD  sing N N 18  
5AO CAE HAE  sing N N 19  
5AO CAF HAF  sing N N 20  
5AO CAG HAG  sing N N 21  
ALA N   CA   sing N N 22  
ALA N   H    sing N N 23  
ALA N   H2   sing N N 24  
ALA CA  C    sing N N 25  
ALA CA  CB   sing N N 26  
ALA CA  HA   sing N N 27  
ALA C   O    doub N N 28  
ALA C   OXT  sing N N 29  
ALA CB  HB1  sing N N 30  
ALA CB  HB2  sing N N 31  
ALA CB  HB3  sing N N 32  
ALA OXT HXT  sing N N 33  
ARG N   CA   sing N N 34  
ARG N   H    sing N N 35  
ARG N   H2   sing N N 36  
ARG CA  C    sing N N 37  
ARG CA  CB   sing N N 38  
ARG CA  HA   sing N N 39  
ARG C   O    doub N N 40  
ARG C   OXT  sing N N 41  
ARG CB  CG   sing N N 42  
ARG CB  HB2  sing N N 43  
ARG CB  HB3  sing N N 44  
ARG CG  CD   sing N N 45  
ARG CG  HG2  sing N N 46  
ARG CG  HG3  sing N N 47  
ARG CD  NE   sing N N 48  
ARG CD  HD2  sing N N 49  
ARG CD  HD3  sing N N 50  
ARG NE  CZ   sing N N 51  
ARG NE  HE   sing N N 52  
ARG CZ  NH1  sing N N 53  
ARG CZ  NH2  doub N N 54  
ARG NH1 HH11 sing N N 55  
ARG NH1 HH12 sing N N 56  
ARG NH2 HH21 sing N N 57  
ARG NH2 HH22 sing N N 58  
ARG OXT HXT  sing N N 59  
ASN N   CA   sing N N 60  
ASN N   H    sing N N 61  
ASN N   H2   sing N N 62  
ASN CA  C    sing N N 63  
ASN CA  CB   sing N N 64  
ASN CA  HA   sing N N 65  
ASN C   O    doub N N 66  
ASN C   OXT  sing N N 67  
ASN CB  CG   sing N N 68  
ASN CB  HB2  sing N N 69  
ASN CB  HB3  sing N N 70  
ASN CG  OD1  doub N N 71  
ASN CG  ND2  sing N N 72  
ASN ND2 HD21 sing N N 73  
ASN ND2 HD22 sing N N 74  
ASN OXT HXT  sing N N 75  
ASP N   CA   sing N N 76  
ASP N   H    sing N N 77  
ASP N   H2   sing N N 78  
ASP CA  C    sing N N 79  
ASP CA  CB   sing N N 80  
ASP CA  HA   sing N N 81  
ASP C   O    doub N N 82  
ASP C   OXT  sing N N 83  
ASP CB  CG   sing N N 84  
ASP CB  HB2  sing N N 85  
ASP CB  HB3  sing N N 86  
ASP CG  OD1  doub N N 87  
ASP CG  OD2  sing N N 88  
ASP OD2 HD2  sing N N 89  
ASP OXT HXT  sing N N 90  
CYS N   CA   sing N N 91  
CYS N   H    sing N N 92  
CYS N   H2   sing N N 93  
CYS CA  C    sing N N 94  
CYS CA  CB   sing N N 95  
CYS CA  HA   sing N N 96  
CYS C   O    doub N N 97  
CYS C   OXT  sing N N 98  
CYS CB  SG   sing N N 99  
CYS CB  HB2  sing N N 100 
CYS CB  HB3  sing N N 101 
CYS SG  HG   sing N N 102 
CYS OXT HXT  sing N N 103 
GLN N   CA   sing N N 104 
GLN N   H    sing N N 105 
GLN N   H2   sing N N 106 
GLN CA  C    sing N N 107 
GLN CA  CB   sing N N 108 
GLN CA  HA   sing N N 109 
GLN C   O    doub N N 110 
GLN C   OXT  sing N N 111 
GLN CB  CG   sing N N 112 
GLN CB  HB2  sing N N 113 
GLN CB  HB3  sing N N 114 
GLN CG  CD   sing N N 115 
GLN CG  HG2  sing N N 116 
GLN CG  HG3  sing N N 117 
GLN CD  OE1  doub N N 118 
GLN CD  NE2  sing N N 119 
GLN NE2 HE21 sing N N 120 
GLN NE2 HE22 sing N N 121 
GLN OXT HXT  sing N N 122 
GLU N   CA   sing N N 123 
GLU N   H    sing N N 124 
GLU N   H2   sing N N 125 
GLU CA  C    sing N N 126 
GLU CA  CB   sing N N 127 
GLU CA  HA   sing N N 128 
GLU C   O    doub N N 129 
GLU C   OXT  sing N N 130 
GLU CB  CG   sing N N 131 
GLU CB  HB2  sing N N 132 
GLU CB  HB3  sing N N 133 
GLU CG  CD   sing N N 134 
GLU CG  HG2  sing N N 135 
GLU CG  HG3  sing N N 136 
GLU CD  OE1  doub N N 137 
GLU CD  OE2  sing N N 138 
GLU OE2 HE2  sing N N 139 
GLU OXT HXT  sing N N 140 
GLY N   CA   sing N N 141 
GLY N   H    sing N N 142 
GLY N   H2   sing N N 143 
GLY CA  C    sing N N 144 
GLY CA  HA2  sing N N 145 
GLY CA  HA3  sing N N 146 
GLY C   O    doub N N 147 
GLY C   OXT  sing N N 148 
GLY OXT HXT  sing N N 149 
HIS N   CA   sing N N 150 
HIS N   H    sing N N 151 
HIS N   H2   sing N N 152 
HIS CA  C    sing N N 153 
HIS CA  CB   sing N N 154 
HIS CA  HA   sing N N 155 
HIS C   O    doub N N 156 
HIS C   OXT  sing N N 157 
HIS CB  CG   sing N N 158 
HIS CB  HB2  sing N N 159 
HIS CB  HB3  sing N N 160 
HIS CG  ND1  sing Y N 161 
HIS CG  CD2  doub Y N 162 
HIS ND1 CE1  doub Y N 163 
HIS ND1 HD1  sing N N 164 
HIS CD2 NE2  sing Y N 165 
HIS CD2 HD2  sing N N 166 
HIS CE1 NE2  sing Y N 167 
HIS CE1 HE1  sing N N 168 
HIS NE2 HE2  sing N N 169 
HIS OXT HXT  sing N N 170 
HOH O   H1   sing N N 171 
HOH O   H2   sing N N 172 
ILE N   CA   sing N N 173 
ILE N   H    sing N N 174 
ILE N   H2   sing N N 175 
ILE CA  C    sing N N 176 
ILE CA  CB   sing N N 177 
ILE CA  HA   sing N N 178 
ILE C   O    doub N N 179 
ILE C   OXT  sing N N 180 
ILE CB  CG1  sing N N 181 
ILE CB  CG2  sing N N 182 
ILE CB  HB   sing N N 183 
ILE CG1 CD1  sing N N 184 
ILE CG1 HG12 sing N N 185 
ILE CG1 HG13 sing N N 186 
ILE CG2 HG21 sing N N 187 
ILE CG2 HG22 sing N N 188 
ILE CG2 HG23 sing N N 189 
ILE CD1 HD11 sing N N 190 
ILE CD1 HD12 sing N N 191 
ILE CD1 HD13 sing N N 192 
ILE OXT HXT  sing N N 193 
LEU N   CA   sing N N 194 
LEU N   H    sing N N 195 
LEU N   H2   sing N N 196 
LEU CA  C    sing N N 197 
LEU CA  CB   sing N N 198 
LEU CA  HA   sing N N 199 
LEU C   O    doub N N 200 
LEU C   OXT  sing N N 201 
LEU CB  CG   sing N N 202 
LEU CB  HB2  sing N N 203 
LEU CB  HB3  sing N N 204 
LEU CG  CD1  sing N N 205 
LEU CG  CD2  sing N N 206 
LEU CG  HG   sing N N 207 
LEU CD1 HD11 sing N N 208 
LEU CD1 HD12 sing N N 209 
LEU CD1 HD13 sing N N 210 
LEU CD2 HD21 sing N N 211 
LEU CD2 HD22 sing N N 212 
LEU CD2 HD23 sing N N 213 
LEU OXT HXT  sing N N 214 
LYS N   CA   sing N N 215 
LYS N   H    sing N N 216 
LYS N   H2   sing N N 217 
LYS CA  C    sing N N 218 
LYS CA  CB   sing N N 219 
LYS CA  HA   sing N N 220 
LYS C   O    doub N N 221 
LYS C   OXT  sing N N 222 
LYS CB  CG   sing N N 223 
LYS CB  HB2  sing N N 224 
LYS CB  HB3  sing N N 225 
LYS CG  CD   sing N N 226 
LYS CG  HG2  sing N N 227 
LYS CG  HG3  sing N N 228 
LYS CD  CE   sing N N 229 
LYS CD  HD2  sing N N 230 
LYS CD  HD3  sing N N 231 
LYS CE  NZ   sing N N 232 
LYS CE  HE2  sing N N 233 
LYS CE  HE3  sing N N 234 
LYS NZ  HZ1  sing N N 235 
LYS NZ  HZ2  sing N N 236 
LYS NZ  HZ3  sing N N 237 
LYS OXT HXT  sing N N 238 
MET N   CA   sing N N 239 
MET N   H    sing N N 240 
MET N   H2   sing N N 241 
MET CA  C    sing N N 242 
MET CA  CB   sing N N 243 
MET CA  HA   sing N N 244 
MET C   O    doub N N 245 
MET C   OXT  sing N N 246 
MET CB  CG   sing N N 247 
MET CB  HB2  sing N N 248 
MET CB  HB3  sing N N 249 
MET CG  SD   sing N N 250 
MET CG  HG2  sing N N 251 
MET CG  HG3  sing N N 252 
MET SD  CE   sing N N 253 
MET CE  HE1  sing N N 254 
MET CE  HE2  sing N N 255 
MET CE  HE3  sing N N 256 
MET OXT HXT  sing N N 257 
P4C O1  C2   sing N N 258 
P4C O1  HO1  sing N N 259 
P4C C2  C3   sing N N 260 
P4C C2  H21A sing N N 261 
P4C C2  H22  sing N N 262 
P4C C3  O4   sing N N 263 
P4C C3  H31  sing N N 264 
P4C C3  H32  sing N N 265 
P4C O4  C5   sing N N 266 
P4C C5  C6   sing N N 267 
P4C C5  H51  sing N N 268 
P4C C5  H52  sing N N 269 
P4C C6  O7   sing N N 270 
P4C C6  H61  sing N N 271 
P4C C6  H62  sing N N 272 
P4C O7  C8   sing N N 273 
P4C C8  C9   sing N N 274 
P4C C8  H81  sing N N 275 
P4C C8  H82  sing N N 276 
P4C C9  O10  sing N N 277 
P4C C9  H91  sing N N 278 
P4C C9  H92  sing N N 279 
P4C O10 C11  sing N N 280 
P4C C11 C12  sing N N 281 
P4C C11 H111 sing N N 282 
P4C C11 H112 sing N N 283 
P4C C12 O13  sing N N 284 
P4C C12 H121 sing N N 285 
P4C C12 H122 sing N N 286 
P4C O13 C14  sing N N 287 
P4C C14 C15  sing N N 288 
P4C C14 H141 sing N N 289 
P4C C14 H142 sing N N 290 
P4C C15 O16  sing N N 291 
P4C C15 H151 sing N N 292 
P4C C15 H152 sing N N 293 
P4C O16 C17  sing N N 294 
P4C C17 C18  sing N N 295 
P4C C17 H171 sing N N 296 
P4C C17 H172 sing N N 297 
P4C C18 O19  sing N N 298 
P4C C18 H181 sing N N 299 
P4C C18 H182 sing N N 300 
P4C O19 C20  sing N N 301 
P4C C20 C21  sing N N 302 
P4C C20 H201 sing N N 303 
P4C C20 H202 sing N N 304 
P4C C21 O22  doub N N 305 
P4C C21 H21  sing N N 306 
PHE N   CA   sing N N 307 
PHE N   H    sing N N 308 
PHE N   H2   sing N N 309 
PHE CA  C    sing N N 310 
PHE CA  CB   sing N N 311 
PHE CA  HA   sing N N 312 
PHE C   O    doub N N 313 
PHE C   OXT  sing N N 314 
PHE CB  CG   sing N N 315 
PHE CB  HB2  sing N N 316 
PHE CB  HB3  sing N N 317 
PHE CG  CD1  doub Y N 318 
PHE CG  CD2  sing Y N 319 
PHE CD1 CE1  sing Y N 320 
PHE CD1 HD1  sing N N 321 
PHE CD2 CE2  doub Y N 322 
PHE CD2 HD2  sing N N 323 
PHE CE1 CZ   doub Y N 324 
PHE CE1 HE1  sing N N 325 
PHE CE2 CZ   sing Y N 326 
PHE CE2 HE2  sing N N 327 
PHE CZ  HZ   sing N N 328 
PHE OXT HXT  sing N N 329 
PRO N   CA   sing N N 330 
PRO N   CD   sing N N 331 
PRO N   H    sing N N 332 
PRO CA  C    sing N N 333 
PRO CA  CB   sing N N 334 
PRO CA  HA   sing N N 335 
PRO C   O    doub N N 336 
PRO C   OXT  sing N N 337 
PRO CB  CG   sing N N 338 
PRO CB  HB2  sing N N 339 
PRO CB  HB3  sing N N 340 
PRO CG  CD   sing N N 341 
PRO CG  HG2  sing N N 342 
PRO CG  HG3  sing N N 343 
PRO CD  HD2  sing N N 344 
PRO CD  HD3  sing N N 345 
PRO OXT HXT  sing N N 346 
SER N   CA   sing N N 347 
SER N   H    sing N N 348 
SER N   H2   sing N N 349 
SER CA  C    sing N N 350 
SER CA  CB   sing N N 351 
SER CA  HA   sing N N 352 
SER C   O    doub N N 353 
SER C   OXT  sing N N 354 
SER CB  OG   sing N N 355 
SER CB  HB2  sing N N 356 
SER CB  HB3  sing N N 357 
SER OG  HG   sing N N 358 
SER OXT HXT  sing N N 359 
THR N   CA   sing N N 360 
THR N   H    sing N N 361 
THR N   H2   sing N N 362 
THR CA  C    sing N N 363 
THR CA  CB   sing N N 364 
THR CA  HA   sing N N 365 
THR C   O    doub N N 366 
THR C   OXT  sing N N 367 
THR CB  OG1  sing N N 368 
THR CB  CG2  sing N N 369 
THR CB  HB   sing N N 370 
THR OG1 HG1  sing N N 371 
THR CG2 HG21 sing N N 372 
THR CG2 HG22 sing N N 373 
THR CG2 HG23 sing N N 374 
THR OXT HXT  sing N N 375 
TRP N   CA   sing N N 376 
TRP N   H    sing N N 377 
TRP N   H2   sing N N 378 
TRP CA  C    sing N N 379 
TRP CA  CB   sing N N 380 
TRP CA  HA   sing N N 381 
TRP C   O    doub N N 382 
TRP C   OXT  sing N N 383 
TRP CB  CG   sing N N 384 
TRP CB  HB2  sing N N 385 
TRP CB  HB3  sing N N 386 
TRP CG  CD1  doub Y N 387 
TRP CG  CD2  sing Y N 388 
TRP CD1 NE1  sing Y N 389 
TRP CD1 HD1  sing N N 390 
TRP CD2 CE2  doub Y N 391 
TRP CD2 CE3  sing Y N 392 
TRP NE1 CE2  sing Y N 393 
TRP NE1 HE1  sing N N 394 
TRP CE2 CZ2  sing Y N 395 
TRP CE3 CZ3  doub Y N 396 
TRP CE3 HE3  sing N N 397 
TRP CZ2 CH2  doub Y N 398 
TRP CZ2 HZ2  sing N N 399 
TRP CZ3 CH2  sing Y N 400 
TRP CZ3 HZ3  sing N N 401 
TRP CH2 HH2  sing N N 402 
TRP OXT HXT  sing N N 403 
TYR N   CA   sing N N 404 
TYR N   H    sing N N 405 
TYR N   H2   sing N N 406 
TYR CA  C    sing N N 407 
TYR CA  CB   sing N N 408 
TYR CA  HA   sing N N 409 
TYR C   O    doub N N 410 
TYR C   OXT  sing N N 411 
TYR CB  CG   sing N N 412 
TYR CB  HB2  sing N N 413 
TYR CB  HB3  sing N N 414 
TYR CG  CD1  doub Y N 415 
TYR CG  CD2  sing Y N 416 
TYR CD1 CE1  sing Y N 417 
TYR CD1 HD1  sing N N 418 
TYR CD2 CE2  doub Y N 419 
TYR CD2 HD2  sing N N 420 
TYR CE1 CZ   doub Y N 421 
TYR CE1 HE1  sing N N 422 
TYR CE2 CZ   sing Y N 423 
TYR CE2 HE2  sing N N 424 
TYR CZ  OH   sing N N 425 
TYR OH  HH   sing N N 426 
TYR OXT HXT  sing N N 427 
VAL N   CA   sing N N 428 
VAL N   H    sing N N 429 
VAL N   H2   sing N N 430 
VAL CA  C    sing N N 431 
VAL CA  CB   sing N N 432 
VAL CA  HA   sing N N 433 
VAL C   O    doub N N 434 
VAL C   OXT  sing N N 435 
VAL CB  CG1  sing N N 436 
VAL CB  CG2  sing N N 437 
VAL CB  HB   sing N N 438 
VAL CG1 HG11 sing N N 439 
VAL CG1 HG12 sing N N 440 
VAL CG1 HG13 sing N N 441 
VAL CG2 HG21 sing N N 442 
VAL CG2 HG22 sing N N 443 
VAL CG2 HG23 sing N N 444 
VAL OXT HXT  sing N N 445 
# 
loop_
_pdbx_entity_nonpoly.entity_id 
_pdbx_entity_nonpoly.name 
_pdbx_entity_nonpoly.comp_id 
2 '3-(1,3-oxazol-5-yl)aniline'          5AO 
3 'O-ACETALDEHYDYL-HEXAETHYLENE GLYCOL' P4C 
4 water                                 HOH 
# 
_pdbx_initial_refinement_model.id               1 
_pdbx_initial_refinement_model.entity_id_list   ? 
_pdbx_initial_refinement_model.type             'experimental model' 
_pdbx_initial_refinement_model.source_name      PDB 
_pdbx_initial_refinement_model.accession_code   2BIT 
_pdbx_initial_refinement_model.details          'PDB ENTRY 2BIT' 
# 
